data_4QJC
# 
_entry.id   4QJC 
# 
_audit_conform.dict_name       mmcif_pdbx.dic 
_audit_conform.dict_version    5.379 
_audit_conform.dict_location   http://mmcif.pdb.org/dictionaries/ascii/mmcif_pdbx.dic 
# 
loop_
_database_2.database_id 
_database_2.database_code 
_database_2.pdbx_database_accession 
_database_2.pdbx_DOI 
PDB   4QJC         pdb_00004qjc 10.2210/pdb4qjc/pdb 
RCSB  RCSB086127   ?            ?                   
WWPDB D_1000086127 ?            ?                   
# 
loop_
_pdbx_database_related.db_name 
_pdbx_database_related.db_id 
_pdbx_database_related.details 
_pdbx_database_related.content_type 
PDB 4IXE pcDHFR-26-NADPH unspecified 
PDB 4QJZ .               unspecified 
# 
_pdbx_database_status.status_code                     REL 
_pdbx_database_status.entry_id                        4QJC 
_pdbx_database_status.recvd_initial_deposition_date   2014-06-03 
_pdbx_database_status.deposit_site                    RCSB 
_pdbx_database_status.process_site                    RCSB 
_pdbx_database_status.status_code_sf                  REL 
_pdbx_database_status.status_code_mr                  ? 
_pdbx_database_status.SG_entry                        ? 
_pdbx_database_status.status_code_cs                  ? 
_pdbx_database_status.methods_development_category    ? 
_pdbx_database_status.pdb_format_compatible           Y 
_pdbx_database_status.status_code_nmr_data            ? 
# 
_audit_author.name           'Cody, V.' 
_audit_author.pdbx_ordinal   1 
# 
_citation.id                        primary 
_citation.title                     
;Structure-activity correlations for three pyrido[2,3-d]pyrimidine antifolates binding to human and Pneumocystis carinii dihydrofolate reductase.
;
_citation.journal_abbrev            'Acta Crystallogr F Struct Biol Commun' 
_citation.journal_volume            71 
_citation.page_first                799 
_citation.page_last                 803 
_citation.year                      2015 
_citation.journal_id_ASTM           ? 
_citation.country                   DK 
_citation.journal_id_ISSN           1744-3091 
_citation.journal_id_CSD            ? 
_citation.book_publisher            ? 
_citation.pdbx_database_id_PubMed   26057816 
_citation.pdbx_database_id_DOI      10.1107/S2053230X15008468 
# 
loop_
_citation_author.citation_id 
_citation_author.name 
_citation_author.ordinal 
_citation_author.identifier_ORCID 
primary 'Cody, V.'       1 ? 
primary 'Pace, J.'       2 ? 
primary 'Namjoshi, O.A.' 3 ? 
primary 'Gangjee, A.'    4 ? 
# 
_cell.entry_id           4QJC 
_cell.length_a           84.486 
_cell.length_b           84.486 
_cell.length_c           77.872 
_cell.angle_alpha        90.00 
_cell.angle_beta         90.00 
_cell.angle_gamma        120.00 
_cell.Z_PDB              9 
_cell.pdbx_unique_axis   ? 
_cell.length_a_esd       ? 
_cell.length_b_esd       ? 
_cell.length_c_esd       ? 
_cell.angle_alpha_esd    ? 
_cell.angle_beta_esd     ? 
_cell.angle_gamma_esd    ? 
# 
_symmetry.entry_id                         4QJC 
_symmetry.space_group_name_H-M             'H 3' 
_symmetry.pdbx_full_space_group_name_H-M   ? 
_symmetry.cell_setting                     ? 
_symmetry.Int_Tables_number                146 
_symmetry.space_group_name_Hall            ? 
# 
loop_
_entity.id 
_entity.type 
_entity.src_method 
_entity.pdbx_description 
_entity.formula_weight 
_entity.pdbx_number_of_molecules 
_entity.pdbx_ec 
_entity.pdbx_mutation 
_entity.pdbx_fragment 
_entity.details 
1 polymer     man 'Dihydrofolate reductase'                                                        21349.525 1   1.5.1.3 ? 
'human dihydrofolate reductase' ? 
2 non-polymer syn 'NADPH DIHYDRO-NICOTINAMIDE-ADENINE-DINUCLEOTIDE PHOSPHATE'                      745.421   1   ?       ? ? ? 
3 non-polymer syn 'N~6~-methyl-N~6~-(3,4,5-trifluorophenyl)pyrido[2,3-d]pyrimidine-2,4,6-triamine' 320.273   1   ?       ? ? ? 
4 water       nat water                                                                            18.015    105 ?       ? ? ? 
# 
_entity_poly.entity_id                      1 
_entity_poly.type                           'polypeptide(L)' 
_entity_poly.nstd_linkage                   no 
_entity_poly.nstd_monomer                   no 
_entity_poly.pdbx_seq_one_letter_code       
;VGSLNCIVAVSQNMGIGKNGDLPWPPLRNEFRYFQRMTTTSSVEGKQNLVIMGKKTWFSIPEKNRPLKGRINLVLSRELK
EPPQGAHFLSRSLDDALKLTEQPELANKVDMVWIVGGSSVYKEAMNHPGHLKLFVTRIMQDFESDTFFPEIDLEKYKLLP
EYPGVLSDVQEEKGIKYKFEVYEKND
;
_entity_poly.pdbx_seq_one_letter_code_can   
;VGSLNCIVAVSQNMGIGKNGDLPWPPLRNEFRYFQRMTTTSSVEGKQNLVIMGKKTWFSIPEKNRPLKGRINLVLSRELK
EPPQGAHFLSRSLDDALKLTEQPELANKVDMVWIVGGSSVYKEAMNHPGHLKLFVTRIMQDFESDTFFPEIDLEKYKLLP
EYPGVLSDVQEEKGIKYKFEVYEKND
;
_entity_poly.pdbx_strand_id                 A 
_entity_poly.pdbx_target_identifier         ? 
# 
loop_
_entity_poly_seq.entity_id 
_entity_poly_seq.num 
_entity_poly_seq.mon_id 
_entity_poly_seq.hetero 
1 1   VAL n 
1 2   GLY n 
1 3   SER n 
1 4   LEU n 
1 5   ASN n 
1 6   CYS n 
1 7   ILE n 
1 8   VAL n 
1 9   ALA n 
1 10  VAL n 
1 11  SER n 
1 12  GLN n 
1 13  ASN n 
1 14  MET n 
1 15  GLY n 
1 16  ILE n 
1 17  GLY n 
1 18  LYS n 
1 19  ASN n 
1 20  GLY n 
1 21  ASP n 
1 22  LEU n 
1 23  PRO n 
1 24  TRP n 
1 25  PRO n 
1 26  PRO n 
1 27  LEU n 
1 28  ARG n 
1 29  ASN n 
1 30  GLU n 
1 31  PHE n 
1 32  ARG n 
1 33  TYR n 
1 34  PHE n 
1 35  GLN n 
1 36  ARG n 
1 37  MET n 
1 38  THR n 
1 39  THR n 
1 40  THR n 
1 41  SER n 
1 42  SER n 
1 43  VAL n 
1 44  GLU n 
1 45  GLY n 
1 46  LYS n 
1 47  GLN n 
1 48  ASN n 
1 49  LEU n 
1 50  VAL n 
1 51  ILE n 
1 52  MET n 
1 53  GLY n 
1 54  LYS n 
1 55  LYS n 
1 56  THR n 
1 57  TRP n 
1 58  PHE n 
1 59  SER n 
1 60  ILE n 
1 61  PRO n 
1 62  GLU n 
1 63  LYS n 
1 64  ASN n 
1 65  ARG n 
1 66  PRO n 
1 67  LEU n 
1 68  LYS n 
1 69  GLY n 
1 70  ARG n 
1 71  ILE n 
1 72  ASN n 
1 73  LEU n 
1 74  VAL n 
1 75  LEU n 
1 76  SER n 
1 77  ARG n 
1 78  GLU n 
1 79  LEU n 
1 80  LYS n 
1 81  GLU n 
1 82  PRO n 
1 83  PRO n 
1 84  GLN n 
1 85  GLY n 
1 86  ALA n 
1 87  HIS n 
1 88  PHE n 
1 89  LEU n 
1 90  SER n 
1 91  ARG n 
1 92  SER n 
1 93  LEU n 
1 94  ASP n 
1 95  ASP n 
1 96  ALA n 
1 97  LEU n 
1 98  LYS n 
1 99  LEU n 
1 100 THR n 
1 101 GLU n 
1 102 GLN n 
1 103 PRO n 
1 104 GLU n 
1 105 LEU n 
1 106 ALA n 
1 107 ASN n 
1 108 LYS n 
1 109 VAL n 
1 110 ASP n 
1 111 MET n 
1 112 VAL n 
1 113 TRP n 
1 114 ILE n 
1 115 VAL n 
1 116 GLY n 
1 117 GLY n 
1 118 SER n 
1 119 SER n 
1 120 VAL n 
1 121 TYR n 
1 122 LYS n 
1 123 GLU n 
1 124 ALA n 
1 125 MET n 
1 126 ASN n 
1 127 HIS n 
1 128 PRO n 
1 129 GLY n 
1 130 HIS n 
1 131 LEU n 
1 132 LYS n 
1 133 LEU n 
1 134 PHE n 
1 135 VAL n 
1 136 THR n 
1 137 ARG n 
1 138 ILE n 
1 139 MET n 
1 140 GLN n 
1 141 ASP n 
1 142 PHE n 
1 143 GLU n 
1 144 SER n 
1 145 ASP n 
1 146 THR n 
1 147 PHE n 
1 148 PHE n 
1 149 PRO n 
1 150 GLU n 
1 151 ILE n 
1 152 ASP n 
1 153 LEU n 
1 154 GLU n 
1 155 LYS n 
1 156 TYR n 
1 157 LYS n 
1 158 LEU n 
1 159 LEU n 
1 160 PRO n 
1 161 GLU n 
1 162 TYR n 
1 163 PRO n 
1 164 GLY n 
1 165 VAL n 
1 166 LEU n 
1 167 SER n 
1 168 ASP n 
1 169 VAL n 
1 170 GLN n 
1 171 GLU n 
1 172 GLU n 
1 173 LYS n 
1 174 GLY n 
1 175 ILE n 
1 176 LYS n 
1 177 TYR n 
1 178 LYS n 
1 179 PHE n 
1 180 GLU n 
1 181 VAL n 
1 182 TYR n 
1 183 GLU n 
1 184 LYS n 
1 185 ASN n 
1 186 ASP n 
# 
_entity_src_gen.entity_id                          1 
_entity_src_gen.pdbx_src_id                        1 
_entity_src_gen.pdbx_alt_source_flag               sample 
_entity_src_gen.pdbx_seq_type                      ? 
_entity_src_gen.pdbx_beg_seq_num                   ? 
_entity_src_gen.pdbx_end_seq_num                   ? 
_entity_src_gen.gene_src_common_name               human 
_entity_src_gen.gene_src_genus                     ? 
_entity_src_gen.pdbx_gene_src_gene                 DHFR 
_entity_src_gen.gene_src_species                   ? 
_entity_src_gen.gene_src_strain                    ? 
_entity_src_gen.gene_src_tissue                    ? 
_entity_src_gen.gene_src_tissue_fraction           ? 
_entity_src_gen.gene_src_details                   ? 
_entity_src_gen.pdbx_gene_src_fragment             ? 
_entity_src_gen.pdbx_gene_src_scientific_name      'Homo sapiens' 
_entity_src_gen.pdbx_gene_src_ncbi_taxonomy_id     9606 
_entity_src_gen.pdbx_gene_src_variant              ? 
_entity_src_gen.pdbx_gene_src_cell_line            ? 
_entity_src_gen.pdbx_gene_src_atcc                 ? 
_entity_src_gen.pdbx_gene_src_organ                ? 
_entity_src_gen.pdbx_gene_src_organelle            ? 
_entity_src_gen.pdbx_gene_src_cell                 ? 
_entity_src_gen.pdbx_gene_src_cellular_location    ? 
_entity_src_gen.host_org_common_name               ? 
_entity_src_gen.pdbx_host_org_scientific_name      'Escherichia coli' 
_entity_src_gen.pdbx_host_org_ncbi_taxonomy_id     562 
_entity_src_gen.host_org_genus                     ? 
_entity_src_gen.pdbx_host_org_gene                 ? 
_entity_src_gen.pdbx_host_org_organ                ? 
_entity_src_gen.host_org_species                   ? 
_entity_src_gen.pdbx_host_org_tissue               ? 
_entity_src_gen.pdbx_host_org_tissue_fraction      ? 
_entity_src_gen.pdbx_host_org_strain               'pDS5(DE3)' 
_entity_src_gen.pdbx_host_org_variant              ? 
_entity_src_gen.pdbx_host_org_cell_line            ? 
_entity_src_gen.pdbx_host_org_atcc                 ? 
_entity_src_gen.pdbx_host_org_culture_collection   ? 
_entity_src_gen.pdbx_host_org_cell                 ? 
_entity_src_gen.pdbx_host_org_organelle            ? 
_entity_src_gen.pdbx_host_org_cellular_location    ? 
_entity_src_gen.pdbx_host_org_vector_type          plasmid 
_entity_src_gen.pdbx_host_org_vector               ? 
_entity_src_gen.host_org_details                   ? 
_entity_src_gen.expression_system_id               ? 
_entity_src_gen.plasmid_name                       pET-SUMO-hDHFR 
_entity_src_gen.plasmid_details                    ? 
_entity_src_gen.pdbx_description                   ? 
# 
_struct_ref.id                         1 
_struct_ref.db_name                    UNP 
_struct_ref.db_code                    DYR_HUMAN 
_struct_ref.pdbx_db_accession          P00374 
_struct_ref.entity_id                  1 
_struct_ref.pdbx_seq_one_letter_code   
;VGSLNCIVAVSQNMGIGKNGDLPWPPLRNEFRYFQRMTTTSSVEGKQNLVIMGKKTWFSIPEKNRPLKGRINLVLSRELK
EPPQGAHFLSRSLDDALKLTEQPELANKVDMVWIVGGSSVYKEAMNHPGHLKLFVTRIMQDFESDTFFPEIDLEKYKLLP
EYPGVLSDVQEEKGIKYKFEVYEKND
;
_struct_ref.pdbx_align_begin           2 
_struct_ref.pdbx_db_isoform            ? 
# 
_struct_ref_seq.align_id                      1 
_struct_ref_seq.ref_id                        1 
_struct_ref_seq.pdbx_PDB_id_code              4QJC 
_struct_ref_seq.pdbx_strand_id                A 
_struct_ref_seq.seq_align_beg                 1 
_struct_ref_seq.pdbx_seq_align_beg_ins_code   ? 
_struct_ref_seq.seq_align_end                 186 
_struct_ref_seq.pdbx_seq_align_end_ins_code   ? 
_struct_ref_seq.pdbx_db_accession             P00374 
_struct_ref_seq.db_align_beg                  2 
_struct_ref_seq.pdbx_db_align_beg_ins_code    ? 
_struct_ref_seq.db_align_end                  187 
_struct_ref_seq.pdbx_db_align_end_ins_code    ? 
_struct_ref_seq.pdbx_auth_seq_align_beg       1 
_struct_ref_seq.pdbx_auth_seq_align_end       186 
# 
loop_
_chem_comp.id 
_chem_comp.type 
_chem_comp.mon_nstd_flag 
_chem_comp.name 
_chem_comp.pdbx_synonyms 
_chem_comp.formula 
_chem_comp.formula_weight 
ALA 'L-peptide linking' y ALANINE                                                                          ? 'C3 H7 N O2'        
89.093  
ARG 'L-peptide linking' y ARGININE                                                                         ? 'C6 H15 N4 O2 1'    
175.209 
ASN 'L-peptide linking' y ASPARAGINE                                                                       ? 'C4 H8 N2 O3'       
132.118 
ASP 'L-peptide linking' y 'ASPARTIC ACID'                                                                  ? 'C4 H7 N O4'        
133.103 
CYS 'L-peptide linking' y CYSTEINE                                                                         ? 'C3 H7 N O2 S'      
121.158 
GLN 'L-peptide linking' y GLUTAMINE                                                                        ? 'C5 H10 N2 O3'      
146.144 
GLU 'L-peptide linking' y 'GLUTAMIC ACID'                                                                  ? 'C5 H9 N O4'        
147.129 
GLY 'peptide linking'   y GLYCINE                                                                          ? 'C2 H5 N O2'        
75.067  
HIS 'L-peptide linking' y HISTIDINE                                                                        ? 'C6 H10 N3 O2 1'    
156.162 
HOH non-polymer         . WATER                                                                            ? 'H2 O'              
18.015  
ILE 'L-peptide linking' y ISOLEUCINE                                                                       ? 'C6 H13 N O2'       
131.173 
IXE non-polymer         . 'N~6~-methyl-N~6~-(3,4,5-trifluorophenyl)pyrido[2,3-d]pyrimidine-2,4,6-triamine' ? 'C14 H11 F3 N6'     
320.273 
LEU 'L-peptide linking' y LEUCINE                                                                          ? 'C6 H13 N O2'       
131.173 
LYS 'L-peptide linking' y LYSINE                                                                           ? 'C6 H15 N2 O2 1'    
147.195 
MET 'L-peptide linking' y METHIONINE                                                                       ? 'C5 H11 N O2 S'     
149.211 
NDP non-polymer         . 'NADPH DIHYDRO-NICOTINAMIDE-ADENINE-DINUCLEOTIDE PHOSPHATE'                      ? 'C21 H30 N7 O17 P3' 
745.421 
PHE 'L-peptide linking' y PHENYLALANINE                                                                    ? 'C9 H11 N O2'       
165.189 
PRO 'L-peptide linking' y PROLINE                                                                          ? 'C5 H9 N O2'        
115.130 
SER 'L-peptide linking' y SERINE                                                                           ? 'C3 H7 N O3'        
105.093 
THR 'L-peptide linking' y THREONINE                                                                        ? 'C4 H9 N O3'        
119.119 
TRP 'L-peptide linking' y TRYPTOPHAN                                                                       ? 'C11 H12 N2 O2'     
204.225 
TYR 'L-peptide linking' y TYROSINE                                                                         ? 'C9 H11 N O3'       
181.189 
VAL 'L-peptide linking' y VALINE                                                                           ? 'C5 H11 N O2'       
117.146 
# 
_exptl.entry_id          4QJC 
_exptl.method            'X-RAY DIFFRACTION' 
_exptl.crystals_number   1 
# 
_exptl_crystal.id                    1 
_exptl_crystal.density_meas          ? 
_exptl_crystal.density_Matthews      2.51 
_exptl_crystal.density_percent_sol   50.90 
_exptl_crystal.description           ? 
_exptl_crystal.F_000                 ? 
_exptl_crystal.preparation           ? 
# 
_exptl_crystal_grow.crystal_id      1 
_exptl_crystal_grow.method          'VAPOR DIFFUSION, HANGING DROP' 
_exptl_crystal_grow.temp            287 
_exptl_crystal_grow.temp_details    ? 
_exptl_crystal_grow.pH              6.0 
_exptl_crystal_grow.pdbx_details    '30% AmSO4, 3% v/v ETOH, pH 6.0, VAPOR DIFFUSION, HANGING DROP, temperature 287K' 
_exptl_crystal_grow.pdbx_pH_range   ? 
# 
_diffrn.id                     1 
_diffrn.ambient_temp           113 
_diffrn.ambient_temp_details   ? 
_diffrn.crystal_id             1 
# 
_diffrn_detector.diffrn_id              1 
_diffrn_detector.detector               PIXEL 
_diffrn_detector.type                   'PSI PILATUS 6M' 
_diffrn_detector.pdbx_collection_date   2013-06-02 
_diffrn_detector.details                mirrors 
# 
_diffrn_radiation.diffrn_id                        1 
_diffrn_radiation.wavelength_id                    1 
_diffrn_radiation.pdbx_monochromatic_or_laue_m_l   M 
_diffrn_radiation.monochromator                    graphite 
_diffrn_radiation.pdbx_diffrn_protocol             'SINGLE WAVELENGTH' 
_diffrn_radiation.pdbx_scattering_type             x-ray 
# 
_diffrn_radiation_wavelength.id           1 
_diffrn_radiation_wavelength.wavelength   0.975 
_diffrn_radiation_wavelength.wt           1.0 
# 
_diffrn_source.diffrn_id                   1 
_diffrn_source.source                      SYNCHROTRON 
_diffrn_source.type                        'SSRL BEAMLINE BL11-1' 
_diffrn_source.pdbx_synchrotron_site       SSRL 
_diffrn_source.pdbx_synchrotron_beamline   BL11-1 
_diffrn_source.pdbx_wavelength             ? 
_diffrn_source.pdbx_wavelength_list        0.975 
# 
_reflns.entry_id                     4QJC 
_reflns.observed_criterion_sigma_I   2.0 
_reflns.observed_criterion_sigma_F   2.0 
_reflns.d_resolution_low             34.4 
_reflns.d_resolution_high            1.53 
_reflns.number_obs                   29910 
_reflns.number_all                   ? 
_reflns.percent_possible_obs         96.3 
_reflns.pdbx_Rmerge_I_obs            0.062 
_reflns.pdbx_Rsym_value              0.039 
_reflns.pdbx_netI_over_sigmaI        10.2 
_reflns.B_iso_Wilson_estimate        27.9 
_reflns.pdbx_redundancy              3.3 
_reflns.R_free_details               ? 
_reflns.limit_h_max                  ? 
_reflns.limit_h_min                  ? 
_reflns.limit_k_max                  ? 
_reflns.limit_k_min                  ? 
_reflns.limit_l_max                  ? 
_reflns.limit_l_min                  ? 
_reflns.observed_criterion_F_max     ? 
_reflns.observed_criterion_F_min     ? 
_reflns.pdbx_chi_squared             ? 
_reflns.pdbx_scaling_rejects         ? 
_reflns.pdbx_ordinal                 1 
_reflns.pdbx_diffrn_id               1 
# 
_reflns_shell.d_res_high             1.54 
_reflns_shell.d_res_low              1.62 
_reflns_shell.percent_possible_all   83.0 
_reflns_shell.Rmerge_I_obs           0.75 
_reflns_shell.pdbx_Rsym_value        0.92 
_reflns_shell.meanI_over_sigI_obs    1.2 
_reflns_shell.pdbx_redundancy        2.6 
_reflns_shell.percent_possible_obs   ? 
_reflns_shell.number_unique_all      3757 
_reflns_shell.number_measured_all    ? 
_reflns_shell.number_measured_obs    ? 
_reflns_shell.number_unique_obs      ? 
_reflns_shell.pdbx_chi_squared       ? 
_reflns_shell.pdbx_ordinal           1 
_reflns_shell.pdbx_diffrn_id         1 
# 
_refine.entry_id                                 4QJC 
_refine.ls_number_reflns_obs                     24614 
_refine.ls_number_reflns_all                     ? 
_refine.pdbx_ls_sigma_I                          2.0 
_refine.pdbx_ls_sigma_F                          0.0 
_refine.pdbx_data_cutoff_high_absF               ? 
_refine.pdbx_data_cutoff_low_absF                ? 
_refine.pdbx_data_cutoff_high_rms_absF           ? 
_refine.ls_d_res_low                             34.37 
_refine.ls_d_res_high                            1.62 
_refine.ls_percent_reflns_obs                    98.52 
_refine.ls_R_factor_obs                          0.18502 
_refine.ls_R_factor_all                          0.206 
_refine.ls_R_factor_R_work                       0.18328 
_refine.ls_R_factor_R_free                       0.21770 
_refine.ls_R_factor_R_free_error                 ? 
_refine.ls_R_factor_R_free_error_details         ? 
_refine.ls_percent_reflns_R_free                 5.1 
_refine.ls_number_reflns_R_free                  1319 
_refine.ls_number_parameters                     ? 
_refine.ls_number_restraints                     ? 
_refine.occupancy_min                            ? 
_refine.occupancy_max                            ? 
_refine.correlation_coeff_Fo_to_Fc               0.965 
_refine.correlation_coeff_Fo_to_Fc_free          0.955 
_refine.B_iso_mean                               23.247 
_refine.aniso_B[1][1]                            0.00 
_refine.aniso_B[2][2]                            0.00 
_refine.aniso_B[3][3]                            0.00 
_refine.aniso_B[1][2]                            0.00 
_refine.aniso_B[1][3]                            0.00 
_refine.aniso_B[2][3]                            0.00 
_refine.solvent_model_details                    MASK 
_refine.solvent_model_param_ksol                 ? 
_refine.solvent_model_param_bsol                 ? 
_refine.pdbx_solvent_vdw_probe_radii             1.20 
_refine.pdbx_solvent_ion_probe_radii             0.80 
_refine.pdbx_solvent_shrinkage_radii             0.80 
_refine.pdbx_ls_cross_valid_method               THROUGHOUT 
_refine.details                                  'HYDROGENS HAVE BEEN USED IF PRESENT IN THE INPUT' 
_refine.pdbx_starting_model                      1u72 
_refine.pdbx_method_to_determine_struct          'MOLECULAR REPLACEMENT' 
_refine.pdbx_isotropic_thermal_model             isotropic 
_refine.pdbx_stereochemistry_target_values       'MAXIMUM LIKELIHOOD' 
_refine.pdbx_stereochem_target_val_spec_case     ? 
_refine.pdbx_R_Free_selection_details            RANDOM 
_refine.pdbx_overall_ESU_R                       0.093 
_refine.pdbx_overall_ESU_R_Free                  0.094 
_refine.overall_SU_ML                            0.066 
_refine.pdbx_overall_phase_error                 ? 
_refine.overall_SU_B                             1.932 
_refine.overall_SU_R_Cruickshank_DPI             ? 
_refine.ls_redundancy_reflns_obs                 ? 
_refine.B_iso_min                                ? 
_refine.B_iso_max                                ? 
_refine.overall_SU_R_free                        ? 
_refine.ls_wR_factor_R_free                      ? 
_refine.ls_wR_factor_R_work                      ? 
_refine.overall_FOM_free_R_set                   ? 
_refine.overall_FOM_work_R_set                   ? 
_refine.pdbx_diffrn_id                           1 
_refine.pdbx_refine_id                           'X-RAY DIFFRACTION' 
_refine.pdbx_TLS_residual_ADP_flag               ? 
_refine.pdbx_overall_SU_R_free_Cruickshank_DPI   ? 
_refine.pdbx_overall_SU_R_Blow_DPI               ? 
_refine.pdbx_overall_SU_R_free_Blow_DPI          ? 
# 
_refine_analyze.entry_id                        4QJC 
_refine_analyze.Luzzati_coordinate_error_obs    ? 
_refine_analyze.Luzzati_sigma_a_obs             ? 
_refine_analyze.Luzzati_d_res_low_obs           ? 
_refine_analyze.Luzzati_coordinate_error_free   0.205 
_refine_analyze.Luzzati_sigma_a_free            ? 
_refine_analyze.Luzzati_d_res_low_free          ? 
_refine_analyze.number_disordered_residues      ? 
_refine_analyze.occupancy_sum_hydrogen          ? 
_refine_analyze.occupancy_sum_non_hydrogen      ? 
_refine_analyze.pdbx_Luzzati_d_res_high_obs     ? 
_refine_analyze.pdbx_refine_id                  'X-RAY DIFFRACTION' 
# 
_refine_hist.pdbx_refine_id                   'X-RAY DIFFRACTION' 
_refine_hist.cycle_id                         LAST 
_refine_hist.pdbx_number_atoms_protein        1502 
_refine_hist.pdbx_number_atoms_nucleic_acid   0 
_refine_hist.pdbx_number_atoms_ligand         71 
_refine_hist.number_atoms_solvent             105 
_refine_hist.number_atoms_total               1678 
_refine_hist.d_res_high                       1.62 
_refine_hist.d_res_low                        34.37 
# 
loop_
_refine_ls_restr.type 
_refine_ls_restr.dev_ideal 
_refine_ls_restr.dev_ideal_target 
_refine_ls_restr.weight 
_refine_ls_restr.number 
_refine_ls_restr.pdbx_restraint_function 
_refine_ls_restr.pdbx_refine_id 
r_bond_refined_d       0.026  0.020  ? 1614 ? 'X-RAY DIFFRACTION' 
r_angle_refined_deg    2.524  2.035  ? 2192 ? 'X-RAY DIFFRACTION' 
r_dihedral_angle_1_deg 6.832  5.000  ? 185  ? 'X-RAY DIFFRACTION' 
r_dihedral_angle_2_deg 36.530 24.789 ? 71   ? 'X-RAY DIFFRACTION' 
r_dihedral_angle_3_deg 14.744 15.000 ? 286  ? 'X-RAY DIFFRACTION' 
r_dihedral_angle_4_deg 16.707 15.000 ? 8    ? 'X-RAY DIFFRACTION' 
r_chiral_restr         0.184  0.200  ? 233  ? 'X-RAY DIFFRACTION' 
r_gen_planes_refined   0.015  0.021  ? 1209 ? 'X-RAY DIFFRACTION' 
# 
_refine_ls_shell.pdbx_total_number_of_bins_used   20 
_refine_ls_shell.d_res_high                       1.620 
_refine_ls_shell.d_res_low                        1.662 
_refine_ls_shell.number_reflns_R_work             1808 
_refine_ls_shell.R_factor_R_work                  0.278 
_refine_ls_shell.percent_reflns_obs               83.0 
_refine_ls_shell.R_factor_R_free                  0.337 
_refine_ls_shell.R_factor_R_free_error            ? 
_refine_ls_shell.percent_reflns_R_free            ? 
_refine_ls_shell.number_reflns_R_free             105 
_refine_ls_shell.number_reflns_all                ? 
_refine_ls_shell.R_factor_all                     ? 
_refine_ls_shell.number_reflns_obs                3757 
_refine_ls_shell.redundancy_reflns_obs            ? 
_refine_ls_shell.pdbx_refine_id                   'X-RAY DIFFRACTION' 
# 
_struct.entry_id                  4QJC 
_struct.title                     
;Human dihydrofolate reductase ternary complex with NADPH and inhibitor 26 (N~6~-METHYL-N~6~-(3,4,5-TRIFLUOROPHENYL)PYRIDO[2,3-D]PYRIMIDINE-2,4,6-TRIAMINE)
;
_struct.pdbx_model_details        ? 
_struct.pdbx_CASP_flag            ? 
_struct.pdbx_model_type_details   ? 
# 
_struct_keywords.entry_id        4QJC 
_struct_keywords.pdbx_keywords   'oxidoreductase/oxidoreductase inhibitor' 
_struct_keywords.text            
'dihydrofolate reductase, inhibitor binding, Rossman fold, hydrolase, cofactor, oxidoreductase-oxidoreductase inhibitor complex' 
# 
loop_
_struct_asym.id 
_struct_asym.pdbx_blank_PDB_chainid_flag 
_struct_asym.pdbx_modified 
_struct_asym.entity_id 
_struct_asym.details 
A N N 1 ? 
B N N 2 ? 
C N N 3 ? 
D N N 4 ? 
# 
_struct_biol.id        1 
_struct_biol.details   ? 
# 
loop_
_struct_conf.conf_type_id 
_struct_conf.id 
_struct_conf.pdbx_PDB_helix_id 
_struct_conf.beg_label_comp_id 
_struct_conf.beg_label_asym_id 
_struct_conf.beg_label_seq_id 
_struct_conf.pdbx_beg_PDB_ins_code 
_struct_conf.end_label_comp_id 
_struct_conf.end_label_asym_id 
_struct_conf.end_label_seq_id 
_struct_conf.pdbx_end_PDB_ins_code 
_struct_conf.beg_auth_comp_id 
_struct_conf.beg_auth_asym_id 
_struct_conf.beg_auth_seq_id 
_struct_conf.end_auth_comp_id 
_struct_conf.end_auth_asym_id 
_struct_conf.end_auth_seq_id 
_struct_conf.pdbx_PDB_helix_class 
_struct_conf.details 
_struct_conf.pdbx_PDB_helix_length 
HELX_P HELX_P1 1 LEU A 27  ? THR A 40  ? LEU A 27  THR A 40  1 ? 14 
HELX_P HELX_P2 2 LYS A 54  ? ILE A 60  ? LYS A 54  ILE A 60  1 ? 7  
HELX_P HELX_P3 3 PRO A 61  ? ARG A 65  ? PRO A 61  ARG A 65  5 ? 5  
HELX_P HELX_P4 4 SER A 92  ? GLN A 102 ? SER A 92  GLN A 102 1 ? 11 
HELX_P HELX_P5 5 SER A 118 ? ASN A 126 ? SER A 118 ASN A 126 1 ? 9  
# 
_struct_conf_type.id          HELX_P 
_struct_conf_type.criteria    ? 
_struct_conf_type.reference   ? 
# 
loop_
_struct_mon_prot_cis.pdbx_id 
_struct_mon_prot_cis.label_comp_id 
_struct_mon_prot_cis.label_seq_id 
_struct_mon_prot_cis.label_asym_id 
_struct_mon_prot_cis.label_alt_id 
_struct_mon_prot_cis.pdbx_PDB_ins_code 
_struct_mon_prot_cis.auth_comp_id 
_struct_mon_prot_cis.auth_seq_id 
_struct_mon_prot_cis.auth_asym_id 
_struct_mon_prot_cis.pdbx_label_comp_id_2 
_struct_mon_prot_cis.pdbx_label_seq_id_2 
_struct_mon_prot_cis.pdbx_label_asym_id_2 
_struct_mon_prot_cis.pdbx_PDB_ins_code_2 
_struct_mon_prot_cis.pdbx_auth_comp_id_2 
_struct_mon_prot_cis.pdbx_auth_seq_id_2 
_struct_mon_prot_cis.pdbx_auth_asym_id_2 
_struct_mon_prot_cis.pdbx_PDB_model_num 
_struct_mon_prot_cis.pdbx_omega_angle 
1 ARG 65  A . ? ARG 65  A PRO 66  A ? PRO 66  A 1 0.96 
2 GLY 116 A . ? GLY 116 A GLY 117 A ? GLY 117 A 1 0.06 
# 
loop_
_struct_sheet.id 
_struct_sheet.type 
_struct_sheet.number_strands 
_struct_sheet.details 
A ? 8 ? 
B ? 8 ? 
C ? 2 ? 
# 
loop_
_struct_sheet_order.sheet_id 
_struct_sheet_order.range_id_1 
_struct_sheet_order.range_id_2 
_struct_sheet_order.offset 
_struct_sheet_order.sense 
A 1 2 ? parallel      
A 2 3 ? parallel      
A 3 4 ? parallel      
A 4 5 ? parallel      
A 5 6 ? parallel      
A 6 7 ? anti-parallel 
A 7 8 ? anti-parallel 
B 1 2 ? parallel      
B 2 3 ? parallel      
B 3 4 ? parallel      
B 4 5 ? parallel      
B 5 6 ? parallel      
B 6 7 ? anti-parallel 
B 7 8 ? anti-parallel 
C 1 2 ? anti-parallel 
# 
loop_
_struct_sheet_range.sheet_id 
_struct_sheet_range.id 
_struct_sheet_range.beg_label_comp_id 
_struct_sheet_range.beg_label_asym_id 
_struct_sheet_range.beg_label_seq_id 
_struct_sheet_range.pdbx_beg_PDB_ins_code 
_struct_sheet_range.end_label_comp_id 
_struct_sheet_range.end_label_asym_id 
_struct_sheet_range.end_label_seq_id 
_struct_sheet_range.pdbx_end_PDB_ins_code 
_struct_sheet_range.beg_auth_comp_id 
_struct_sheet_range.beg_auth_asym_id 
_struct_sheet_range.beg_auth_seq_id 
_struct_sheet_range.end_auth_comp_id 
_struct_sheet_range.end_auth_asym_id 
_struct_sheet_range.end_auth_seq_id 
A 1 PHE A 88  ? SER A 90  ? PHE A 88  SER A 90  
A 2 ILE A 71  ? LEU A 75  ? ILE A 71  LEU A 75  
A 3 GLN A 47  ? GLY A 53  ? GLN A 47  GLY A 53  
A 4 VAL A 109 ? ILE A 114 ? VAL A 109 ILE A 114 
A 5 LEU A 4   ? SER A 11  ? LEU A 4   SER A 11  
A 6 HIS A 130 ? ILE A 138 ? HIS A 130 ILE A 138 
A 7 ILE A 175 ? ASN A 185 ? ILE A 175 ASN A 185 
A 8 LYS A 157 ? LEU A 158 ? LYS A 157 LEU A 158 
B 1 PHE A 88  ? SER A 90  ? PHE A 88  SER A 90  
B 2 ILE A 71  ? LEU A 75  ? ILE A 71  LEU A 75  
B 3 GLN A 47  ? GLY A 53  ? GLN A 47  GLY A 53  
B 4 VAL A 109 ? ILE A 114 ? VAL A 109 ILE A 114 
B 5 LEU A 4   ? SER A 11  ? LEU A 4   SER A 11  
B 6 HIS A 130 ? ILE A 138 ? HIS A 130 ILE A 138 
B 7 ILE A 175 ? ASN A 185 ? ILE A 175 ASN A 185 
B 8 GLN A 170 ? GLU A 172 ? GLN A 170 GLU A 172 
C 1 GLY A 15  ? GLY A 17  ? GLY A 15  GLY A 17  
C 2 THR A 146 ? PHE A 147 ? THR A 146 PHE A 147 
# 
loop_
_pdbx_struct_sheet_hbond.sheet_id 
_pdbx_struct_sheet_hbond.range_id_1 
_pdbx_struct_sheet_hbond.range_id_2 
_pdbx_struct_sheet_hbond.range_1_label_atom_id 
_pdbx_struct_sheet_hbond.range_1_label_comp_id 
_pdbx_struct_sheet_hbond.range_1_label_asym_id 
_pdbx_struct_sheet_hbond.range_1_label_seq_id 
_pdbx_struct_sheet_hbond.range_1_PDB_ins_code 
_pdbx_struct_sheet_hbond.range_1_auth_atom_id 
_pdbx_struct_sheet_hbond.range_1_auth_comp_id 
_pdbx_struct_sheet_hbond.range_1_auth_asym_id 
_pdbx_struct_sheet_hbond.range_1_auth_seq_id 
_pdbx_struct_sheet_hbond.range_2_label_atom_id 
_pdbx_struct_sheet_hbond.range_2_label_comp_id 
_pdbx_struct_sheet_hbond.range_2_label_asym_id 
_pdbx_struct_sheet_hbond.range_2_label_seq_id 
_pdbx_struct_sheet_hbond.range_2_PDB_ins_code 
_pdbx_struct_sheet_hbond.range_2_auth_atom_id 
_pdbx_struct_sheet_hbond.range_2_auth_comp_id 
_pdbx_struct_sheet_hbond.range_2_auth_asym_id 
_pdbx_struct_sheet_hbond.range_2_auth_seq_id 
A 1 2 O PHE A 88  ? O PHE A 88  N VAL A 74  ? N VAL A 74  
A 2 3 O LEU A 73  ? O LEU A 73  N VAL A 50  ? N VAL A 50  
A 3 4 N ILE A 51  ? N ILE A 51  O TRP A 113 ? O TRP A 113 
A 4 5 O ILE A 114 ? O ILE A 114 N ASN A 5   ? N ASN A 5   
A 5 6 N CYS A 6   ? N CYS A 6   O PHE A 134 ? O PHE A 134 
A 6 7 N ARG A 137 ? N ARG A 137 O LYS A 178 ? O LYS A 178 
A 7 8 O GLU A 183 ? O GLU A 183 N LYS A 157 ? N LYS A 157 
B 1 2 O PHE A 88  ? O PHE A 88  N VAL A 74  ? N VAL A 74  
B 2 3 O LEU A 73  ? O LEU A 73  N VAL A 50  ? N VAL A 50  
B 3 4 N ILE A 51  ? N ILE A 51  O TRP A 113 ? O TRP A 113 
B 4 5 O ILE A 114 ? O ILE A 114 N ASN A 5   ? N ASN A 5   
B 5 6 N CYS A 6   ? N CYS A 6   O PHE A 134 ? O PHE A 134 
B 6 7 N ARG A 137 ? N ARG A 137 O LYS A 178 ? O LYS A 178 
B 7 8 O TYR A 177 ? O TYR A 177 N GLN A 170 ? N GLN A 170 
C 1 2 N ILE A 16  ? N ILE A 16  O THR A 146 ? O THR A 146 
# 
loop_
_struct_site.id 
_struct_site.pdbx_evidence_code 
_struct_site.pdbx_auth_asym_id 
_struct_site.pdbx_auth_comp_id 
_struct_site.pdbx_auth_seq_id 
_struct_site.pdbx_auth_ins_code 
_struct_site.pdbx_num_residues 
_struct_site.details 
AC1 Software A NDP 201 ? 25 'BINDING SITE FOR RESIDUE NDP A 201' 
AC2 Software A IXE 202 ? 12 'BINDING SITE FOR RESIDUE IXE A 202' 
# 
loop_
_struct_site_gen.id 
_struct_site_gen.site_id 
_struct_site_gen.pdbx_num_res 
_struct_site_gen.label_comp_id 
_struct_site_gen.label_asym_id 
_struct_site_gen.label_seq_id 
_struct_site_gen.pdbx_auth_ins_code 
_struct_site_gen.auth_comp_id 
_struct_site_gen.auth_asym_id 
_struct_site_gen.auth_seq_id 
_struct_site_gen.label_atom_id 
_struct_site_gen.label_alt_id 
_struct_site_gen.symmetry 
_struct_site_gen.details 
1  AC1 25 VAL A 8   ? VAL A 8   . ? 1_555 ? 
2  AC1 25 ALA A 9   ? ALA A 9   . ? 1_555 ? 
3  AC1 25 ILE A 16  ? ILE A 16  . ? 1_555 ? 
4  AC1 25 GLY A 20  ? GLY A 20  . ? 1_555 ? 
5  AC1 25 ASP A 21  ? ASP A 21  . ? 1_555 ? 
6  AC1 25 LEU A 22  ? LEU A 22  . ? 1_555 ? 
7  AC1 25 GLY A 53  ? GLY A 53  . ? 1_555 ? 
8  AC1 25 LYS A 54  ? LYS A 54  . ? 1_555 ? 
9  AC1 25 LYS A 55  ? LYS A 55  . ? 1_555 ? 
10 AC1 25 THR A 56  ? THR A 56  . ? 1_555 ? 
11 AC1 25 LEU A 75  ? LEU A 75  . ? 1_555 ? 
12 AC1 25 SER A 76  ? SER A 76  . ? 1_555 ? 
13 AC1 25 ARG A 77  ? ARG A 77  . ? 1_555 ? 
14 AC1 25 GLU A 78  ? GLU A 78  . ? 1_555 ? 
15 AC1 25 ARG A 91  ? ARG A 91  . ? 1_555 ? 
16 AC1 25 SER A 92  ? SER A 92  . ? 1_555 ? 
17 AC1 25 VAL A 115 ? VAL A 115 . ? 1_555 ? 
18 AC1 25 GLY A 117 ? GLY A 117 . ? 1_555 ? 
19 AC1 25 SER A 118 ? SER A 118 . ? 1_555 ? 
20 AC1 25 SER A 119 ? SER A 119 . ? 1_555 ? 
21 AC1 25 VAL A 120 ? VAL A 120 . ? 1_555 ? 
22 AC1 25 TYR A 121 ? TYR A 121 . ? 1_555 ? 
23 AC1 25 THR A 146 ? THR A 146 . ? 1_555 ? 
24 AC1 25 IXE C .   ? IXE A 202 . ? 1_555 ? 
25 AC1 25 HOH D .   ? HOH A 323 . ? 1_555 ? 
26 AC2 12 ILE A 7   ? ILE A 7   . ? 1_555 ? 
27 AC2 12 VAL A 8   ? VAL A 8   . ? 1_555 ? 
28 AC2 12 ALA A 9   ? ALA A 9   . ? 1_555 ? 
29 AC2 12 ASP A 21  ? ASP A 21  . ? 1_555 ? 
30 AC2 12 LEU A 22  ? LEU A 22  . ? 1_555 ? 
31 AC2 12 GLU A 30  ? GLU A 30  . ? 1_555 ? 
32 AC2 12 PHE A 34  ? PHE A 34  . ? 1_555 ? 
33 AC2 12 SER A 59  ? SER A 59  . ? 1_555 ? 
34 AC2 12 PRO A 61  ? PRO A 61  . ? 1_555 ? 
35 AC2 12 TYR A 121 ? TYR A 121 . ? 1_555 ? 
36 AC2 12 THR A 136 ? THR A 136 . ? 1_555 ? 
37 AC2 12 NDP B .   ? NDP A 201 . ? 1_555 ? 
# 
_atom_sites.entry_id                    4QJC 
_atom_sites.fract_transf_matrix[1][1]   0.00110083 
_atom_sites.fract_transf_matrix[1][2]   -0.01182304 
_atom_sites.fract_transf_matrix[1][3]   -0.00676746 
_atom_sites.fract_transf_matrix[2][1]   -0.00183067 
_atom_sites.fract_transf_matrix[2][2]   -0.01183737 
_atom_sites.fract_transf_matrix[2][3]   0.00658121 
_atom_sites.fract_transf_matrix[3][1]   -0.01253684 
_atom_sites.fract_transf_matrix[3][2]   0.00040839 
_atom_sites.fract_transf_matrix[3][3]   -0.00275278 
_atom_sites.fract_transf_vector[1]      -0.158704 
_atom_sites.fract_transf_vector[2]      -0.317806 
_atom_sites.fract_transf_vector[3]      -0.340233 
# 
loop_
_atom_type.symbol 
C 
F 
N 
O 
P 
S 
# 
loop_
_atom_site.group_PDB 
_atom_site.id 
_atom_site.type_symbol 
_atom_site.label_atom_id 
_atom_site.label_alt_id 
_atom_site.label_comp_id 
_atom_site.label_asym_id 
_atom_site.label_entity_id 
_atom_site.label_seq_id 
_atom_site.pdbx_PDB_ins_code 
_atom_site.Cartn_x 
_atom_site.Cartn_y 
_atom_site.Cartn_z 
_atom_site.occupancy 
_atom_site.B_iso_or_equiv 
_atom_site.pdbx_formal_charge 
_atom_site.auth_seq_id 
_atom_site.auth_comp_id 
_atom_site.auth_asym_id 
_atom_site.auth_atom_id 
_atom_site.pdbx_PDB_model_num 
ATOM   1    N N   . VAL A 1 1   ? 5.712   -0.716  -17.523 1.00 33.84 ? 1   VAL A N   1 
ATOM   2    C CA  . VAL A 1 1   ? 5.247   -0.844  -16.098 1.00 32.73 ? 1   VAL A CA  1 
ATOM   3    C C   . VAL A 1 1   ? 3.944   -0.042  -16.010 1.00 28.11 ? 1   VAL A C   1 
ATOM   4    O O   . VAL A 1 1   ? 3.853   1.014   -16.626 1.00 25.39 ? 1   VAL A O   1 
ATOM   5    C CB  . VAL A 1 1   ? 6.304   -0.284  -15.133 1.00 37.07 ? 1   VAL A CB  1 
ATOM   6    C CG1 . VAL A 1 1   ? 5.710   -0.075  -13.742 1.00 33.18 ? 1   VAL A CG1 1 
ATOM   7    C CG2 . VAL A 1 1   ? 7.541   -1.197  -15.115 1.00 38.08 ? 1   VAL A CG2 1 
ATOM   8    N N   . GLY A 1 2   ? 2.944   -0.569  -15.286 1.00 23.42 ? 2   GLY A N   1 
ATOM   9    C CA  . GLY A 1 2   ? 1.627   0.095   -15.211 1.00 24.00 ? 2   GLY A CA  1 
ATOM   10   C C   . GLY A 1 2   ? 1.527   1.191   -14.097 1.00 19.68 ? 2   GLY A C   1 
ATOM   11   O O   . GLY A 1 2   ? 2.484   1.916   -13.790 1.00 20.48 ? 2   GLY A O   1 
ATOM   12   N N   . SER A 1 3   ? 0.337   1.238   -13.515 1.00 22.40 ? 3   SER A N   1 
ATOM   13   C CA  . SER A 1 3   ? 0.065   2.337   -12.626 1.00 17.62 ? 3   SER A CA  1 
ATOM   14   C C   . SER A 1 3   ? 0.812   2.280   -11.287 1.00 17.81 ? 3   SER A C   1 
ATOM   15   O O   . SER A 1 3   ? 1.222   1.188   -10.826 1.00 18.78 ? 3   SER A O   1 
ATOM   16   C CB  . SER A 1 3   ? -1.418  2.420   -12.418 1.00 18.34 ? 3   SER A CB  1 
ATOM   17   O OG  . SER A 1 3   ? -1.889  1.297   -11.712 1.00 18.96 ? 3   SER A OG  1 
ATOM   18   N N   . LEU A 1 4   ? 0.918   3.470   -10.681 1.00 16.02 ? 4   LEU A N   1 
ATOM   19   C CA  . LEU A 1 4   ? 1.497   3.662   -9.309  1.00 13.98 ? 4   LEU A CA  1 
ATOM   20   C C   . LEU A 1 4   ? 0.330   3.950   -8.366  1.00 15.42 ? 4   LEU A C   1 
ATOM   21   O O   . LEU A 1 4   ? -0.504  4.847   -8.620  1.00 14.78 ? 4   LEU A O   1 
ATOM   22   C CB  . LEU A 1 4   ? 2.448   4.874   -9.305  1.00 14.05 ? 4   LEU A CB  1 
ATOM   23   C CG  . LEU A 1 4   ? 3.225   4.988   -7.970  1.00 15.58 ? 4   LEU A CG  1 
ATOM   24   C CD1 . LEU A 1 4   ? 4.029   3.744   -7.540  1.00 16.57 ? 4   LEU A CD1 1 
ATOM   25   C CD2 . LEU A 1 4   ? 4.124   6.199   -8.143  1.00 18.59 ? 4   LEU A CD2 1 
ATOM   26   N N   . ASN A 1 5   ? 0.298   3.263   -7.235  1.00 12.97 ? 5   ASN A N   1 
ATOM   27   C CA  . ASN A 1 5   ? -0.884  3.307   -6.311  1.00 13.81 ? 5   ASN A CA  1 
ATOM   28   C C   . ASN A 1 5   ? -0.331  3.240   -4.914  1.00 15.81 ? 5   ASN A C   1 
ATOM   29   O O   . ASN A 1 5   ? 0.726   2.560   -4.708  1.00 15.49 ? 5   ASN A O   1 
ATOM   30   C CB  . ASN A 1 5   ? -1.767  2.111   -6.543  1.00 15.00 ? 5   ASN A CB  1 
ATOM   31   C CG  . ASN A 1 5   ? -2.150  1.934   -8.017  1.00 17.56 ? 5   ASN A CG  1 
ATOM   32   O OD1 . ASN A 1 5   ? -3.101  2.568   -8.473  1.00 16.01 ? 5   ASN A OD1 1 
ATOM   33   N ND2 . ASN A 1 5   ? -1.355  1.149   -8.795  1.00 14.44 ? 5   ASN A ND2 1 
ATOM   34   N N   . CYS A 1 6   ? -0.986  3.916   -3.944  1.00 13.18 ? 6   CYS A N   1 
ATOM   35   C CA  . CYS A 1 6   ? -0.789  3.547   -2.544  1.00 12.72 ? 6   CYS A CA  1 
ATOM   36   C C   . CYS A 1 6   ? -2.060  2.852   -2.054  1.00 13.34 ? 6   CYS A C   1 
ATOM   37   O O   . CYS A 1 6   ? -3.162  3.144   -2.527  1.00 13.97 ? 6   CYS A O   1 
ATOM   38   C CB  . CYS A 1 6   ? -0.658  4.868   -1.754  1.00 15.39 ? 6   CYS A CB  1 
ATOM   39   S SG  . CYS A 1 6   ? 0.809   5.850   -2.144  1.00 16.28 ? 6   CYS A SG  1 
ATOM   40   N N   . ILE A 1 7   ? -1.935  1.974   -1.051  1.00 12.05 ? 7   ILE A N   1 
ATOM   41   C CA  . ILE A 1 7   ? -3.104  1.359   -0.451  1.00 12.16 ? 7   ILE A CA  1 
ATOM   42   C C   . ILE A 1 7   ? -2.885  1.421   1.099   1.00 12.59 ? 7   ILE A C   1 
ATOM   43   O O   . ILE A 1 7   ? -1.789  1.168   1.540   1.00 10.91 ? 7   ILE A O   1 
ATOM   44   C CB  . ILE A 1 7   ? -3.415  -0.055  -0.997  1.00 13.23 ? 7   ILE A CB  1 
ATOM   45   C CG1 . ILE A 1 7   ? -4.723  -0.592  -0.388  1.00 13.56 ? 7   ILE A CG1 1 
ATOM   46   C CG2 . ILE A 1 7   ? -2.197  -0.995  -0.875  1.00 12.81 ? 7   ILE A CG2 1 
ATOM   47   C CD1 . ILE A 1 7   ? -5.289  -1.851  -1.084  1.00 15.35 ? 7   ILE A CD1 1 
ATOM   48   N N   . VAL A 1 8   ? -3.918  1.833   1.830   1.00 12.84 ? 8   VAL A N   1 
ATOM   49   C CA  . VAL A 1 8   ? -3.770  1.983   3.287   1.00 11.93 ? 8   VAL A CA  1 
ATOM   50   C C   . VAL A 1 8   ? -5.163  1.742   3.902   1.00 12.91 ? 8   VAL A C   1 
ATOM   51   O O   . VAL A 1 8   ? -6.194  1.913   3.232   1.00 12.70 ? 8   VAL A O   1 
ATOM   52   C CB  . VAL A 1 8   ? -3.261  3.425   3.591   1.00 12.50 ? 8   VAL A CB  1 
ATOM   53   C CG1 . VAL A 1 8   ? -4.357  4.464   3.231   1.00 12.37 ? 8   VAL A CG1 1 
ATOM   54   C CG2 . VAL A 1 8   ? -2.766  3.407   5.026   1.00 12.20 ? 8   VAL A CG2 1 
ATOM   55   N N   . ALA A 1 9   ? -5.154  1.326   5.147   1.00 13.38 ? 9   ALA A N   1 
ATOM   56   C CA  . ALA A 1 9   ? -6.391  1.385   5.994   1.00 14.10 ? 9   ALA A CA  1 
ATOM   57   C C   . ALA A 1 9   ? -6.043  2.364   7.129   1.00 13.38 ? 9   ALA A C   1 
ATOM   58   O O   . ALA A 1 9   ? -4.940  2.248   7.709   1.00 14.90 ? 9   ALA A O   1 
ATOM   59   C CB  . ALA A 1 9   ? -6.668  0.000   6.522   1.00 14.88 ? 9   ALA A CB  1 
ATOM   60   N N   . VAL A 1 10  ? -7.016  3.275   7.418   1.00 13.99 ? 10  VAL A N   1 
ATOM   61   C CA  . VAL A 1 10  ? -6.736  4.383   8.295   1.00 14.42 ? 10  VAL A CA  1 
ATOM   62   C C   . VAL A 1 10  ? -7.892  4.612   9.266   1.00 15.22 ? 10  VAL A C   1 
ATOM   63   O O   . VAL A 1 10  ? -9.025  4.687   8.832   1.00 16.75 ? 10  VAL A O   1 
ATOM   64   C CB  . VAL A 1 10  ? -6.230  5.611   7.451   1.00 16.50 ? 10  VAL A CB  1 
ATOM   65   C CG1 . VAL A 1 10  ? -7.361  6.153   6.527   1.00 15.92 ? 10  VAL A CG1 1 
ATOM   66   C CG2 . VAL A 1 10  ? -5.792  6.755   8.339   1.00 19.77 ? 10  VAL A CG2 1 
ATOM   67   N N   . SER A 1 11  ? -7.574  4.880   10.553  1.00 13.62 ? 11  SER A N   1 
ATOM   68   C CA  . SER A 1 11  ? -8.684  5.174   11.475  1.00 14.86 ? 11  SER A CA  1 
ATOM   69   C C   . SER A 1 11  ? -9.110  6.645   11.344  1.00 16.20 ? 11  SER A C   1 
ATOM   70   O O   . SER A 1 11  ? -8.519  7.473   10.618  1.00 15.27 ? 11  SER A O   1 
ATOM   71   C CB  . SER A 1 11  ? -8.182  4.914   12.932  1.00 15.54 ? 11  SER A CB  1 
ATOM   72   O OG  . SER A 1 11  ? -7.147  5.800   13.229  1.00 16.02 ? 11  SER A OG  1 
ATOM   73   N N   . GLN A 1 12  ? -10.215 7.000   12.046  1.00 15.53 ? 12  GLN A N   1 
ATOM   74   C CA  . GLN A 1 12  ? -10.686 8.380   11.938  1.00 18.31 ? 12  GLN A CA  1 
ATOM   75   C C   . GLN A 1 12  ? -9.645  9.397   12.383  1.00 16.24 ? 12  GLN A C   1 
ATOM   76   O O   . GLN A 1 12  ? -9.618  10.542  11.870  1.00 20.82 ? 12  GLN A O   1 
ATOM   77   C CB  . GLN A 1 12  ? -11.925 8.587   12.850  1.00 21.30 ? 12  GLN A CB  1 
ATOM   78   C CG  . GLN A 1 12  ? -13.206 8.170   12.264  1.00 30.69 ? 12  GLN A CG  1 
ATOM   79   C CD  . GLN A 1 12  ? -14.402 8.362   13.237  1.00 30.17 ? 12  GLN A CD  1 
ATOM   80   O OE1 . GLN A 1 12  ? -15.520 8.025   12.854  1.00 37.51 ? 12  GLN A OE1 1 
ATOM   81   N NE2 . GLN A 1 12  ? -14.143 8.787   14.516  1.00 32.70 ? 12  GLN A NE2 1 
ATOM   82   N N   . ASN A 1 13  ? -8.770  8.992   13.322  1.00 17.25 ? 13  ASN A N   1 
ATOM   83   C CA  . ASN A 1 13  ? -7.739  9.945   13.828  1.00 17.66 ? 13  ASN A CA  1 
ATOM   84   C C   . ASN A 1 13  ? -6.458  9.719   13.042  1.00 18.21 ? 13  ASN A C   1 
ATOM   85   O O   . ASN A 1 13  ? -5.380  10.110  13.485  1.00 18.97 ? 13  ASN A O   1 
ATOM   86   C CB  . ASN A 1 13  ? -7.468  9.699   15.322  1.00 20.87 ? 13  ASN A CB  1 
ATOM   87   C CG  . ASN A 1 13  ? -7.195  8.243   15.644  1.00 16.17 ? 13  ASN A CG  1 
ATOM   88   O OD1 . ASN A 1 13  ? -7.866  7.317   15.232  1.00 18.12 ? 13  ASN A OD1 1 
ATOM   89   N ND2 . ASN A 1 13  ? -6.258  8.047   16.561  1.00 19.94 ? 13  ASN A ND2 1 
ATOM   90   N N   . MET A 1 14  ? -6.615  9.121   11.856  1.00 17.53 ? 14  MET A N   1 
ATOM   91   C CA  . MET A 1 14  ? -5.519  9.016   10.842  1.00 17.65 ? 14  MET A CA  1 
ATOM   92   C C   . MET A 1 14  ? -4.468  7.996   11.222  1.00 16.15 ? 14  MET A C   1 
ATOM   93   O O   . MET A 1 14  ? -3.353  8.014   10.630  1.00 15.93 ? 14  MET A O   1 
ATOM   94   C CB  . MET A 1 14  ? -4.784  10.349  10.546  1.00 18.51 ? 14  MET A CB  1 
ATOM   95   C CG  . MET A 1 14  ? -5.692  11.414  9.928   1.00 20.25 ? 14  MET A CG  1 
ATOM   96   S SD  . MET A 1 14  ? -6.539  10.832  8.432   1.00 27.90 ? 14  MET A SD  1 
ATOM   97   C CE  . MET A 1 14  ? -5.314  11.144  7.121   1.00 31.74 ? 14  MET A CE  1 
ATOM   98   N N   . GLY A 1 15  ? -4.780  7.127   12.175  1.00 14.92 ? 15  GLY A N   1 
ATOM   99   C CA  . GLY A 1 15  ? -3.784  6.131   12.584  1.00 14.45 ? 15  GLY A CA  1 
ATOM   100  C C   . GLY A 1 15  ? -3.724  4.933   11.615  1.00 14.39 ? 15  GLY A C   1 
ATOM   101  O O   . GLY A 1 15  ? -4.752  4.479   11.003  1.00 14.49 ? 15  GLY A O   1 
ATOM   102  N N   . ILE A 1 16  ? -2.494  4.450   11.400  1.00 13.97 ? 16  ILE A N   1 
ATOM   103  C CA  . ILE A 1 16  ? -2.224  3.238   10.556  1.00 13.74 ? 16  ILE A CA  1 
ATOM   104  C C   . ILE A 1 16  ? -1.488  2.178   11.325  1.00 14.98 ? 16  ILE A C   1 
ATOM   105  O O   . ILE A 1 16  ? -1.464  1.035   10.904  1.00 15.61 ? 16  ILE A O   1 
ATOM   106  C CB  . ILE A 1 16  ? -1.493  3.577   9.219   1.00 12.84 ? 16  ILE A CB  1 
ATOM   107  C CG1 . ILE A 1 16  ? -0.109  4.111   9.491   1.00 13.80 ? 16  ILE A CG1 1 
ATOM   108  C CG2 . ILE A 1 16  ? -2.377  4.609   8.448   1.00 16.59 ? 16  ILE A CG2 1 
ATOM   109  C CD1 . ILE A 1 16  ? 0.769   4.292   8.164   1.00 15.41 ? 16  ILE A CD1 1 
ATOM   110  N N   . GLY A 1 17  ? -0.932  2.512   12.478  1.00 13.87 ? 17  GLY A N   1 
ATOM   111  C CA  . GLY A 1 17  ? -0.176  1.419   13.206  1.00 14.99 ? 17  GLY A CA  1 
ATOM   112  C C   . GLY A 1 17  ? 0.020   1.767   14.682  1.00 15.78 ? 17  GLY A C   1 
ATOM   113  O O   . GLY A 1 17  ? -0.110  2.947   15.032  1.00 14.37 ? 17  GLY A O   1 
ATOM   114  N N   . LYS A 1 18  ? 0.210   0.745   15.507  1.00 14.85 ? 18  LYS A N   1 
ATOM   115  C CA  . LYS A 1 18  ? 0.636   0.997   16.890  1.00 17.26 ? 18  LYS A CA  1 
ATOM   116  C C   . LYS A 1 18  ? 1.607   -0.154  17.196  1.00 15.88 ? 18  LYS A C   1 
ATOM   117  O O   . LYS A 1 18  ? 1.189   -1.274  17.133  1.00 16.28 ? 18  LYS A O   1 
ATOM   118  C CB  . LYS A 1 18  ? -0.573  0.885   17.808  1.00 19.94 ? 18  LYS A CB  1 
ATOM   119  C CG  . LYS A 1 18  ? -0.160  1.284   19.224  1.00 23.50 ? 18  LYS A CG  1 
ATOM   120  C CD  . LYS A 1 18  ? -1.420  1.379   20.039  1.00 22.69 ? 18  LYS A CD  1 
ATOM   121  C CE  . LYS A 1 18  ? -1.743  -0.027  20.466  1.00 25.72 ? 18  LYS A CE  1 
ATOM   122  N NZ  . LYS A 1 18  ? -2.990  0.157   21.290  1.00 31.82 ? 18  LYS A NZ  1 
ATOM   123  N N   . ASN A 1 19  ? 2.849   0.182   17.506  1.00 16.67 ? 19  ASN A N   1 
ATOM   124  C CA  . ASN A 1 19  ? 3.878   -0.784  17.902  1.00 18.17 ? 19  ASN A CA  1 
ATOM   125  C C   . ASN A 1 19  ? 4.017   -1.898  16.892  1.00 21.26 ? 19  ASN A C   1 
ATOM   126  O O   . ASN A 1 19  ? 4.089   -3.086  17.272  1.00 20.57 ? 19  ASN A O   1 
ATOM   127  C CB  . ASN A 1 19  ? 3.581   -1.330  19.298  1.00 21.99 ? 19  ASN A CB  1 
ATOM   128  C CG  . ASN A 1 19  ? 3.994   -0.350  20.346  1.00 23.22 ? 19  ASN A CG  1 
ATOM   129  O OD1 . ASN A 1 19  ? 5.046   0.331   20.193  1.00 24.55 ? 19  ASN A OD1 1 
ATOM   130  N ND2 . ASN A 1 19  ? 3.196   -0.222  21.379  1.00 20.84 ? 19  ASN A ND2 1 
ATOM   131  N N   . GLY A 1 20  ? 4.028   -1.493  15.621  1.00 20.89 ? 20  GLY A N   1 
ATOM   132  C CA  . GLY A 1 20  ? 4.292   -2.458  14.540  1.00 23.65 ? 20  GLY A CA  1 
ATOM   133  C C   . GLY A 1 20  ? 3.135   -3.432  14.341  1.00 21.31 ? 20  GLY A C   1 
ATOM   134  O O   . GLY A 1 20  ? 3.334   -4.464  13.732  1.00 24.25 ? 20  GLY A O   1 
ATOM   135  N N   . ASP A 1 21  ? 1.943   -3.096  14.843  1.00 18.76 ? 21  ASP A N   1 
ATOM   136  C CA  . ASP A 1 21  ? 0.724   -3.804  14.525  1.00 18.86 ? 21  ASP A CA  1 
ATOM   137  C C   . ASP A 1 21  ? -0.306  -2.794  14.044  1.00 21.07 ? 21  ASP A C   1 
ATOM   138  O O   . ASP A 1 21  ? -0.018  -1.579  14.004  1.00 22.14 ? 21  ASP A O   1 
ATOM   139  C CB  . ASP A 1 21  ? 0.209   -4.500  15.764  1.00 25.52 ? 21  ASP A CB  1 
ATOM   140  C CG  . ASP A 1 21  ? -0.411  -5.822  15.476  1.00 35.12 ? 21  ASP A CG  1 
ATOM   141  O OD1 . ASP A 1 21  ? -1.074  -6.022  14.416  1.00 39.92 ? 21  ASP A OD1 1 
ATOM   142  O OD2 . ASP A 1 21  ? -0.204  -6.677  16.364  1.00 42.59 ? 21  ASP A OD2 1 
ATOM   143  N N   . LEU A 1 22  ? -1.457  -3.295  13.603  1.00 20.00 ? 22  LEU A N   1 
ATOM   144  C CA  . LEU A 1 22  ? -2.577  -2.388  13.293  1.00 22.16 ? 22  LEU A CA  1 
ATOM   145  C C   . LEU A 1 22  ? -3.226  -1.855  14.597  1.00 21.03 ? 22  LEU A C   1 
ATOM   146  O O   . LEU A 1 22  ? -3.204  -2.535  15.660  1.00 21.94 ? 22  LEU A O   1 
ATOM   147  C CB  . LEU A 1 22  ? -3.597  -3.054  12.343  1.00 21.96 ? 22  LEU A CB  1 
ATOM   148  C CG  . LEU A 1 22  ? -3.008  -3.506  10.967  1.00 22.60 ? 22  LEU A CG  1 
ATOM   149  C CD1 . LEU A 1 22  ? -4.117  -4.139  10.176  1.00 27.68 ? 22  LEU A CD1 1 
ATOM   150  C CD2 . LEU A 1 22  ? -2.206  -2.463  10.222  1.00 24.01 ? 22  LEU A CD2 1 
ATOM   151  N N   . PRO A 1 23  ? -3.836  -0.682  14.544  1.00 17.65 ? 23  PRO A N   1 
ATOM   152  C CA  . PRO A 1 23  ? -4.461  -0.101  15.777  1.00 20.60 ? 23  PRO A CA  1 
ATOM   153  C C   . PRO A 1 23  ? -5.728  -0.886  16.192  1.00 22.58 ? 23  PRO A C   1 
ATOM   154  O O   . PRO A 1 23  ? -6.128  -0.793  17.334  1.00 24.64 ? 23  PRO A O   1 
ATOM   155  C CB  . PRO A 1 23  ? -4.832  1.283   15.337  1.00 18.66 ? 23  PRO A CB  1 
ATOM   156  C CG  . PRO A 1 23  ? -3.826  1.605   14.255  1.00 18.35 ? 23  PRO A CG  1 
ATOM   157  C CD  . PRO A 1 23  ? -3.755  0.325   13.501  1.00 16.37 ? 23  PRO A CD  1 
ATOM   158  N N   . TRP A 1 24  ? -6.338  -1.587  15.243  1.00 21.03 ? 24  TRP A N   1 
ATOM   159  C CA  . TRP A 1 24  ? -7.664  -2.232  15.457  1.00 19.59 ? 24  TRP A CA  1 
ATOM   160  C C   . TRP A 1 24  ? -7.462  -3.715  15.456  1.00 22.10 ? 24  TRP A C   1 
ATOM   161  O O   . TRP A 1 24  ? -6.454  -4.214  14.934  1.00 22.96 ? 24  TRP A O   1 
ATOM   162  C CB  . TRP A 1 24  ? -8.671  -1.772  14.354  1.00 17.29 ? 24  TRP A CB  1 
ATOM   163  C CG  . TRP A 1 24  ? -8.011  -1.739  13.005  1.00 18.02 ? 24  TRP A CG  1 
ATOM   164  C CD1 . TRP A 1 24  ? -7.931  -2.736  12.090  1.00 17.36 ? 24  TRP A CD1 1 
ATOM   165  C CD2 . TRP A 1 24  ? -7.417  -0.578  12.353  1.00 15.96 ? 24  TRP A CD2 1 
ATOM   166  N NE1 . TRP A 1 24  ? -7.189  -2.361  10.964  1.00 18.92 ? 24  TRP A NE1 1 
ATOM   167  C CE2 . TRP A 1 24  ? -6.907  -1.048  11.048  1.00 19.30 ? 24  TRP A CE2 1 
ATOM   168  C CE3 . TRP A 1 24  ? -7.232  0.736   12.708  1.00 16.74 ? 24  TRP A CE3 1 
ATOM   169  C CZ2 . TRP A 1 24  ? -6.168  -0.209  10.195  1.00 18.18 ? 24  TRP A CZ2 1 
ATOM   170  C CZ3 . TRP A 1 24  ? -6.558  1.628   11.816  1.00 17.89 ? 24  TRP A CZ3 1 
ATOM   171  C CH2 . TRP A 1 24  ? -6.025  1.136   10.585  1.00 15.21 ? 24  TRP A CH2 1 
ATOM   172  N N   . PRO A 1 25  ? -8.421  -4.455  15.997  1.00 23.93 ? 25  PRO A N   1 
ATOM   173  C CA  . PRO A 1 25  ? -8.297  -5.935  15.895  1.00 26.52 ? 25  PRO A CA  1 
ATOM   174  C C   . PRO A 1 25  ? -8.394  -6.385  14.420  1.00 25.43 ? 25  PRO A C   1 
ATOM   175  O O   . PRO A 1 25  ? -8.834  -5.612  13.614  1.00 24.20 ? 25  PRO A O   1 
ATOM   176  C CB  . PRO A 1 25  ? -9.455  -6.465  16.762  1.00 28.71 ? 25  PRO A CB  1 
ATOM   177  C CG  . PRO A 1 25  ? -10.445 -5.317  16.817  1.00 30.78 ? 25  PRO A CG  1 
ATOM   178  C CD  . PRO A 1 25  ? -9.620  -4.032  16.765  1.00 25.13 ? 25  PRO A CD  1 
ATOM   179  N N   . PRO A 1 26  ? -7.947  -7.606  14.072  1.00 27.28 ? 26  PRO A N   1 
ATOM   180  C CA  . PRO A 1 26  ? -7.875  -8.007  12.660  1.00 27.59 ? 26  PRO A CA  1 
ATOM   181  C C   . PRO A 1 26  ? -9.254  -7.935  12.040  1.00 31.11 ? 26  PRO A C   1 
ATOM   182  O O   . PRO A 1 26  ? -10.257 -8.404  12.625  1.00 26.20 ? 26  PRO A O   1 
ATOM   183  C CB  . PRO A 1 26  ? -7.339  -9.435  12.732  1.00 29.96 ? 26  PRO A CB  1 
ATOM   184  C CG  . PRO A 1 26  ? -6.554  -9.466  14.000  1.00 32.75 ? 26  PRO A CG  1 
ATOM   185  C CD  . PRO A 1 26  ? -7.421  -8.673  14.957  1.00 30.76 ? 26  PRO A CD  1 
ATOM   186  N N   . LEU A 1 27  ? -9.327  -7.257  10.886  1.00 24.41 ? 27  LEU A N   1 
ATOM   187  C CA  . LEU A 1 27  ? -10.553 -7.273  10.103  1.00 24.04 ? 27  LEU A CA  1 
ATOM   188  C C   . LEU A 1 27  ? -10.277 -8.123  8.898   1.00 27.91 ? 27  LEU A C   1 
ATOM   189  O O   . LEU A 1 27  ? -9.560  -7.728  7.931   1.00 26.15 ? 27  LEU A O   1 
ATOM   190  C CB  . LEU A 1 27  ? -10.955 -5.861  9.693   1.00 25.88 ? 27  LEU A CB  1 
ATOM   191  C CG  . LEU A 1 27  ? -10.886 -4.854  10.801  1.00 24.58 ? 27  LEU A CG  1 
ATOM   192  C CD1 . LEU A 1 27  ? -11.040 -3.402  10.296  1.00 27.57 ? 27  LEU A CD1 1 
ATOM   193  C CD2 . LEU A 1 27  ? -11.978 -5.177  11.779  1.00 23.88 ? 27  LEU A CD2 1 
ATOM   194  N N   . ARG A 1 28  ? -10.818 -9.333  8.946   1.00 24.72 ? 28  ARG A N   1 
ATOM   195  C CA  . ARG A 1 28  ? -10.422 -10.422 8.007   1.00 25.68 ? 28  ARG A CA  1 
ATOM   196  C C   . ARG A 1 28  ? -10.738 -10.068 6.553   1.00 21.68 ? 28  ARG A C   1 
ATOM   197  O O   . ARG A 1 28  ? -9.910  -10.242 5.677   1.00 23.25 ? 28  ARG A O   1 
ATOM   198  C CB  . ARG A 1 28  ? -11.263 -11.651 8.432   1.00 33.93 ? 28  ARG A CB  1 
ATOM   199  C CG  . ARG A 1 28  ? -11.361 -12.894 7.581   1.00 43.28 ? 28  ARG A CG  1 
ATOM   200  C CD  . ARG A 1 28  ? -12.075 -13.876 8.521   1.00 52.84 ? 28  ARG A CD  1 
ATOM   201  N NE  . ARG A 1 28  ? -12.268 -15.239 8.025   1.00 71.97 ? 28  ARG A NE  1 
ATOM   202  C CZ  . ARG A 1 28  ? -13.362 -15.979 8.250   1.00 70.54 ? 28  ARG A CZ  1 
ATOM   203  N NH1 . ARG A 1 28  ? -13.431 -17.220 7.761   1.00 70.42 ? 28  ARG A NH1 1 
ATOM   204  N NH2 . ARG A 1 28  ? -14.395 -15.476 8.934   1.00 66.31 ? 28  ARG A NH2 1 
ATOM   205  N N   . ASN A 1 29  ? -11.916 -9.513  6.334   1.00 21.57 ? 29  ASN A N   1 
ATOM   206  C CA  . ASN A 1 29  ? -12.292 -9.105  4.959   1.00 22.52 ? 29  ASN A CA  1 
ATOM   207  C C   . ASN A 1 29  ? -11.546 -7.870  4.463   1.00 20.79 ? 29  ASN A C   1 
ATOM   208  O O   . ASN A 1 29  ? -11.288 -7.756  3.248   1.00 20.16 ? 29  ASN A O   1 
ATOM   209  C CB  . ASN A 1 29  ? -13.793 -8.902  4.816   1.00 24.09 ? 29  ASN A CB  1 
ATOM   210  C CG  . ASN A 1 29  ? -14.540 -10.214 4.978   1.00 32.51 ? 29  ASN A CG  1 
ATOM   211  O OD1 . ASN A 1 29  ? -13.994 -11.300 4.671   1.00 28.26 ? 29  ASN A OD1 1 
ATOM   212  N ND2 . ASN A 1 29  ? -15.769 -10.118 5.440   1.00 29.80 ? 29  ASN A ND2 1 
ATOM   213  N N   . GLU A 1 30  ? -11.151 -6.999  5.384   1.00 20.04 ? 30  GLU A N   1 
ATOM   214  C CA  . GLU A 1 30  ? -10.329 -5.855  4.984   1.00 20.54 ? 30  GLU A CA  1 
ATOM   215  C C   . GLU A 1 30  ? -8.979  -6.318  4.481   1.00 19.74 ? 30  GLU A C   1 
ATOM   216  O O   . GLU A 1 30  ? -8.462  -5.865  3.488   1.00 17.88 ? 30  GLU A O   1 
ATOM   217  C CB  . GLU A 1 30  ? -10.263 -4.866  6.110   1.00 18.31 ? 30  GLU A CB  1 
ATOM   218  C CG  . GLU A 1 30  ? -9.995  -3.423  5.640   1.00 17.14 ? 30  GLU A CG  1 
ATOM   219  C CD  . GLU A 1 30  ? -8.581  -3.144  5.082   1.00 20.62 ? 30  GLU A CD  1 
ATOM   220  O OE1 . GLU A 1 30  ? -8.517  -2.387  4.073   1.00 19.06 ? 30  GLU A OE1 1 
ATOM   221  O OE2 . GLU A 1 30  ? -7.521  -3.574  5.612   1.00 17.02 ? 30  GLU A OE2 1 
ATOM   222  N N   . PHE A 1 31  ? -8.422  -7.302  5.162   1.00 20.64 ? 31  PHE A N   1 
ATOM   223  C CA  . PHE A 1 31  ? -7.169  -7.816  4.752   1.00 22.51 ? 31  PHE A CA  1 
ATOM   224  C C   . PHE A 1 31  ? -7.340  -8.561  3.394   1.00 21.16 ? 31  PHE A C   1 
ATOM   225  O O   . PHE A 1 31  ? -6.452  -8.507  2.511   1.00 20.63 ? 31  PHE A O   1 
ATOM   226  C CB  . PHE A 1 31  ? -6.595  -8.802  5.824   1.00 27.60 ? 31  PHE A CB  1 
ATOM   227  C CG  . PHE A 1 31  ? -5.195  -9.161  5.526   1.00 36.40 ? 31  PHE A CG  1 
ATOM   228  C CD1 . PHE A 1 31  ? -4.234  -8.131  5.380   1.00 33.01 ? 31  PHE A CD1 1 
ATOM   229  C CD2 . PHE A 1 31  ? -4.820  -10.501 5.239   1.00 36.92 ? 31  PHE A CD2 1 
ATOM   230  C CE1 . PHE A 1 31  ? -2.910  -8.427  5.010   1.00 36.15 ? 31  PHE A CE1 1 
ATOM   231  C CE2 . PHE A 1 31  ? -3.492  -10.786 4.879   1.00 32.45 ? 31  PHE A CE2 1 
ATOM   232  C CZ  . PHE A 1 31  ? -2.533  -9.743  4.782   1.00 33.53 ? 31  PHE A CZ  1 
ATOM   233  N N   . ARG A 1 32  ? -8.455  -9.245  3.254   1.00 19.46 ? 32  ARG A N   1 
ATOM   234  C CA  . ARG A 1 32  ? -8.763  -9.981  1.999   1.00 20.92 ? 32  ARG A CA  1 
ATOM   235  C C   . ARG A 1 32  ? -8.817  -8.964  0.830   1.00 17.84 ? 32  ARG A C   1 
ATOM   236  O O   . ARG A 1 32  ? -8.305  -9.196  -0.262  1.00 17.91 ? 32  ARG A O   1 
ATOM   237  C CB  . ARG A 1 32  ? -10.072 -10.800 2.167   1.00 26.16 ? 32  ARG A CB  1 
ATOM   238  C CG  . ARG A 1 32  ? -9.742  -12.111 2.903   1.00 37.07 ? 32  ARG A CG  1 
ATOM   239  C CD  . ARG A 1 32  ? -10.911 -13.092 3.203   1.00 46.69 ? 32  ARG A CD  1 
ATOM   240  N NE  . ARG A 1 32  ? -10.399 -14.486 3.242   1.00 59.37 ? 32  ARG A NE  1 
ATOM   241  C CZ  . ARG A 1 32  ? -10.105 -15.230 4.323   1.00 67.77 ? 32  ARG A CZ  1 
ATOM   242  N NH1 . ARG A 1 32  ? -9.625  -16.465 4.143   1.00 73.02 ? 32  ARG A NH1 1 
ATOM   243  N NH2 . ARG A 1 32  ? -10.300 -14.788 5.565   1.00 61.78 ? 32  ARG A NH2 1 
ATOM   244  N N   . TYR A 1 33  ? -9.373  -7.787  1.127   1.00 18.14 ? 33  TYR A N   1 
ATOM   245  C CA  . TYR A 1 33  ? -9.470  -6.723  0.085   1.00 17.46 ? 33  TYR A CA  1 
ATOM   246  C C   . TYR A 1 33  ? -8.037  -6.252  -0.270  1.00 17.58 ? 33  TYR A C   1 
ATOM   247  O O   . TYR A 1 33  ? -7.694  -6.100  -1.455  1.00 16.40 ? 33  TYR A O   1 
ATOM   248  C CB  . TYR A 1 33  ? -10.259 -5.584  0.666   1.00 15.92 ? 33  TYR A CB  1 
ATOM   249  C CG  . TYR A 1 33  ? -10.218 -4.301  -0.186  1.00 17.69 ? 33  TYR A CG  1 
ATOM   250  C CD1 . TYR A 1 33  ? -11.038 -4.176  -1.307  1.00 19.09 ? 33  TYR A CD1 1 
ATOM   251  C CD2 . TYR A 1 33  ? -9.410  -3.249  0.157   1.00 18.32 ? 33  TYR A CD2 1 
ATOM   252  C CE1 . TYR A 1 33  ? -11.008 -3.012  -2.083  1.00 17.75 ? 33  TYR A CE1 1 
ATOM   253  C CE2 . TYR A 1 33  ? -9.410  -2.059  -0.618  1.00 15.63 ? 33  TYR A CE2 1 
ATOM   254  C CZ  . TYR A 1 33  ? -10.206 -2.009  -1.734  1.00 16.94 ? 33  TYR A CZ  1 
ATOM   255  O OH  . TYR A 1 33  ? -10.266 -0.870  -2.519  1.00 17.74 ? 33  TYR A OH  1 
ATOM   256  N N   . PHE A 1 34  ? -7.214  -6.007  0.756   1.00 16.81 ? 34  PHE A N   1 
ATOM   257  C CA  . PHE A 1 34  ? -5.846  -5.594  0.549   1.00 15.45 ? 34  PHE A CA  1 
ATOM   258  C C   . PHE A 1 34  ? -5.093  -6.614  -0.351  1.00 16.81 ? 34  PHE A C   1 
ATOM   259  O O   . PHE A 1 34  ? -4.416  -6.230  -1.339  1.00 14.86 ? 34  PHE A O   1 
ATOM   260  C CB  . PHE A 1 34  ? -5.101  -5.467  1.891   1.00 15.38 ? 34  PHE A CB  1 
ATOM   261  C CG  . PHE A 1 34  ? -3.586  -5.433  1.727   1.00 15.38 ? 34  PHE A CG  1 
ATOM   262  C CD1 . PHE A 1 34  ? -2.939  -4.223  1.292   1.00 14.30 ? 34  PHE A CD1 1 
ATOM   263  C CD2 . PHE A 1 34  ? -2.779  -6.566  1.941   1.00 16.99 ? 34  PHE A CD2 1 
ATOM   264  C CE1 . PHE A 1 34  ? -1.566  -4.133  1.156   1.00 14.09 ? 34  PHE A CE1 1 
ATOM   265  C CE2 . PHE A 1 34  ? -1.407  -6.468  1.770   1.00 15.20 ? 34  PHE A CE2 1 
ATOM   266  C CZ  . PHE A 1 34  ? -0.777  -5.283  1.409   1.00 15.70 ? 34  PHE A CZ  1 
ATOM   267  N N   . GLN A 1 35  ? -5.266  -7.889  -0.010  1.00 16.78 ? 35  GLN A N   1 
ATOM   268  C CA  . GLN A 1 35  ? -4.624  -8.961  -0.812  1.00 17.99 ? 35  GLN A CA  1 
ATOM   269  C C   . GLN A 1 35  ? -5.101  -8.957  -2.268  1.00 17.21 ? 35  GLN A C   1 
ATOM   270  O O   . GLN A 1 35  ? -4.296  -9.116  -3.187  1.00 18.27 ? 35  GLN A O   1 
ATOM   271  C CB  . GLN A 1 35  ? -4.992  -10.355 -0.265  1.00 18.47 ? 35  GLN A CB  1 
ATOM   272  C CG  . GLN A 1 35  ? -4.328  -10.679 1.122   1.00 24.09 ? 35  GLN A CG  1 
ATOM   273  C CD  . GLN A 1 35  ? -2.787  -10.912 1.155   1.00 25.08 ? 35  GLN A CD  1 
ATOM   274  O OE1 . GLN A 1 35  ? -1.985  -10.085 0.773   1.00 25.24 ? 35  GLN A OE1 1 
ATOM   275  N NE2 . GLN A 1 35  ? -2.387  -12.016 1.819   1.00 28.42 ? 35  GLN A NE2 1 
ATOM   276  N N   . ARG A 1 36  ? -6.426  -8.897  -2.451  1.00 18.14 ? 36  ARG A N   1 
ATOM   277  C CA  . ARG A 1 36  ? -7.066  -8.978  -3.771  1.00 17.81 ? 36  ARG A CA  1 
ATOM   278  C C   . ARG A 1 36  ? -6.630  -7.787  -4.626  1.00 18.53 ? 36  ARG A C   1 
ATOM   279  O O   . ARG A 1 36  ? -6.178  -7.957  -5.791  1.00 19.62 ? 36  ARG A O   1 
ATOM   280  C CB  . ARG A 1 36  ? -8.558  -9.019  -3.591  1.00 21.46 ? 36  ARG A CB  1 
ATOM   281  C CG  . ARG A 1 36  ? -9.281  -9.053  -4.915  1.00 24.92 ? 36  ARG A CG  1 
ATOM   282  C CD  . ARG A 1 36  ? -10.802 -9.248  -4.740  1.00 23.98 ? 36  ARG A CD  1 
ATOM   283  N NE  . ARG A 1 36  ? -11.531 -8.214  -3.967  1.00 23.71 ? 36  ARG A NE  1 
ATOM   284  C CZ  . ARG A 1 36  ? -11.874 -7.013  -4.465  1.00 24.94 ? 36  ARG A CZ  1 
ATOM   285  N NH1 . ARG A 1 36  ? -11.464 -6.660  -5.708  1.00 24.03 ? 36  ARG A NH1 1 
ATOM   286  N NH2 . ARG A 1 36  ? -12.607 -6.160  -3.698  1.00 26.45 ? 36  ARG A NH2 1 
ATOM   287  N N   . MET A 1 37  ? -6.642  -6.573  -4.034  1.00 16.52 ? 37  MET A N   1 
ATOM   288  C CA  . MET A 1 37  ? -6.278  -5.368  -4.830  1.00 15.83 ? 37  MET A CA  1 
ATOM   289  C C   . MET A 1 37  ? -4.794  -5.351  -5.247  1.00 18.05 ? 37  MET A C   1 
ATOM   290  O O   . MET A 1 37  ? -4.469  -4.988  -6.316  1.00 15.27 ? 37  MET A O   1 
ATOM   291  C CB  . MET A 1 37  ? -6.621  -4.034  -4.128  1.00 17.17 ? 37  MET A CB  1 
ATOM   292  C CG  . MET A 1 37  ? -8.079  -3.867  -3.776  1.00 19.54 ? 37  MET A CG  1 
ATOM   293  S SD  . MET A 1 37  ? -9.145  -3.939  -5.278  1.00 23.54 ? 37  MET A SD  1 
ATOM   294  C CE  . MET A 1 37  ? -8.602  -2.413  -5.940  1.00 20.93 ? 37  MET A CE  1 
ATOM   295  N N   . THR A 1 38  ? -3.883  -5.773  -4.347  1.00 16.78 ? 38  THR A N   1 
ATOM   296  C CA  . THR A 1 38  ? -2.476  -5.711  -4.661  1.00 16.74 ? 38  THR A CA  1 
ATOM   297  C C   . THR A 1 38  ? -2.041  -6.860  -5.538  1.00 16.46 ? 38  THR A C   1 
ATOM   298  O O   . THR A 1 38  ? -1.016  -6.778  -6.162  1.00 18.27 ? 38  THR A O   1 
ATOM   299  C CB  . THR A 1 38  ? -1.610  -5.626  -3.373  1.00 17.04 ? 38  THR A CB  1 
ATOM   300  O OG1 . THR A 1 38  ? -1.955  -6.717  -2.506  1.00 17.86 ? 38  THR A OG1 1 
ATOM   301  C CG2 . THR A 1 38  ? -1.951  -4.250  -2.660  1.00 16.96 ? 38  THR A CG2 1 
ATOM   302  N N   . THR A 1 39  ? -2.784  -7.946  -5.503  1.00 16.62 ? 39  THR A N   1 
ATOM   303  C CA  . THR A 1 39  ? -2.313  -9.188  -6.230  1.00 19.29 ? 39  THR A CA  1 
ATOM   304  C C   . THR A 1 39  ? -2.891  -9.149  -7.694  1.00 20.24 ? 39  THR A C   1 
ATOM   305  O O   . THR A 1 39  ? -2.178  -9.450  -8.673  1.00 22.80 ? 39  THR A O   1 
ATOM   306  C CB  . THR A 1 39  ? -2.812  -10.465 -5.554  1.00 22.34 ? 39  THR A CB  1 
ATOM   307  O OG1 . THR A 1 39  ? -2.349  -10.506 -4.216  1.00 20.81 ? 39  THR A OG1 1 
ATOM   308  C CG2 . THR A 1 39  ? -2.235  -11.730 -6.258  1.00 20.02 ? 39  THR A CG2 1 
ATOM   309  N N   . THR A 1 40  ? -4.111  -8.641  -7.862  1.00 22.68 ? 40  THR A N   1 
ATOM   310  C CA  . THR A 1 40  ? -4.800  -8.736  -9.199  1.00 24.56 ? 40  THR A CA  1 
ATOM   311  C C   . THR A 1 40  ? -4.085  -7.904  -10.254 1.00 22.73 ? 40  THR A C   1 
ATOM   312  O O   . THR A 1 40  ? -3.953  -6.658  -10.160 1.00 22.81 ? 40  THR A O   1 
ATOM   313  C CB  . THR A 1 40  ? -6.251  -8.322  -9.069  1.00 23.98 ? 40  THR A CB  1 
ATOM   314  O OG1 . THR A 1 40  ? -6.813  -9.104  -8.046  1.00 26.84 ? 40  THR A OG1 1 
ATOM   315  C CG2 . THR A 1 40  ? -7.008  -8.613  -10.404 1.00 24.48 ? 40  THR A CG2 1 
ATOM   316  N N   . SER A 1 41  ? -3.582  -8.596  -11.289 1.00 28.23 ? 41  SER A N   1 
ATOM   317  C CA  . SER A 1 41  ? -2.962  -7.900  -12.430 1.00 25.89 ? 41  SER A CA  1 
ATOM   318  C C   . SER A 1 41  ? -3.701  -8.257  -13.718 1.00 39.13 ? 41  SER A C   1 
ATOM   319  O O   . SER A 1 41  ? -3.865  -9.474  -14.009 1.00 36.51 ? 41  SER A O   1 
ATOM   320  C CB  . SER A 1 41  ? -1.489  -8.285  -12.535 1.00 29.16 ? 41  SER A CB  1 
ATOM   321  O OG  . SER A 1 41  ? -0.901  -7.930  -13.794 1.00 31.89 ? 41  SER A OG  1 
ATOM   322  N N   . SER A 1 42  ? -4.129  -7.216  -14.456 1.00 47.69 ? 42  SER A N   1 
ATOM   323  C CA  . SER A 1 42  ? -4.703  -7.351  -15.825 1.00 54.88 ? 42  SER A CA  1 
ATOM   324  C C   . SER A 1 42  ? -3.758  -8.077  -16.791 1.00 53.21 ? 42  SER A C   1 
ATOM   325  O O   . SER A 1 42  ? -4.125  -9.097  -17.407 1.00 57.49 ? 42  SER A O   1 
ATOM   326  C CB  . SER A 1 42  ? -5.021  -5.963  -16.424 1.00 63.37 ? 42  SER A CB  1 
ATOM   327  O OG  . SER A 1 42  ? -6.347  -5.551  -16.150 1.00 63.61 ? 42  SER A OG  1 
ATOM   328  N N   . VAL A 1 43  ? -2.533  -7.546  -16.873 1.00 44.09 ? 43  VAL A N   1 
ATOM   329  C CA  . VAL A 1 43  ? -1.540  -7.904  -17.872 1.00 37.56 ? 43  VAL A CA  1 
ATOM   330  C C   . VAL A 1 43  ? -0.993  -9.340  -17.752 1.00 43.56 ? 43  VAL A C   1 
ATOM   331  O O   . VAL A 1 43  ? -0.304  -9.720  -16.780 1.00 40.12 ? 43  VAL A O   1 
ATOM   332  C CB  . VAL A 1 43  ? -0.404  -6.847  -17.882 1.00 36.32 ? 43  VAL A CB  1 
ATOM   333  C CG1 . VAL A 1 43  ? 0.574   -7.050  -19.037 1.00 32.92 ? 43  VAL A CG1 1 
ATOM   334  C CG2 . VAL A 1 43  ? -1.015  -5.437  -17.848 1.00 37.01 ? 43  VAL A CG2 1 
ATOM   335  N N   . GLU A 1 44  ? -1.286  -10.132 -18.779 1.00 46.13 ? 44  GLU A N   1 
ATOM   336  C CA  . GLU A 1 44  ? -0.850  -11.521 -18.804 1.00 46.71 ? 44  GLU A CA  1 
ATOM   337  C C   . GLU A 1 44  ? 0.719   -11.661 -18.724 1.00 43.19 ? 44  GLU A C   1 
ATOM   338  O O   . GLU A 1 44  ? 1.477   -10.846 -19.345 1.00 36.83 ? 44  GLU A O   1 
ATOM   339  C CB  . GLU A 1 44  ? -1.529  -12.239 -20.021 1.00 60.47 ? 44  GLU A CB  1 
ATOM   340  C CG  . GLU A 1 44  ? -0.661  -13.119 -20.935 1.00 71.22 ? 44  GLU A CG  1 
ATOM   341  C CD  . GLU A 1 44  ? -0.068  -14.348 -20.239 1.00 79.68 ? 44  GLU A CD  1 
ATOM   342  O OE1 . GLU A 1 44  ? -0.727  -14.898 -19.316 1.00 80.26 ? 44  GLU A OE1 1 
ATOM   343  O OE2 . GLU A 1 44  ? 1.068   -14.757 -20.609 1.00 80.89 ? 44  GLU A OE2 1 
ATOM   344  N N   . GLY A 1 45  ? 1.189   -12.653 -17.933 1.00 32.62 ? 45  GLY A N   1 
ATOM   345  C CA  . GLY A 1 45  ? 2.622   -12.880 -17.754 1.00 35.22 ? 45  GLY A CA  1 
ATOM   346  C C   . GLY A 1 45  ? 3.366   -11.819 -16.930 1.00 38.41 ? 45  GLY A C   1 
ATOM   347  O O   . GLY A 1 45  ? 4.608   -11.742 -16.973 1.00 37.32 ? 45  GLY A O   1 
ATOM   348  N N   . LYS A 1 46  ? 2.615   -10.963 -16.220 1.00 32.54 ? 46  LYS A N   1 
ATOM   349  C CA  . LYS A 1 46  ? 3.234   -10.083 -15.244 1.00 27.74 ? 46  LYS A CA  1 
ATOM   350  C C   . LYS A 1 46  ? 2.601   -10.230 -13.844 1.00 26.35 ? 46  LYS A C   1 
ATOM   351  O O   . LYS A 1 46  ? 1.538   -10.834 -13.694 1.00 27.35 ? 46  LYS A O   1 
ATOM   352  C CB  . LYS A 1 46  ? 3.105   -8.640  -15.696 1.00 27.20 ? 46  LYS A CB  1 
ATOM   353  C CG  . LYS A 1 46  ? 3.765   -8.282  -17.009 1.00 31.45 ? 46  LYS A CG  1 
ATOM   354  C CD  . LYS A 1 46  ? 3.529   -6.802  -17.270 1.00 37.38 ? 46  LYS A CD  1 
ATOM   355  C CE  . LYS A 1 46  ? 4.223   -6.400  -18.553 1.00 46.83 ? 46  LYS A CE  1 
ATOM   356  N NZ  . LYS A 1 46  ? 4.501   -4.948  -18.494 1.00 45.15 ? 46  LYS A NZ  1 
ATOM   357  N N   . GLN A 1 47  ? 3.308   -9.677  -12.826 1.00 22.63 ? 47  GLN A N   1 
ATOM   358  C CA  . GLN A 1 47  ? 2.805   -9.606  -11.461 1.00 21.55 ? 47  GLN A CA  1 
ATOM   359  C C   . GLN A 1 47  ? 2.927   -8.140  -11.063 1.00 16.09 ? 47  GLN A C   1 
ATOM   360  O O   . GLN A 1 47  ? 3.710   -7.376  -11.629 1.00 17.43 ? 47  GLN A O   1 
ATOM   361  C CB  . GLN A 1 47  ? 3.709   -10.435 -10.491 1.00 20.89 ? 47  GLN A CB  1 
ATOM   362  C CG  . GLN A 1 47  ? 3.697   -11.944 -10.677 1.00 29.69 ? 47  GLN A CG  1 
ATOM   363  C CD  . GLN A 1 47  ? 4.164   -12.715 -9.413  1.00 29.68 ? 47  GLN A CD  1 
ATOM   364  O OE1 . GLN A 1 47  ? 4.984   -12.222 -8.628  1.00 21.95 ? 47  GLN A OE1 1 
ATOM   365  N NE2 . GLN A 1 47  ? 3.658   -13.961 -9.245  1.00 31.44 ? 47  GLN A NE2 1 
ATOM   366  N N   . ASN A 1 48  ? 2.126   -7.757  -10.088 1.00 16.78 ? 48  ASN A N   1 
ATOM   367  C CA  . ASN A 1 48  ? 2.328   -6.422  -9.466  1.00 14.71 ? 48  ASN A CA  1 
ATOM   368  C C   . ASN A 1 48  ? 3.518   -6.432  -8.483  1.00 15.38 ? 48  ASN A C   1 
ATOM   369  O O   . ASN A 1 48  ? 3.890   -7.552  -7.969  1.00 16.71 ? 48  ASN A O   1 
ATOM   370  C CB  . ASN A 1 48  ? 1.064   -6.082  -8.686  1.00 14.38 ? 48  ASN A CB  1 
ATOM   371  C CG  . ASN A 1 48  ? -0.179  -5.932  -9.558  1.00 15.41 ? 48  ASN A CG  1 
ATOM   372  O OD1 . ASN A 1 48  ? -0.065  -5.684  -10.764 1.00 17.84 ? 48  ASN A OD1 1 
ATOM   373  N ND2 . ASN A 1 48  ? -1.376  -6.142  -8.955  1.00 14.23 ? 48  ASN A ND2 1 
ATOM   374  N N   . LEU A 1 49  ? 4.119   -5.276  -8.227  1.00 15.35 ? 49  LEU A N   1 
ATOM   375  C CA  . LEU A 1 49  ? 5.252   -5.198  -7.313  1.00 16.03 ? 49  LEU A CA  1 
ATOM   376  C C   . LEU A 1 49  ? 4.898   -4.331  -6.114  1.00 15.58 ? 49  LEU A C   1 
ATOM   377  O O   . LEU A 1 49  ? 4.558   -3.158  -6.271  1.00 15.95 ? 49  LEU A O   1 
ATOM   378  C CB  . LEU A 1 49  ? 6.482   -4.637  -8.027  1.00 16.87 ? 49  LEU A CB  1 
ATOM   379  C CG  . LEU A 1 49  ? 7.541   -3.979  -7.139  1.00 17.76 ? 49  LEU A CG  1 
ATOM   380  C CD1 . LEU A 1 49  ? 8.662   -4.958  -6.825  1.00 18.25 ? 49  LEU A CD1 1 
ATOM   381  C CD2 . LEU A 1 49  ? 8.089   -2.722  -7.797  1.00 19.66 ? 49  LEU A CD2 1 
ATOM   382  N N   . VAL A 1 50  ? 4.971   -4.904  -4.917  1.00 15.34 ? 50  VAL A N   1 
ATOM   383  C CA  . VAL A 1 50  ? 4.585   -4.148  -3.708  1.00 13.44 ? 50  VAL A CA  1 
ATOM   384  C C   . VAL A 1 50  ? 5.876   -3.526  -3.157  1.00 14.87 ? 50  VAL A C   1 
ATOM   385  O O   . VAL A 1 50  ? 6.945   -4.186  -3.059  1.00 15.30 ? 50  VAL A O   1 
ATOM   386  C CB  . VAL A 1 50  ? 3.893   -5.023  -2.613  1.00 13.41 ? 50  VAL A CB  1 
ATOM   387  C CG1 . VAL A 1 50  ? 2.530   -5.409  -3.112  1.00 15.08 ? 50  VAL A CG1 1 
ATOM   388  C CG2 . VAL A 1 50  ? 4.624   -6.328  -2.342  1.00 14.53 ? 50  VAL A CG2 1 
ATOM   389  N N   . ILE A 1 51  ? 5.824   -2.259  -2.785  1.00 12.14 ? 51  ILE A N   1 
ATOM   390  C CA  . ILE A 1 51  ? 6.971   -1.599  -2.175  1.00 13.76 ? 51  ILE A CA  1 
ATOM   391  C C   . ILE A 1 51  ? 6.580   -1.246  -0.733  1.00 13.70 ? 51  ILE A C   1 
ATOM   392  O O   . ILE A 1 51  ? 5.481   -0.725  -0.513  1.00 13.04 ? 51  ILE A O   1 
ATOM   393  C CB  . ILE A 1 51  ? 7.226   -0.272  -2.903  1.00 13.30 ? 51  ILE A CB  1 
ATOM   394  C CG1 . ILE A 1 51  ? 7.626   -0.588  -4.353  1.00 13.21 ? 51  ILE A CG1 1 
ATOM   395  C CG2 . ILE A 1 51  ? 8.254   0.611   -2.211  1.00 14.39 ? 51  ILE A CG2 1 
ATOM   396  C CD1 . ILE A 1 51  ? 7.905   0.667   -5.210  1.00 15.10 ? 51  ILE A CD1 1 
ATOM   397  N N   . MET A 1 52  ? 7.489   -1.513  0.233   1.00 13.96 ? 52  MET A N   1 
ATOM   398  C CA  . MET A 1 52  ? 7.162   -1.168  1.652   1.00 13.78 ? 52  MET A CA  1 
ATOM   399  C C   . MET A 1 52  ? 8.444   -0.879  2.374   1.00 13.56 ? 52  MET A C   1 
ATOM   400  O O   . MET A 1 52  ? 9.499   -1.318  1.897   1.00 13.83 ? 52  MET A O   1 
ATOM   401  C CB  . MET A 1 52  ? 6.536   -2.349  2.331   1.00 13.60 ? 52  MET A CB  1 
ATOM   402  C CG  . MET A 1 52  ? 7.439   -3.585  2.446   1.00 15.17 ? 52  MET A CG  1 
ATOM   403  S SD  . MET A 1 52  ? 6.472   -5.047  2.849   1.00 17.93 ? 52  MET A SD  1 
ATOM   404  C CE  . MET A 1 52  ? 5.845   -5.636  1.271   1.00 18.40 ? 52  MET A CE  1 
ATOM   405  N N   . GLY A 1 53  ? 8.324   -0.129  3.447   1.00 12.73 ? 53  GLY A N   1 
ATOM   406  C CA  . GLY A 1 53  ? 9.457   0.187   4.355   1.00 11.63 ? 53  GLY A CA  1 
ATOM   407  C C   . GLY A 1 53  ? 9.776   -1.024  5.155   1.00 12.19 ? 53  GLY A C   1 
ATOM   408  O O   . GLY A 1 53  ? 9.050   -2.030  5.138   1.00 14.49 ? 53  GLY A O   1 
ATOM   409  N N   . LYS A 1 54  ? 10.924  -0.947  5.760   1.00 13.80 ? 54  LYS A N   1 
ATOM   410  C CA  . LYS A 1 54  ? 11.438  -2.119  6.499   1.00 13.85 ? 54  LYS A CA  1 
ATOM   411  C C   . LYS A 1 54  ? 10.524  -2.484  7.687   1.00 14.37 ? 54  LYS A C   1 
ATOM   412  O O   . LYS A 1 54  ? 10.264  -3.683  7.944   1.00 13.34 ? 54  LYS A O   1 
ATOM   413  C CB  . LYS A 1 54  ? 12.803  -1.720  7.047   1.00 15.01 ? 54  LYS A CB  1 
ATOM   414  C CG  . LYS A 1 54  ? 13.438  -2.810  7.913   1.00 14.18 ? 54  LYS A CG  1 
ATOM   415  C CD  . LYS A 1 54  ? 14.840  -2.303  8.316   1.00 14.36 ? 54  LYS A CD  1 
ATOM   416  C CE  . LYS A 1 54  ? 14.762  -1.188  9.369   1.00 15.32 ? 54  LYS A CE  1 
ATOM   417  N NZ  . LYS A 1 54  ? 16.053  -0.724  9.913   1.00 17.75 ? 54  LYS A NZ  1 
ATOM   418  N N   . LYS A 1 55  ? 10.034  -1.481  8.422   1.00 13.44 ? 55  LYS A N   1 
ATOM   419  C CA  . LYS A 1 55  ? 9.159   -1.791  9.525   1.00 15.34 ? 55  LYS A CA  1 
ATOM   420  C C   . LYS A 1 55  ? 7.884   -2.410  9.037   1.00 13.07 ? 55  LYS A C   1 
ATOM   421  O O   . LYS A 1 55  ? 7.330   -3.287  9.705   1.00 14.53 ? 55  LYS A O   1 
ATOM   422  C CB  . LYS A 1 55  ? 8.919   -0.487  10.341  1.00 18.55 ? 55  LYS A CB  1 
ATOM   423  C CG  . LYS A 1 55  ? 8.200   -0.761  11.654  1.00 26.49 ? 55  LYS A CG  1 
ATOM   424  C CD  . LYS A 1 55  ? 8.161   0.513   12.543  1.00 25.83 ? 55  LYS A CD  1 
ATOM   425  C CE  . LYS A 1 55  ? 6.962   0.393   13.481  1.00 30.29 ? 55  LYS A CE  1 
ATOM   426  N NZ  . LYS A 1 55  ? 6.826   1.502   14.440  1.00 26.40 ? 55  LYS A NZ  1 
ATOM   427  N N   . THR A 1 56  ? 7.334   -1.924  7.915   1.00 11.66 ? 56  THR A N   1 
ATOM   428  C CA  . THR A 1 56  ? 6.125   -2.615  7.394   1.00 12.43 ? 56  THR A CA  1 
ATOM   429  C C   . THR A 1 56  ? 6.369   -4.089  7.030   1.00 12.25 ? 56  THR A C   1 
ATOM   430  O O   . THR A 1 56  ? 5.540   -4.962  7.338   1.00 12.07 ? 56  THR A O   1 
ATOM   431  C CB  . THR A 1 56  ? 5.613   -1.820  6.162   1.00 14.50 ? 56  THR A CB  1 
ATOM   432  O OG1 . THR A 1 56  ? 5.237   -0.482  6.588   1.00 16.62 ? 56  THR A OG1 1 
ATOM   433  C CG2 . THR A 1 56  ? 4.432   -2.514  5.533   1.00 13.34 ? 56  THR A CG2 1 
ATOM   434  N N   . TRP A 1 57  ? 7.521   -4.344  6.420   1.00 13.90 ? 57  TRP A N   1 
ATOM   435  C CA  . TRP A 1 57  ? 7.924   -5.684  6.058   1.00 12.71 ? 57  TRP A CA  1 
ATOM   436  C C   . TRP A 1 57  ? 7.990   -6.592  7.251   1.00 14.78 ? 57  TRP A C   1 
ATOM   437  O O   . TRP A 1 57  ? 7.599   -7.776  7.162   1.00 13.35 ? 57  TRP A O   1 
ATOM   438  C CB  . TRP A 1 57  ? 9.272   -5.660  5.345   1.00 13.92 ? 57  TRP A CB  1 
ATOM   439  C CG  . TRP A 1 57  ? 9.878   -7.029  5.153   1.00 14.57 ? 57  TRP A CG  1 
ATOM   440  C CD1 . TRP A 1 57  ? 10.901  -7.617  5.890   1.00 14.95 ? 57  TRP A CD1 1 
ATOM   441  C CD2 . TRP A 1 57  ? 9.513   -8.035  4.142   1.00 13.25 ? 57  TRP A CD2 1 
ATOM   442  N NE1 . TRP A 1 57  ? 11.185  -8.875  5.420   1.00 16.80 ? 57  TRP A NE1 1 
ATOM   443  C CE2 . TRP A 1 57  ? 10.389  -9.185  4.374   1.00 16.00 ? 57  TRP A CE2 1 
ATOM   444  C CE3 . TRP A 1 57  ? 8.587   -8.092  3.112   1.00 13.44 ? 57  TRP A CE3 1 
ATOM   445  C CZ2 . TRP A 1 57  ? 10.321  -10.328 3.597   1.00 16.90 ? 57  TRP A CZ2 1 
ATOM   446  C CZ3 . TRP A 1 57  ? 8.528   -9.251  2.335   1.00 15.20 ? 57  TRP A CZ3 1 
ATOM   447  C CH2 . TRP A 1 57  ? 9.375   -10.340 2.573   1.00 15.65 ? 57  TRP A CH2 1 
ATOM   448  N N   . PHE A 1 58  ? 8.478   -6.084  8.381   1.00 12.18 ? 58  PHE A N   1 
ATOM   449  C CA  . PHE A 1 58  ? 8.598   -6.958  9.590   1.00 15.60 ? 58  PHE A CA  1 
ATOM   450  C C   . PHE A 1 58  ? 7.270   -7.008  10.403  1.00 17.03 ? 58  PHE A C   1 
ATOM   451  O O   . PHE A 1 58  ? 7.095   -7.890  11.318  1.00 18.26 ? 58  PHE A O   1 
ATOM   452  C CB  . PHE A 1 58  ? 9.811   -6.525  10.421  1.00 14.98 ? 58  PHE A CB  1 
ATOM   453  C CG  . PHE A 1 58  ? 11.115  -6.972  9.820   1.00 14.37 ? 58  PHE A CG  1 
ATOM   454  C CD1 . PHE A 1 58  ? 11.438  -8.345  9.862   1.00 13.83 ? 58  PHE A CD1 1 
ATOM   455  C CD2 . PHE A 1 58  ? 11.958  -6.084  9.206   1.00 13.89 ? 58  PHE A CD2 1 
ATOM   456  C CE1 . PHE A 1 58  ? 12.623  -8.750  9.297   1.00 13.95 ? 58  PHE A CE1 1 
ATOM   457  C CE2 . PHE A 1 58  ? 13.162  -6.535  8.579   1.00 15.21 ? 58  PHE A CE2 1 
ATOM   458  C CZ  . PHE A 1 58  ? 13.450  -7.910  8.665   1.00 14.54 ? 58  PHE A CZ  1 
ATOM   459  N N   . SER A 1 59  ? 6.317   -6.159  10.051  1.00 16.38 ? 59  SER A N   1 
ATOM   460  C CA  . SER A 1 59  ? 5.025   -6.175  10.681  1.00 15.81 ? 59  SER A CA  1 
ATOM   461  C C   . SER A 1 59  ? 4.057   -7.242  10.059  1.00 19.73 ? 59  SER A C   1 
ATOM   462  O O   . SER A 1 59  ? 2.972   -7.597  10.607  1.00 20.61 ? 59  SER A O   1 
ATOM   463  C CB  . SER A 1 59  ? 4.425   -4.741  10.582  1.00 17.87 ? 59  SER A CB  1 
ATOM   464  O OG  . SER A 1 59  ? 3.883   -4.558  9.288   1.00 22.65 ? 59  SER A OG  1 
ATOM   465  N N   . ILE A 1 60  ? 4.490   -7.815  8.940   1.00 18.48 ? 60  ILE A N   1 
ATOM   466  C CA  . ILE A 1 60  ? 3.667   -8.844  8.255   1.00 18.65 ? 60  ILE A CA  1 
ATOM   467  C C   . ILE A 1 60  ? 4.096   -10.156 8.882   1.00 21.77 ? 60  ILE A C   1 
ATOM   468  O O   . ILE A 1 60  ? 5.267   -10.357 9.133   1.00 21.30 ? 60  ILE A O   1 
ATOM   469  C CB  . ILE A 1 60  ? 3.983   -8.867  6.720   1.00 19.13 ? 60  ILE A CB  1 
ATOM   470  C CG1 . ILE A 1 60  ? 3.538   -7.566  6.127   1.00 19.83 ? 60  ILE A CG1 1 
ATOM   471  C CG2 . ILE A 1 60  ? 3.106   -9.970  6.092   1.00 18.00 ? 60  ILE A CG2 1 
ATOM   472  C CD1 . ILE A 1 60  ? 4.109   -7.318  4.722   1.00 25.33 ? 60  ILE A CD1 1 
ATOM   473  N N   . PRO A 1 61  ? 3.115   -10.977 9.276   1.00 28.98 ? 61  PRO A N   1 
ATOM   474  C CA  . PRO A 1 61  ? 3.516   -12.195 9.958   1.00 32.41 ? 61  PRO A CA  1 
ATOM   475  C C   . PRO A 1 61  ? 4.348   -13.021 8.978   1.00 33.38 ? 61  PRO A C   1 
ATOM   476  O O   . PRO A 1 61  ? 3.994   -13.089 7.782   1.00 31.57 ? 61  PRO A O   1 
ATOM   477  C CB  . PRO A 1 61  ? 2.181   -12.867 10.301  1.00 35.23 ? 61  PRO A CB  1 
ATOM   478  C CG  . PRO A 1 61  ? 1.141   -11.763 10.310  1.00 34.56 ? 61  PRO A CG  1 
ATOM   479  C CD  . PRO A 1 61  ? 1.684   -10.651 9.434   1.00 32.37 ? 61  PRO A CD  1 
ATOM   480  N N   . GLU A 1 62  ? 5.455   -13.568 9.475   1.00 33.93 ? 62  GLU A N   1 
ATOM   481  C CA  . GLU A 1 62  ? 6.395   -14.404 8.707   1.00 39.74 ? 62  GLU A CA  1 
ATOM   482  C C   . GLU A 1 62  ? 5.716   -15.444 7.817   1.00 36.54 ? 62  GLU A C   1 
ATOM   483  O O   . GLU A 1 62  ? 6.150   -15.700 6.695   1.00 34.07 ? 62  GLU A O   1 
ATOM   484  C CB  . GLU A 1 62  ? 7.381   -15.106 9.651   1.00 42.28 ? 62  GLU A CB  1 
ATOM   485  C CG  . GLU A 1 62  ? 8.705   -15.455 8.987   1.00 43.61 ? 62  GLU A CG  1 
ATOM   486  C CD  . GLU A 1 62  ? 9.672   -16.158 9.944   1.00 53.30 ? 62  GLU A CD  1 
ATOM   487  O OE1 . GLU A 1 62  ? 9.489   -16.056 11.192  1.00 42.09 ? 62  GLU A OE1 1 
ATOM   488  O OE2 . GLU A 1 62  ? 10.625  -16.812 9.439   1.00 53.66 ? 62  GLU A OE2 1 
ATOM   489  N N   . LYS A 1 63  ? 4.654   -16.041 8.324   1.00 41.25 ? 63  LYS A N   1 
ATOM   490  C CA  . LYS A 1 63  ? 3.803   -16.892 7.516   1.00 47.36 ? 63  LYS A CA  1 
ATOM   491  C C   . LYS A 1 63  ? 3.322   -16.194 6.249   1.00 47.54 ? 63  LYS A C   1 
ATOM   492  O O   . LYS A 1 63  ? 3.198   -16.833 5.233   1.00 43.35 ? 63  LYS A O   1 
ATOM   493  C CB  . LYS A 1 63  ? 2.606   -17.494 8.299   1.00 55.88 ? 63  LYS A CB  1 
ATOM   494  C CG  . LYS A 1 63  ? 2.250   -16.846 9.642   1.00 70.27 ? 63  LYS A CG  1 
ATOM   495  C CD  . LYS A 1 63  ? 0.739   -16.859 9.907   1.00 75.42 ? 63  LYS A CD  1 
ATOM   496  C CE  . LYS A 1 63  ? 0.386   -16.138 11.212  1.00 77.20 ? 63  LYS A CE  1 
ATOM   497  N NZ  . LYS A 1 63  ? -0.900  -15.373 11.133  1.00 72.93 ? 63  LYS A NZ  1 
ATOM   498  N N   . ASN A 1 64  ? 3.080   -14.889 6.289   1.00 42.73 ? 64  ASN A N   1 
ATOM   499  C CA  . ASN A 1 64  ? 2.458   -14.212 5.137   1.00 40.16 ? 64  ASN A CA  1 
ATOM   500  C C   . ASN A 1 64  ? 3.479   -13.514 4.248   1.00 33.14 ? 64  ASN A C   1 
ATOM   501  O O   . ASN A 1 64  ? 3.080   -12.805 3.342   1.00 36.65 ? 64  ASN A O   1 
ATOM   502  C CB  . ASN A 1 64  ? 1.394   -13.192 5.596   1.00 45.24 ? 64  ASN A CB  1 
ATOM   503  C CG  . ASN A 1 64  ? 0.198   -13.825 6.314   1.00 53.02 ? 64  ASN A CG  1 
ATOM   504  O OD1 . ASN A 1 64  ? -0.662  -14.425 5.683   1.00 56.52 ? 64  ASN A OD1 1 
ATOM   505  N ND2 . ASN A 1 64  ? 0.117   -13.642 7.642   1.00 52.15 ? 64  ASN A ND2 1 
ATOM   506  N N   . ARG A 1 65  ? 4.767   -13.654 4.533   1.00 30.20 ? 65  ARG A N   1 
ATOM   507  C CA  . ARG A 1 65  ? 5.774   -12.940 3.757   1.00 28.12 ? 65  ARG A CA  1 
ATOM   508  C C   . ARG A 1 65  ? 6.732   -13.920 3.106   1.00 29.75 ? 65  ARG A C   1 
ATOM   509  O O   . ARG A 1 65  ? 7.117   -14.913 3.724   1.00 32.58 ? 65  ARG A O   1 
ATOM   510  C CB  . ARG A 1 65  ? 6.545   -11.964 4.647   1.00 27.10 ? 65  ARG A CB  1 
ATOM   511  C CG  . ARG A 1 65  ? 5.691   -11.277 5.700   1.00 28.01 ? 65  ARG A CG  1 
ATOM   512  C CD  . ARG A 1 65  ? 6.551   -10.634 6.776   1.00 23.51 ? 65  ARG A CD  1 
ATOM   513  N NE  . ARG A 1 65  ? 7.783   -11.382 7.011   1.00 24.41 ? 65  ARG A NE  1 
ATOM   514  C CZ  . ARG A 1 65  ? 8.457   -11.370 8.156   1.00 25.95 ? 65  ARG A CZ  1 
ATOM   515  N NH1 . ARG A 1 65  ? 9.569   -12.081 8.281   1.00 27.08 ? 65  ARG A NH1 1 
ATOM   516  N NH2 . ARG A 1 65  ? 8.021   -10.646 9.178   1.00 26.52 ? 65  ARG A NH2 1 
ATOM   517  N N   . PRO A 1 66  ? 7.120   -13.659 1.861   1.00 21.39 ? 66  PRO A N   1 
ATOM   518  C CA  . PRO A 1 66  ? 6.711   -12.493 1.086   1.00 20.47 ? 66  PRO A CA  1 
ATOM   519  C C   . PRO A 1 66  ? 5.210   -12.554 0.810   1.00 18.00 ? 66  PRO A C   1 
ATOM   520  O O   . PRO A 1 66  ? 4.584   -13.631 0.908   1.00 19.03 ? 66  PRO A O   1 
ATOM   521  C CB  . PRO A 1 66  ? 7.507   -12.672 -0.223  1.00 16.23 ? 66  PRO A CB  1 
ATOM   522  C CG  . PRO A 1 66  ? 7.543   -14.185 -0.343  1.00 17.05 ? 66  PRO A CG  1 
ATOM   523  C CD  . PRO A 1 66  ? 7.810   -14.666 1.048   1.00 19.91 ? 66  PRO A CD  1 
ATOM   524  N N   . LEU A 1 67  ? 4.597   -11.416 0.484   1.00 15.11 ? 67  LEU A N   1 
ATOM   525  C CA  . LEU A 1 67  ? 3.164   -11.397 0.035   1.00 16.77 ? 67  LEU A CA  1 
ATOM   526  C C   . LEU A 1 67  ? 3.082   -12.224 -1.253  1.00 17.30 ? 67  LEU A C   1 
ATOM   527  O O   . LEU A 1 67  ? 3.756   -11.869 -2.222  1.00 17.54 ? 67  LEU A O   1 
ATOM   528  C CB  . LEU A 1 67  ? 2.723   -9.928  -0.195  1.00 16.95 ? 67  LEU A CB  1 
ATOM   529  C CG  . LEU A 1 67  ? 2.868   -9.140  1.127   1.00 17.92 ? 67  LEU A CG  1 
ATOM   530  C CD1 . LEU A 1 67  ? 2.428   -7.675  0.942   1.00 18.65 ? 67  LEU A CD1 1 
ATOM   531  C CD2 . LEU A 1 67  ? 1.807   -9.700  2.005   1.00 18.83 ? 67  LEU A CD2 1 
ATOM   532  N N   . LYS A 1 68  ? 2.367   -13.348 -1.228  1.00 15.95 ? 68  LYS A N   1 
ATOM   533  C CA  . LYS A 1 68  ? 2.433   -14.281 -2.347  1.00 18.81 ? 68  LYS A CA  1 
ATOM   534  C C   . LYS A 1 68  ? 1.865   -13.709 -3.681  1.00 17.14 ? 68  LYS A C   1 
ATOM   535  O O   . LYS A 1 68  ? 0.923   -12.907 -3.690  1.00 20.05 ? 68  LYS A O   1 
ATOM   536  C CB  . LYS A 1 68  ? 1.690   -15.580 -2.023  1.00 23.73 ? 68  LYS A CB  1 
ATOM   537  C CG  . LYS A 1 68  ? 0.324   -15.461 -1.365  1.00 34.62 ? 68  LYS A CG  1 
ATOM   538  C CD  . LYS A 1 68  ? -0.007  -16.733 -0.532  1.00 43.23 ? 68  LYS A CD  1 
ATOM   539  C CE  . LYS A 1 68  ? -1.503  -16.833 -0.131  1.00 44.89 ? 68  LYS A CE  1 
ATOM   540  N NZ  . LYS A 1 68  ? -1.978  -18.242 0.170   1.00 49.32 ? 68  LYS A NZ  1 
ATOM   541  N N   . GLY A 1 69  ? 2.444   -14.107 -4.799  1.00 18.52 ? 69  GLY A N   1 
ATOM   542  C CA  . GLY A 1 69  ? 1.890   -13.708 -6.093  1.00 18.97 ? 69  GLY A CA  1 
ATOM   543  C C   . GLY A 1 69  ? 2.226   -12.272 -6.529  1.00 18.52 ? 69  GLY A C   1 
ATOM   544  O O   . GLY A 1 69  ? 1.724   -11.756 -7.548  1.00 20.82 ? 69  GLY A O   1 
ATOM   545  N N   . ARG A 1 70  ? 3.031   -11.589 -5.700  1.00 15.87 ? 70  ARG A N   1 
ATOM   546  C CA  . ARG A 1 70  ? 3.568   -10.266 -5.982  1.00 15.61 ? 70  ARG A CA  1 
ATOM   547  C C   . ARG A 1 70  ? 5.053   -10.249 -5.771  1.00 15.17 ? 70  ARG A C   1 
ATOM   548  O O   . ARG A 1 70  ? 5.582   -10.972 -4.931  1.00 15.51 ? 70  ARG A O   1 
ATOM   549  C CB  . ARG A 1 70  ? 2.950   -9.267  -4.980  1.00 15.46 ? 70  ARG A CB  1 
ATOM   550  C CG  . ARG A 1 70  ? 1.435   -9.079  -5.205  1.00 16.15 ? 70  ARG A CG  1 
ATOM   551  C CD  . ARG A 1 70  ? 0.712   -8.812  -3.897  1.00 17.59 ? 70  ARG A CD  1 
ATOM   552  N NE  . ARG A 1 70  ? 0.554   -10.059 -3.142  1.00 16.95 ? 70  ARG A NE  1 
ATOM   553  C CZ  . ARG A 1 70  ? -0.192  -10.173 -2.052  1.00 19.86 ? 70  ARG A CZ  1 
ATOM   554  N NH1 . ARG A 1 70  ? -0.720  -9.027  -1.464  1.00 18.05 ? 70  ARG A NH1 1 
ATOM   555  N NH2 . ARG A 1 70  ? -0.298  -11.366 -1.457  1.00 21.05 ? 70  ARG A NH2 1 
ATOM   556  N N   . ILE A 1 71  ? 5.699   -9.369  -6.470  1.00 13.10 ? 71  ILE A N   1 
ATOM   557  C CA  . ILE A 1 71  ? 7.113   -9.119  -6.227  1.00 13.87 ? 71  ILE A CA  1 
ATOM   558  C C   . ILE A 1 71  ? 7.262   -8.175  -5.052  1.00 14.33 ? 71  ILE A C   1 
ATOM   559  O O   . ILE A 1 71  ? 6.659   -7.113  -5.024  1.00 15.82 ? 71  ILE A O   1 
ATOM   560  C CB  . ILE A 1 71  ? 7.808   -8.569  -7.497  1.00 15.55 ? 71  ILE A CB  1 
ATOM   561  C CG1 . ILE A 1 71  ? 7.632   -9.563  -8.666  1.00 15.03 ? 71  ILE A CG1 1 
ATOM   562  C CG2 . ILE A 1 71  ? 9.257   -8.268  -7.274  1.00 16.22 ? 71  ILE A CG2 1 
ATOM   563  C CD1 . ILE A 1 71  ? 7.717   -8.898  -10.091 1.00 18.61 ? 71  ILE A CD1 1 
ATOM   564  N N   . ASN A 1 72  ? 8.112   -8.593  -4.102  1.00 12.81 ? 72  ASN A N   1 
ATOM   565  C CA  . ASN A 1 72  ? 8.214   -7.805  -2.807  1.00 13.36 ? 72  ASN A CA  1 
ATOM   566  C C   . ASN A 1 72  ? 9.494   -7.044  -2.724  1.00 14.14 ? 72  ASN A C   1 
ATOM   567  O O   . ASN A 1 72  ? 10.604  -7.660  -2.692  1.00 14.41 ? 72  ASN A O   1 
ATOM   568  C CB  . ASN A 1 72  ? 8.159   -8.739  -1.577  1.00 13.69 ? 72  ASN A CB  1 
ATOM   569  C CG  . ASN A 1 72  ? 6.760   -9.335  -1.328  1.00 13.72 ? 72  ASN A CG  1 
ATOM   570  O OD1 . ASN A 1 72  ? 6.274   -9.278  -0.157  1.00 15.22 ? 72  ASN A OD1 1 
ATOM   571  N ND2 . ASN A 1 72  ? 6.106   -9.987  -2.367  1.00 14.01 ? 72  ASN A ND2 1 
ATOM   572  N N   . LEU A 1 73  ? 9.394   -5.712  -2.655  1.00 12.63 ? 73  LEU A N   1 
ATOM   573  C CA  . LEU A 1 73  ? 10.542  -4.876  -2.539  1.00 12.33 ? 73  LEU A CA  1 
ATOM   574  C C   . LEU A 1 73  ? 10.532  -4.054  -1.305  1.00 14.61 ? 73  LEU A C   1 
ATOM   575  O O   . LEU A 1 73  ? 9.491   -3.438  -0.972  1.00 14.35 ? 73  LEU A O   1 
ATOM   576  C CB  . LEU A 1 73  ? 10.631  -3.911  -3.794  1.00 12.67 ? 73  LEU A CB  1 
ATOM   577  C CG  . LEU A 1 73  ? 11.802  -2.933  -3.894  1.00 13.93 ? 73  LEU A CG  1 
ATOM   578  C CD1 . LEU A 1 73  ? 12.046  -2.644  -5.402  1.00 15.23 ? 73  LEU A CD1 1 
ATOM   579  C CD2 . LEU A 1 73  ? 11.745  -1.680  -3.046  1.00 14.25 ? 73  LEU A CD2 1 
ATOM   580  N N   . VAL A 1 74  ? 11.612  -4.157  -0.527  1.00 13.20 ? 74  VAL A N   1 
ATOM   581  C CA  . VAL A 1 74  ? 11.735  -3.455  0.793   1.00 13.90 ? 74  VAL A CA  1 
ATOM   582  C C   . VAL A 1 74  ? 12.602  -2.236  0.617   1.00 14.90 ? 74  VAL A C   1 
ATOM   583  O O   . VAL A 1 74  ? 13.680  -2.253  -0.058  1.00 15.45 ? 74  VAL A O   1 
ATOM   584  C CB  . VAL A 1 74  ? 12.318  -4.378  1.877   1.00 12.87 ? 74  VAL A CB  1 
ATOM   585  C CG1 . VAL A 1 74  ? 12.544  -3.603  3.223   1.00 14.92 ? 74  VAL A CG1 1 
ATOM   586  C CG2 . VAL A 1 74  ? 11.407  -5.553  2.084   1.00 13.79 ? 74  VAL A CG2 1 
ATOM   587  N N   . LEU A 1 75  ? 12.241  -1.143  1.265   1.00 13.11 ? 75  LEU A N   1 
ATOM   588  C CA  . LEU A 1 75  ? 13.109  -0.004  1.323   1.00 13.70 ? 75  LEU A CA  1 
ATOM   589  C C   . LEU A 1 75  ? 13.868  0.099   2.640   1.00 14.84 ? 75  LEU A C   1 
ATOM   590  O O   . LEU A 1 75  ? 13.255  0.059   3.717   1.00 14.86 ? 75  LEU A O   1 
ATOM   591  C CB  . LEU A 1 75  ? 12.295  1.326   1.299   1.00 13.73 ? 75  LEU A CB  1 
ATOM   592  C CG  . LEU A 1 75  ? 11.397  1.486   0.067   1.00 15.40 ? 75  LEU A CG  1 
ATOM   593  C CD1 . LEU A 1 75  ? 10.373  2.662   0.038   1.00 18.96 ? 75  LEU A CD1 1 
ATOM   594  C CD2 . LEU A 1 75  ? 12.251  1.583   -1.187  1.00 17.33 ? 75  LEU A CD2 1 
ATOM   595  N N   . SER A 1 76  ? 15.159  0.370   2.521   1.00 13.66 ? 76  SER A N   1 
ATOM   596  C CA  . SER A 1 76  ? 16.039  0.506   3.683   1.00 15.74 ? 76  SER A CA  1 
ATOM   597  C C   . SER A 1 76  ? 17.361  1.061   3.236   1.00 17.54 ? 76  SER A C   1 
ATOM   598  O O   . SER A 1 76  ? 17.921  0.589   2.258   1.00 20.38 ? 76  SER A O   1 
ATOM   599  C CB  . SER A 1 76  ? 16.268  -0.817  4.379   1.00 15.33 ? 76  SER A CB  1 
ATOM   600  O OG  . SER A 1 76  ? 17.102  -0.627  5.531   1.00 16.04 ? 76  SER A OG  1 
ATOM   601  N N   . ARG A 1 77  ? 17.864  2.013   4.024   1.00 18.87 ? 77  ARG A N   1 
ATOM   602  C CA  . ARG A 1 77  ? 19.268  2.448   3.912   1.00 22.85 ? 77  ARG A CA  1 
ATOM   603  C C   . ARG A 1 77  ? 20.211  1.653   4.831   1.00 22.22 ? 77  ARG A C   1 
ATOM   604  O O   . ARG A 1 77  ? 21.445  1.658   4.611   1.00 25.07 ? 77  ARG A O   1 
ATOM   605  C CB  . ARG A 1 77  ? 19.328  3.935   4.177   1.00 23.21 ? 77  ARG A CB  1 
ATOM   606  C CG  . ARG A 1 77  ? 18.533  4.833   3.209   1.00 27.21 ? 77  ARG A CG  1 
ATOM   607  C CD  . ARG A 1 77  ? 19.051  6.263   3.403   1.00 37.02 ? 77  ARG A CD  1 
ATOM   608  N NE  . ARG A 1 77  ? 18.959  7.146   2.235   1.00 49.70 ? 77  ARG A NE  1 
ATOM   609  C CZ  . ARG A 1 77  ? 19.993  7.489   1.444   1.00 55.75 ? 77  ARG A CZ  1 
ATOM   610  N NH1 . ARG A 1 77  ? 21.205  7.019   1.680   1.00 56.29 ? 77  ARG A NH1 1 
ATOM   611  N NH2 . ARG A 1 77  ? 19.822  8.327   0.411   1.00 63.63 ? 77  ARG A NH2 1 
ATOM   612  N N   . GLU A 1 78  ? 19.691  1.000   5.846   1.00 19.06 ? 78  GLU A N   1 
ATOM   613  C CA  . GLU A 1 78  ? 20.557  0.201   6.782   1.00 20.27 ? 78  GLU A CA  1 
ATOM   614  C C   . GLU A 1 78  ? 20.843  -1.201  6.271   1.00 22.03 ? 78  GLU A C   1 
ATOM   615  O O   . GLU A 1 78  ? 21.919  -1.757  6.519   1.00 22.40 ? 78  GLU A O   1 
ATOM   616  C CB  . GLU A 1 78  ? 19.929  0.039   8.151   1.00 21.41 ? 78  GLU A CB  1 
ATOM   617  C CG  . GLU A 1 78  ? 19.889  1.285   9.058   1.00 29.14 ? 78  GLU A CG  1 
ATOM   618  C CD  . GLU A 1 78  ? 19.456  0.933   10.522  1.00 36.19 ? 78  GLU A CD  1 
ATOM   619  O OE1 . GLU A 1 78  ? 18.425  0.293   10.675  1.00 37.32 ? 78  GLU A OE1 1 
ATOM   620  O OE2 . GLU A 1 78  ? 20.148  1.251   11.528  1.00 44.49 ? 78  GLU A OE2 1 
ATOM   621  N N   . LEU A 1 79  ? 19.850  -1.847  5.656   1.00 18.31 ? 79  LEU A N   1 
ATOM   622  C CA  . LEU A 1 79  ? 20.011  -3.211  5.284   1.00 17.43 ? 79  LEU A CA  1 
ATOM   623  C C   . LEU A 1 79  ? 21.003  -3.276  4.083   1.00 18.35 ? 79  LEU A C   1 
ATOM   624  O O   . LEU A 1 79  ? 21.076  -2.365  3.319   1.00 22.79 ? 79  LEU A O   1 
ATOM   625  C CB  . LEU A 1 79  ? 18.675  -3.837  4.835   1.00 16.42 ? 79  LEU A CB  1 
ATOM   626  C CG  . LEU A 1 79  ? 17.576  -3.907  5.933   1.00 15.42 ? 79  LEU A CG  1 
ATOM   627  C CD1 . LEU A 1 79  ? 16.385  -4.634  5.253   1.00 16.66 ? 79  LEU A CD1 1 
ATOM   628  C CD2 . LEU A 1 79  ? 18.081  -4.731  7.117   1.00 16.14 ? 79  LEU A CD2 1 
ATOM   629  N N   . LYS A 1 80  ? 21.766  -4.353  3.988   1.00 23.24 ? 80  LYS A N   1 
ATOM   630  C CA  . LYS A 1 80  ? 22.686  -4.440  2.853   1.00 27.57 ? 80  LYS A CA  1 
ATOM   631  C C   . LYS A 1 80  ? 22.185  -5.489  1.866   1.00 24.03 ? 80  LYS A C   1 
ATOM   632  O O   . LYS A 1 80  ? 22.759  -5.638  0.805   1.00 25.37 ? 80  LYS A O   1 
ATOM   633  C CB  . LYS A 1 80  ? 24.085  -4.786  3.386   1.00 35.99 ? 80  LYS A CB  1 
ATOM   634  C CG  . LYS A 1 80  ? 24.679  -3.654  4.217   1.00 48.77 ? 80  LYS A CG  1 
ATOM   635  C CD  . LYS A 1 80  ? 25.683  -4.124  5.289   1.00 58.79 ? 80  LYS A CD  1 
ATOM   636  C CE  . LYS A 1 80  ? 26.265  -2.934  6.052   1.00 59.23 ? 80  LYS A CE  1 
ATOM   637  N NZ  . LYS A 1 80  ? 26.187  -1.694  5.208   1.00 54.39 ? 80  LYS A NZ  1 
ATOM   638  N N   . GLU A 1 81  ? 21.159  -6.240  2.229   1.00 19.20 ? 81  GLU A N   1 
ATOM   639  C CA  . GLU A 1 81  ? 20.609  -7.157  1.246   1.00 18.57 ? 81  GLU A CA  1 
ATOM   640  C C   . GLU A 1 81  ? 19.118  -7.343  1.589   1.00 18.76 ? 81  GLU A C   1 
ATOM   641  O O   . GLU A 1 81  ? 18.680  -6.928  2.688   1.00 17.41 ? 81  GLU A O   1 
ATOM   642  C CB  . GLU A 1 81  ? 21.394  -8.537  1.303   1.00 19.12 ? 81  GLU A CB  1 
ATOM   643  C CG  . GLU A 1 81  ? 21.127  -9.303  2.581   1.00 21.57 ? 81  GLU A CG  1 
ATOM   644  C CD  . GLU A 1 81  ? 21.820  -10.662 2.571   1.00 24.95 ? 81  GLU A CD  1 
ATOM   645  O OE1 . GLU A 1 81  ? 21.225  -11.588 2.016   1.00 25.10 ? 81  GLU A OE1 1 
ATOM   646  O OE2 . GLU A 1 81  ? 22.958  -10.721 3.058   1.00 27.18 ? 81  GLU A OE2 1 
ATOM   647  N N   . PRO A 1 82  ? 18.293  -7.859  0.629   1.00 18.69 ? 82  PRO A N   1 
ATOM   648  C CA  . PRO A 1 82  ? 16.897  -8.028  1.022   1.00 17.22 ? 82  PRO A CA  1 
ATOM   649  C C   . PRO A 1 82  ? 16.704  -8.923  2.238   1.00 19.45 ? 82  PRO A C   1 
ATOM   650  O O   . PRO A 1 82  ? 17.425  -9.892  2.447   1.00 18.48 ? 82  PRO A O   1 
ATOM   651  C CB  . PRO A 1 82  ? 16.235  -8.665  -0.196  1.00 18.37 ? 82  PRO A CB  1 
ATOM   652  C CG  . PRO A 1 82  ? 17.145  -8.241  -1.352  1.00 20.20 ? 82  PRO A CG  1 
ATOM   653  C CD  . PRO A 1 82  ? 18.519  -8.191  -0.794  1.00 19.86 ? 82  PRO A CD  1 
ATOM   654  N N   . PRO A 1 83  ? 15.697  -8.597  3.073   1.00 16.70 ? 83  PRO A N   1 
ATOM   655  C CA  . PRO A 1 83  ? 15.507  -9.528  4.185   1.00 16.04 ? 83  PRO A CA  1 
ATOM   656  C C   . PRO A 1 83  ? 15.117  -10.896 3.727   1.00 16.43 ? 83  PRO A C   1 
ATOM   657  O O   . PRO A 1 83  ? 14.669  -11.063 2.565   1.00 18.16 ? 83  PRO A O   1 
ATOM   658  C CB  . PRO A 1 83  ? 14.293  -8.955  4.930   1.00 19.20 ? 83  PRO A CB  1 
ATOM   659  C CG  . PRO A 1 83  ? 13.907  -7.713  4.194   1.00 21.83 ? 83  PRO A CG  1 
ATOM   660  C CD  . PRO A 1 83  ? 14.891  -7.365  3.135   1.00 17.33 ? 83  PRO A CD  1 
ATOM   661  N N   . GLN A 1 84  ? 15.276  -11.895 4.618   1.00 15.09 ? 84  GLN A N   1 
ATOM   662  C CA  . GLN A 1 84  ? 14.851  -13.215 4.293   1.00 17.68 ? 84  GLN A CA  1 
ATOM   663  C C   . GLN A 1 84  ? 13.415  -13.256 3.785   1.00 17.04 ? 84  GLN A C   1 
ATOM   664  O O   . GLN A 1 84  ? 12.454  -12.747 4.417   1.00 17.67 ? 84  GLN A O   1 
ATOM   665  C CB  . GLN A 1 84  ? 15.001  -14.065 5.544   1.00 23.12 ? 84  GLN A CB  1 
ATOM   666  C CG  . GLN A 1 84  ? 14.188  -15.361 5.628   1.00 29.83 ? 84  GLN A CG  1 
ATOM   667  C CD  . GLN A 1 84  ? 14.623  -16.212 6.829   1.00 31.61 ? 84  GLN A CD  1 
ATOM   668  O OE1 . GLN A 1 84  ? 14.899  -15.697 7.912   1.00 32.14 ? 84  GLN A OE1 1 
ATOM   669  N NE2 . GLN A 1 84  ? 14.692  -17.522 6.629   1.00 35.42 ? 84  GLN A NE2 1 
ATOM   670  N N   . GLY A 1 85  ? 13.221  -13.872 2.614   1.00 15.30 ? 85  GLY A N   1 
ATOM   671  C CA  . GLY A 1 85  ? 11.905  -13.967 2.023   1.00 15.66 ? 85  GLY A CA  1 
ATOM   672  C C   . GLY A 1 85  ? 11.564  -12.806 1.061   1.00 14.21 ? 85  GLY A C   1 
ATOM   673  O O   . GLY A 1 85  ? 10.675  -13.021 0.172   1.00 17.51 ? 85  GLY A O   1 
ATOM   674  N N   . ALA A 1 86  ? 12.247  -11.648 1.135   1.00 14.50 ? 86  ALA A N   1 
ATOM   675  C CA  . ALA A 1 86  ? 11.951  -10.558 0.212   1.00 16.85 ? 86  ALA A CA  1 
ATOM   676  C C   . ALA A 1 86  ? 12.680  -10.768 -1.137  1.00 16.31 ? 86  ALA A C   1 
ATOM   677  O O   . ALA A 1 86  ? 13.691  -11.504 -1.210  1.00 19.17 ? 86  ALA A O   1 
ATOM   678  C CB  . ALA A 1 86  ? 12.460  -9.225  0.807   1.00 16.55 ? 86  ALA A CB  1 
ATOM   679  N N   . HIS A 1 87  ? 12.251  -10.030 -2.142  1.00 14.41 ? 87  HIS A N   1 
ATOM   680  C CA  . HIS A 1 87  ? 12.894  -10.172 -3.446  1.00 16.44 ? 87  HIS A CA  1 
ATOM   681  C C   . HIS A 1 87  ? 13.879  -9.150  -3.801  1.00 17.37 ? 87  HIS A C   1 
ATOM   682  O O   . HIS A 1 87  ? 14.910  -9.447  -4.470  1.00 17.47 ? 87  HIS A O   1 
ATOM   683  C CB  . HIS A 1 87  ? 11.830  -10.208 -4.579  1.00 15.02 ? 87  HIS A CB  1 
ATOM   684  C CG  . HIS A 1 87  ? 10.775  -11.200 -4.333  1.00 15.91 ? 87  HIS A CG  1 
ATOM   685  N ND1 . HIS A 1 87  ? 11.032  -12.545 -4.052  1.00 17.36 ? 87  HIS A ND1 1 
ATOM   686  C CD2 . HIS A 1 87  ? 9.405   -11.052 -4.344  1.00 13.54 ? 87  HIS A CD2 1 
ATOM   687  C CE1 . HIS A 1 87  ? 9.856   -13.140 -3.879  1.00 13.15 ? 87  HIS A CE1 1 
ATOM   688  N NE2 . HIS A 1 87  ? 8.880   -12.200 -3.993  1.00 21.20 ? 87  HIS A NE2 1 
ATOM   689  N N   . PHE A 1 88  ? 13.648  -7.913  -3.364  1.00 15.36 ? 88  PHE A N   1 
ATOM   690  C CA  . PHE A 1 88  ? 14.451  -6.751  -3.813  1.00 15.25 ? 88  PHE A CA  1 
ATOM   691  C C   . PHE A 1 88  ? 14.623  -5.800  -2.615  1.00 18.21 ? 88  PHE A C   1 
ATOM   692  O O   . PHE A 1 88  ? 13.737  -5.783  -1.691  1.00 15.22 ? 88  PHE A O   1 
ATOM   693  C CB  . PHE A 1 88  ? 13.824  -6.016  -5.006  1.00 17.16 ? 88  PHE A CB  1 
ATOM   694  C CG  . PHE A 1 88  ? 13.882  -6.800  -6.302  1.00 17.70 ? 88  PHE A CG  1 
ATOM   695  C CD1 . PHE A 1 88  ? 15.054  -6.849  -7.060  1.00 20.65 ? 88  PHE A CD1 1 
ATOM   696  C CD2 . PHE A 1 88  ? 12.789  -7.553  -6.679  1.00 16.21 ? 88  PHE A CD2 1 
ATOM   697  C CE1 . PHE A 1 88  ? 15.082  -7.647  -8.251  1.00 20.48 ? 88  PHE A CE1 1 
ATOM   698  C CE2 . PHE A 1 88  ? 12.809  -8.334  -7.837  1.00 19.35 ? 88  PHE A CE2 1 
ATOM   699  C CZ  . PHE A 1 88  ? 13.940  -8.372  -8.599  1.00 18.48 ? 88  PHE A CZ  1 
ATOM   700  N N   . LEU A 1 89  ? 15.705  -5.005  -2.646  1.00 16.91 ? 89  LEU A N   1 
ATOM   701  C CA  . LEU A 1 89  ? 15.985  -3.959  -1.661  1.00 17.29 ? 89  LEU A CA  1 
ATOM   702  C C   . LEU A 1 89  ? 16.342  -2.706  -2.427  1.00 18.23 ? 89  LEU A C   1 
ATOM   703  O O   . LEU A 1 89  ? 17.209  -2.713  -3.319  1.00 19.66 ? 89  LEU A O   1 
ATOM   704  C CB  . LEU A 1 89  ? 17.136  -4.402  -0.735  1.00 16.95 ? 89  LEU A CB  1 
ATOM   705  C CG  . LEU A 1 89  ? 17.830  -3.320  0.117   1.00 19.84 ? 89  LEU A CG  1 
ATOM   706  C CD1 . LEU A 1 89  ? 16.975  -2.742  1.253   1.00 17.92 ? 89  LEU A CD1 1 
ATOM   707  C CD2 . LEU A 1 89  ? 19.064  -3.974  0.735   1.00 18.31 ? 89  LEU A CD2 1 
ATOM   708  N N   . SER A 1 90  ? 15.797  -1.578  -2.036  1.00 17.45 ? 90  SER A N   1 
ATOM   709  C CA  . SER A 1 90  ? 16.245  -0.259  -2.558  1.00 17.40 ? 90  SER A CA  1 
ATOM   710  C C   . SER A 1 90  ? 16.421  0.750   -1.418  1.00 20.04 ? 90  SER A C   1 
ATOM   711  O O   . SER A 1 90  ? 15.782  0.617   -0.375  1.00 19.18 ? 90  SER A O   1 
ATOM   712  C CB  . SER A 1 90  ? 15.250  0.348   -3.546  1.00 19.64 ? 90  SER A CB  1 
ATOM   713  O OG  . SER A 1 90  ? 14.985  -0.503  -4.602  1.00 19.49 ? 90  SER A OG  1 
ATOM   714  N N   . ARG A 1 91  ? 17.255  1.767   -1.653  1.00 19.41 ? 91  ARG A N   1 
ATOM   715  C CA  . ARG A 1 91  ? 17.618  2.765   -0.673  1.00 23.62 ? 91  ARG A CA  1 
ATOM   716  C C   . ARG A 1 91  ? 16.684  3.930   -0.691  1.00 25.43 ? 91  ARG A C   1 
ATOM   717  O O   . ARG A 1 91  ? 16.821  4.823   0.127   1.00 30.59 ? 91  ARG A O   1 
ATOM   718  C CB  . ARG A 1 91  ? 19.097  3.196   -0.909  1.00 25.75 ? 91  ARG A CB  1 
ATOM   719  C CG  . ARG A 1 91  ? 20.018  1.983   -0.725  1.00 28.51 ? 91  ARG A CG  1 
ATOM   720  C CD  . ARG A 1 91  ? 21.540  2.192   -0.745  1.00 40.89 ? 91  ARG A CD  1 
ATOM   721  N NE  . ARG A 1 91  ? 22.039  2.798   0.491   1.00 48.94 ? 91  ARG A NE  1 
ATOM   722  C CZ  . ARG A 1 91  ? 22.004  4.100   0.716   1.00 45.06 ? 91  ARG A CZ  1 
ATOM   723  N NH1 . ARG A 1 91  ? 21.516  4.917   -0.227  1.00 50.29 ? 91  ARG A NH1 1 
ATOM   724  N NH2 . ARG A 1 91  ? 22.464  4.575   1.856   1.00 44.90 ? 91  ARG A NH2 1 
ATOM   725  N N   . SER A 1 92  ? 15.814  4.019   -1.704  1.00 24.67 ? 92  SER A N   1 
ATOM   726  C CA  . SER A 1 92  ? 14.837  5.103   -1.759  1.00 25.97 ? 92  SER A CA  1 
ATOM   727  C C   . SER A 1 92  ? 13.705  4.694   -2.652  1.00 24.24 ? 92  SER A C   1 
ATOM   728  O O   . SER A 1 92  ? 13.841  3.794   -3.503  1.00 21.56 ? 92  SER A O   1 
ATOM   729  C CB  . SER A 1 92  ? 15.458  6.404   -2.309  1.00 27.13 ? 92  SER A CB  1 
ATOM   730  O OG  . SER A 1 92  ? 15.765  6.277   -3.680  1.00 27.43 ? 92  SER A OG  1 
ATOM   731  N N   . LEU A 1 93  ? 12.568  5.351   -2.452  1.00 26.03 ? 93  LEU A N   1 
ATOM   732  C CA  . LEU A 1 93  ? 11.465  5.210   -3.413  1.00 23.78 ? 93  LEU A CA  1 
ATOM   733  C C   . LEU A 1 93  ? 11.900  5.466   -4.887  1.00 22.68 ? 93  LEU A C   1 
ATOM   734  O O   . LEU A 1 93  ? 11.532  4.705   -5.777  1.00 21.60 ? 93  LEU A O   1 
ATOM   735  C CB  . LEU A 1 93  ? 10.344  6.163   -3.049  1.00 23.30 ? 93  LEU A CB  1 
ATOM   736  C CG  . LEU A 1 93  ? 9.129   6.035   -4.014  1.00 25.47 ? 93  LEU A CG  1 
ATOM   737  C CD1 . LEU A 1 93  ? 8.667   4.611   -4.015  1.00 23.83 ? 93  LEU A CD1 1 
ATOM   738  C CD2 . LEU A 1 93  ? 8.025   7.007   -3.565  1.00 26.20 ? 93  LEU A CD2 1 
ATOM   739  N N   . ASP A 1 94  ? 12.636  6.560   -5.123  1.00 24.75 ? 94  ASP A N   1 
ATOM   740  C CA  . ASP A 1 94  ? 13.015  6.874   -6.490  1.00 27.91 ? 94  ASP A CA  1 
ATOM   741  C C   . ASP A 1 94  ? 13.891  5.775   -7.035  1.00 22.53 ? 94  ASP A C   1 
ATOM   742  O O   . ASP A 1 94  ? 13.753  5.405   -8.184  1.00 23.84 ? 94  ASP A O   1 
ATOM   743  C CB  . ASP A 1 94  ? 13.797  8.192   -6.570  1.00 34.89 ? 94  ASP A CB  1 
ATOM   744  C CG  . ASP A 1 94  ? 12.912  9.397   -6.483  1.00 43.25 ? 94  ASP A CG  1 
ATOM   745  O OD1 . ASP A 1 94  ? 11.643  9.298   -6.419  1.00 39.79 ? 94  ASP A OD1 1 
ATOM   746  O OD2 . ASP A 1 94  ? 13.525  10.479  -6.471  1.00 50.85 ? 94  ASP A OD2 1 
ATOM   747  N N   . ASP A 1 95  ? 14.788  5.233   -6.201  1.00 24.18 ? 95  ASP A N   1 
ATOM   748  C CA  . ASP A 1 95  ? 15.553  4.115   -6.679  1.00 25.20 ? 95  ASP A CA  1 
ATOM   749  C C   . ASP A 1 95  ? 14.702  2.972   -7.011  1.00 24.63 ? 95  ASP A C   1 
ATOM   750  O O   . ASP A 1 95  ? 14.931  2.343   -8.006  1.00 23.81 ? 95  ASP A O   1 
ATOM   751  C CB  . ASP A 1 95  ? 16.656  3.641   -5.693  1.00 23.00 ? 95  ASP A CB  1 
ATOM   752  C CG  . ASP A 1 95  ? 17.779  4.678   -5.537  1.00 27.55 ? 95  ASP A CG  1 
ATOM   753  O OD1 . ASP A 1 95  ? 17.750  5.721   -6.249  1.00 30.25 ? 95  ASP A OD1 1 
ATOM   754  O OD2 . ASP A 1 95  ? 18.664  4.458   -4.684  1.00 25.57 ? 95  ASP A OD2 1 
ATOM   755  N N   . ALA A 1 96  ? 13.723  2.628   -6.143  1.00 20.42 ? 96  ALA A N   1 
ATOM   756  C CA  . ALA A 1 96  ? 12.870  1.526   -6.435  1.00 17.86 ? 96  ALA A CA  1 
ATOM   757  C C   . ALA A 1 96  ? 12.120  1.717   -7.770  1.00 18.96 ? 96  ALA A C   1 
ATOM   758  O O   . ALA A 1 96  ? 11.962  0.787   -8.508  1.00 21.06 ? 96  ALA A O   1 
ATOM   759  C CB  . ALA A 1 96  ? 11.845  1.313   -5.302  1.00 17.57 ? 96  ALA A CB  1 
ATOM   760  N N   . LEU A 1 97  ? 11.564  2.904   -8.003  1.00 20.17 ? 97  LEU A N   1 
ATOM   761  C CA  . LEU A 1 97  ? 10.806  3.136   -9.229  1.00 21.67 ? 97  LEU A CA  1 
ATOM   762  C C   . LEU A 1 97  ? 11.756  3.012   -10.443 1.00 23.16 ? 97  LEU A C   1 
ATOM   763  O O   . LEU A 1 97  ? 11.457  2.378   -11.419 1.00 27.20 ? 97  LEU A O   1 
ATOM   764  C CB  . LEU A 1 97  ? 10.062  4.472   -9.154  1.00 23.40 ? 97  LEU A CB  1 
ATOM   765  C CG  . LEU A 1 97  ? 8.973   4.473   -8.037  1.00 26.67 ? 97  LEU A CG  1 
ATOM   766  C CD1 . LEU A 1 97  ? 8.235   5.828   -7.991  1.00 33.26 ? 97  LEU A CD1 1 
ATOM   767  C CD2 . LEU A 1 97  ? 7.963   3.326   -8.138  1.00 27.26 ? 97  LEU A CD2 1 
ATOM   768  N N   . LYS A 1 98  ? 12.941  3.533   -10.328 1.00 24.83 ? 98  LYS A N   1 
ATOM   769  C CA  . LYS A 1 98  ? 13.931  3.365   -11.403 1.00 31.85 ? 98  LYS A CA  1 
ATOM   770  C C   . LYS A 1 98  ? 14.261  1.930   -11.680 1.00 32.07 ? 98  LYS A C   1 
ATOM   771  O O   . LYS A 1 98  ? 14.353  1.560   -12.842 1.00 33.47 ? 98  LYS A O   1 
ATOM   772  C CB  . LYS A 1 98  ? 15.248  4.061   -11.069 1.00 34.87 ? 98  LYS A CB  1 
ATOM   773  C CG  . LYS A 1 98  ? 15.287  5.564   -11.253 1.00 47.15 ? 98  LYS A CG  1 
ATOM   774  C CD  . LYS A 1 98  ? 16.754  5.993   -11.288 1.00 56.62 ? 98  LYS A CD  1 
ATOM   775  C CE  . LYS A 1 98  ? 16.997  7.351   -10.614 1.00 62.71 ? 98  LYS A CE  1 
ATOM   776  N NZ  . LYS A 1 98  ? 16.998  7.280   -9.113  1.00 67.25 ? 98  LYS A NZ  1 
ATOM   777  N N   . LEU A 1 99  ? 14.435  1.095   -10.638 1.00 27.68 ? 99  LEU A N   1 
ATOM   778  C CA  . LEU A 1 99  ? 14.698  -0.358  -10.799 1.00 28.26 ? 99  LEU A CA  1 
ATOM   779  C C   . LEU A 1 99  ? 13.665  -1.033  -11.653 1.00 29.78 ? 99  LEU A C   1 
ATOM   780  O O   . LEU A 1 99  ? 13.925  -1.945  -12.454 1.00 30.61 ? 99  LEU A O   1 
ATOM   781  C CB  . LEU A 1 99  ? 14.645  -1.051  -9.421  1.00 26.73 ? 99  LEU A CB  1 
ATOM   782  C CG  . LEU A 1 99  ? 15.567  -2.141  -8.883  1.00 35.81 ? 99  LEU A CG  1 
ATOM   783  C CD1 . LEU A 1 99  ? 14.821  -3.090  -7.953  1.00 33.61 ? 99  LEU A CD1 1 
ATOM   784  C CD2 . LEU A 1 99  ? 16.350  -2.857  -9.975  1.00 34.49 ? 99  LEU A CD2 1 
ATOM   785  N N   . THR A 1 100 ? 12.442  -0.575  -11.500 1.00 33.31 ? 100 THR A N   1 
ATOM   786  C CA  . THR A 1 100 ? 11.292  -1.139  -12.169 1.00 32.43 ? 100 THR A CA  1 
ATOM   787  C C   . THR A 1 100 ? 11.466  -0.956  -13.691 1.00 37.65 ? 100 THR A C   1 
ATOM   788  O O   . THR A 1 100 ? 11.026  -1.774  -14.473 1.00 42.21 ? 100 THR A O   1 
ATOM   789  C CB  . THR A 1 100 ? 10.055  -0.451  -11.462 1.00 38.73 ? 100 THR A CB  1 
ATOM   790  O OG1 . THR A 1 100 ? 9.152   -1.393  -10.870 1.00 38.46 ? 100 THR A OG1 1 
ATOM   791  C CG2 . THR A 1 100 ? 9.403   0.696   -12.206 1.00 27.63 ? 100 THR A CG2 1 
ATOM   792  N N   . GLU A 1 101 ? 12.205  0.070   -14.083 1.00 42.31 ? 101 GLU A N   1 
ATOM   793  C CA  . GLU A 1 101 ? 12.574  0.325   -15.500 1.00 48.03 ? 101 GLU A CA  1 
ATOM   794  C C   . GLU A 1 101 ? 13.808  -0.475  -15.984 1.00 45.88 ? 101 GLU A C   1 
ATOM   795  O O   . GLU A 1 101 ? 13.998  -0.624  -17.157 1.00 50.16 ? 101 GLU A O   1 
ATOM   796  C CB  . GLU A 1 101 ? 12.730  1.850   -15.793 1.00 47.80 ? 101 GLU A CB  1 
ATOM   797  C CG  . GLU A 1 101 ? 11.471  2.701   -15.541 1.00 50.33 ? 101 GLU A CG  1 
ATOM   798  C CD  . GLU A 1 101 ? 10.241  2.286   -16.397 1.00 58.52 ? 101 GLU A CD  1 
ATOM   799  O OE1 . GLU A 1 101 ? 10.429  1.766   -17.534 1.00 59.71 ? 101 GLU A OE1 1 
ATOM   800  O OE2 . GLU A 1 101 ? 9.067   2.487   -15.958 1.00 48.70 ? 101 GLU A OE2 1 
ATOM   801  N N   . GLN A 1 102 ? 14.623  -1.020  -15.090 1.00 45.99 ? 102 GLN A N   1 
ATOM   802  C CA  . GLN A 1 102 ? 15.754  -1.859  -15.516 1.00 46.86 ? 102 GLN A CA  1 
ATOM   803  C C   . GLN A 1 102 ? 15.316  -3.115  -16.274 1.00 51.73 ? 102 GLN A C   1 
ATOM   804  O O   . GLN A 1 102 ? 14.172  -3.533  -16.168 1.00 47.10 ? 102 GLN A O   1 
ATOM   805  C CB  . GLN A 1 102 ? 16.607  -2.311  -14.301 1.00 47.88 ? 102 GLN A CB  1 
ATOM   806  C CG  . GLN A 1 102 ? 17.258  -1.172  -13.519 1.00 50.29 ? 102 GLN A CG  1 
ATOM   807  C CD  . GLN A 1 102 ? 18.303  -0.452  -14.335 1.00 59.00 ? 102 GLN A CD  1 
ATOM   808  O OE1 . GLN A 1 102 ? 19.456  -0.908  -14.453 1.00 64.45 ? 102 GLN A OE1 1 
ATOM   809  N NE2 . GLN A 1 102 ? 17.908  0.666   -14.921 1.00 53.28 ? 102 GLN A NE2 1 
ATOM   810  N N   . PRO A 1 103 ? 16.246  -3.723  -17.032 1.00 54.52 ? 103 PRO A N   1 
ATOM   811  C CA  . PRO A 1 103 ? 16.031  -5.014  -17.676 1.00 53.37 ? 103 PRO A CA  1 
ATOM   812  C C   . PRO A 1 103 ? 15.505  -6.123  -16.751 1.00 48.11 ? 103 PRO A C   1 
ATOM   813  O O   . PRO A 1 103 ? 14.653  -6.924  -17.166 1.00 41.90 ? 103 PRO A O   1 
ATOM   814  C CB  . PRO A 1 103 ? 17.448  -5.391  -18.174 1.00 58.71 ? 103 PRO A CB  1 
ATOM   815  C CG  . PRO A 1 103 ? 18.393  -4.441  -17.490 1.00 59.26 ? 103 PRO A CG  1 
ATOM   816  C CD  . PRO A 1 103 ? 17.577  -3.184  -17.360 1.00 55.91 ? 103 PRO A CD  1 
ATOM   817  N N   . GLU A 1 104 ? 16.027  -6.215  -15.528 1.00 46.44 ? 104 GLU A N   1 
ATOM   818  C CA  . GLU A 1 104 ? 15.567  -7.280  -14.601 1.00 49.19 ? 104 GLU A CA  1 
ATOM   819  C C   . GLU A 1 104 ? 14.027  -7.275  -14.396 1.00 47.38 ? 104 GLU A C   1 
ATOM   820  O O   . GLU A 1 104 ? 13.450  -8.333  -14.187 1.00 54.53 ? 104 GLU A O   1 
ATOM   821  C CB  . GLU A 1 104 ? 16.281  -7.221  -13.223 1.00 44.32 ? 104 GLU A CB  1 
ATOM   822  C CG  . GLU A 1 104 ? 17.578  -6.441  -13.248 1.00 48.85 ? 104 GLU A CG  1 
ATOM   823  C CD  . GLU A 1 104 ? 18.087  -6.050  -11.863 1.00 56.64 ? 104 GLU A CD  1 
ATOM   824  O OE1 . GLU A 1 104 ? 18.519  -4.871  -11.746 1.00 48.52 ? 104 GLU A OE1 1 
ATOM   825  O OE2 . GLU A 1 104 ? 18.054  -6.904  -10.918 1.00 52.72 ? 104 GLU A OE2 1 
ATOM   826  N N   . LEU A 1 105 ? 13.375  -6.108  -14.460 1.00 39.86 ? 105 LEU A N   1 
ATOM   827  C CA  . LEU A 1 105 ? 11.986  -5.972  -13.993 1.00 38.43 ? 105 LEU A CA  1 
ATOM   828  C C   . LEU A 1 105 ? 11.058  -5.332  -15.016 1.00 40.06 ? 105 LEU A C   1 
ATOM   829  O O   . LEU A 1 105 ? 9.815   -5.341  -14.854 1.00 37.77 ? 105 LEU A O   1 
ATOM   830  C CB  . LEU A 1 105 ? 11.931  -5.175  -12.674 1.00 34.23 ? 105 LEU A CB  1 
ATOM   831  C CG  . LEU A 1 105 ? 12.299  -5.975  -11.392 1.00 31.09 ? 105 LEU A CG  1 
ATOM   832  C CD1 . LEU A 1 105 ? 12.261  -5.123  -10.151 1.00 33.85 ? 105 LEU A CD1 1 
ATOM   833  C CD2 . LEU A 1 105 ? 11.431  -7.217  -11.226 1.00 32.94 ? 105 LEU A CD2 1 
ATOM   834  N N   . ALA A 1 106 ? 11.677  -4.741  -16.043 1.00 45.16 ? 106 ALA A N   1 
ATOM   835  C CA  . ALA A 1 106 ? 10.933  -3.889  -17.000 1.00 47.48 ? 106 ALA A CA  1 
ATOM   836  C C   . ALA A 1 106 ? 9.727   -4.613  -17.606 1.00 42.11 ? 106 ALA A C   1 
ATOM   837  O O   . ALA A 1 106 ? 8.666   -4.046  -17.746 1.00 39.96 ? 106 ALA A O   1 
ATOM   838  C CB  . ALA A 1 106 ? 11.862  -3.353  -18.088 1.00 50.86 ? 106 ALA A CB  1 
ATOM   839  N N   . ASN A 1 107 ? 9.881   -5.888  -17.909 1.00 35.97 ? 107 ASN A N   1 
ATOM   840  C CA  . ASN A 1 107 ? 8.790   -6.600  -18.504 1.00 32.41 ? 107 ASN A CA  1 
ATOM   841  C C   . ASN A 1 107 ? 8.079   -7.540  -17.589 1.00 33.09 ? 107 ASN A C   1 
ATOM   842  O O   . ASN A 1 107 ? 7.219   -8.333  -18.071 1.00 32.97 ? 107 ASN A O   1 
ATOM   843  C CB  . ASN A 1 107 ? 9.301   -7.334  -19.746 1.00 41.86 ? 107 ASN A CB  1 
ATOM   844  C CG  . ASN A 1 107 ? 10.069  -6.388  -20.681 1.00 47.39 ? 107 ASN A CG  1 
ATOM   845  O OD1 . ASN A 1 107 ? 11.288  -6.509  -20.851 1.00 59.89 ? 107 ASN A OD1 1 
ATOM   846  N ND2 . ASN A 1 107 ? 9.368   -5.395  -21.229 1.00 44.63 ? 107 ASN A ND2 1 
ATOM   847  N N   . LYS A 1 108 ? 8.437   -7.500  -16.300 1.00 26.71 ? 108 LYS A N   1 
ATOM   848  C CA  . LYS A 1 108 ? 7.826   -8.411  -15.307 1.00 28.41 ? 108 LYS A CA  1 
ATOM   849  C C   . LYS A 1 108 ? 6.747   -7.759  -14.457 1.00 24.10 ? 108 LYS A C   1 
ATOM   850  O O   . LYS A 1 108 ? 5.913   -8.463  -13.879 1.00 26.23 ? 108 LYS A O   1 
ATOM   851  C CB  . LYS A 1 108 ? 8.880   -9.017  -14.371 1.00 28.86 ? 108 LYS A CB  1 
ATOM   852  C CG  . LYS A 1 108 ? 9.678   -10.119 -15.101 1.00 34.18 ? 108 LYS A CG  1 
ATOM   853  C CD  . LYS A 1 108 ? 10.977  -10.432 -14.355 1.00 38.77 ? 108 LYS A CD  1 
ATOM   854  C CE  . LYS A 1 108 ? 11.698  -11.545 -15.101 1.00 40.88 ? 108 LYS A CE  1 
ATOM   855  N NZ  . LYS A 1 108 ? 12.428  -11.040 -16.300 1.00 45.36 ? 108 LYS A NZ  1 
ATOM   856  N N   . VAL A 1 109 ? 6.757   -6.446  -14.420 1.00 20.39 ? 109 VAL A N   1 
ATOM   857  C CA  . VAL A 1 109 ? 5.968   -5.721  -13.397 1.00 22.22 ? 109 VAL A CA  1 
ATOM   858  C C   . VAL A 1 109 ? 4.775   -5.057  -14.075 1.00 19.27 ? 109 VAL A C   1 
ATOM   859  O O   . VAL A 1 109 ? 4.968   -4.304  -15.005 1.00 21.74 ? 109 VAL A O   1 
ATOM   860  C CB  . VAL A 1 109 ? 6.806   -4.639  -12.619 1.00 21.63 ? 109 VAL A CB  1 
ATOM   861  C CG1 . VAL A 1 109 ? 5.879   -3.761  -11.771 1.00 20.34 ? 109 VAL A CG1 1 
ATOM   862  C CG2 . VAL A 1 109 ? 7.981   -5.249  -11.812 1.00 20.90 ? 109 VAL A CG2 1 
ATOM   863  N N   . ASP A 1 110 ? 3.582   -5.318  -13.538 1.00 20.80 ? 110 ASP A N   1 
ATOM   864  C CA  . ASP A 1 110 ? 2.340   -4.677  -13.959 1.00 19.98 ? 110 ASP A CA  1 
ATOM   865  C C   . ASP A 1 110 ? 2.071   -3.409  -13.144 1.00 19.30 ? 110 ASP A C   1 
ATOM   866  O O   . ASP A 1 110 ? 2.585   -2.342  -13.479 1.00 22.01 ? 110 ASP A O   1 
ATOM   867  C CB  . ASP A 1 110 ? 1.164   -5.646  -13.831 1.00 21.23 ? 110 ASP A CB  1 
ATOM   868  C CG  . ASP A 1 110 ? -0.122  -5.081  -14.399 1.00 21.45 ? 110 ASP A CG  1 
ATOM   869  O OD1 . ASP A 1 110 ? -0.064  -4.031  -15.073 1.00 24.09 ? 110 ASP A OD1 1 
ATOM   870  O OD2 . ASP A 1 110 ? -1.191  -5.687  -14.172 1.00 25.74 ? 110 ASP A OD2 1 
ATOM   871  N N   . MET A 1 111 ? 1.293   -3.491  -12.069 1.00 19.29 ? 111 MET A N   1 
ATOM   872  C CA  . MET A 1 111 ? 1.028   -2.294  -11.257 1.00 17.07 ? 111 MET A CA  1 
ATOM   873  C C   . MET A 1 111 ? 1.965   -2.202  -10.050 1.00 17.92 ? 111 MET A C   1 
ATOM   874  O O   . MET A 1 111 ? 2.393   -3.233  -9.530  1.00 16.02 ? 111 MET A O   1 
ATOM   875  C CB  . MET A 1 111 ? -0.431  -2.275  -10.793 1.00 19.35 ? 111 MET A CB  1 
ATOM   876  C CG  . MET A 1 111 ? -1.434  -2.604  -11.886 1.00 22.62 ? 111 MET A CG  1 
ATOM   877  S SD  . MET A 1 111 ? -3.132  -2.655  -11.279 1.00 27.88 ? 111 MET A SD  1 
ATOM   878  C CE  . MET A 1 111 ? -3.007  -3.935  -10.033 1.00 27.35 ? 111 MET A CE  1 
ATOM   879  N N   . VAL A 1 112 ? 2.292   -0.990  -9.594  1.00 14.66 ? 112 VAL A N   1 
ATOM   880  C CA  . VAL A 1 112 ? 3.204   -0.891  -8.389  1.00 13.58 ? 112 VAL A CA  1 
ATOM   881  C C   . VAL A 1 112 ? 2.282   -0.409  -7.234  1.00 14.29 ? 112 VAL A C   1 
ATOM   882  O O   . VAL A 1 112 ? 1.549   0.568   -7.461  1.00 15.13 ? 112 VAL A O   1 
ATOM   883  C CB  . VAL A 1 112 ? 4.255   0.186   -8.621  1.00 15.78 ? 112 VAL A CB  1 
ATOM   884  C CG1 . VAL A 1 112 ? 5.085   0.420   -7.365  1.00 15.64 ? 112 VAL A CG1 1 
ATOM   885  C CG2 . VAL A 1 112 ? 5.170   -0.229  -9.780  1.00 16.56 ? 112 VAL A CG2 1 
ATOM   886  N N   . TRP A 1 113 ? 2.344   -1.098  -6.079  1.00 13.29 ? 113 TRP A N   1 
ATOM   887  C CA  . TRP A 1 113 ? 1.487   -0.783  -4.893  1.00 12.29 ? 113 TRP A CA  1 
ATOM   888  C C   . TRP A 1 113 ? 2.350   -0.430  -3.726  1.00 13.04 ? 113 TRP A C   1 
ATOM   889  O O   . TRP A 1 113 ? 3.207   -1.270  -3.397  1.00 14.69 ? 113 TRP A O   1 
ATOM   890  C CB  . TRP A 1 113 ? 0.793   -2.044  -4.565  1.00 11.94 ? 113 TRP A CB  1 
ATOM   891  C CG  . TRP A 1 113 ? -0.389  -2.323  -5.487  1.00 13.73 ? 113 TRP A CG  1 
ATOM   892  C CD1 . TRP A 1 113 ? -0.411  -3.124  -6.638  1.00 16.26 ? 113 TRP A CD1 1 
ATOM   893  C CD2 . TRP A 1 113 ? -1.741  -1.677  -5.416  1.00 14.94 ? 113 TRP A CD2 1 
ATOM   894  N NE1 . TRP A 1 113 ? -1.677  -3.056  -7.261  1.00 15.59 ? 113 TRP A NE1 1 
ATOM   895  C CE2 . TRP A 1 113 ? -2.515  -2.199  -6.564  1.00 16.14 ? 113 TRP A CE2 1 
ATOM   896  C CE3 . TRP A 1 113 ? -2.343  -0.757  -4.555  1.00 16.12 ? 113 TRP A CE3 1 
ATOM   897  C CZ2 . TRP A 1 113 ? -3.850  -1.796  -6.807  1.00 17.11 ? 113 TRP A CZ2 1 
ATOM   898  C CZ3 . TRP A 1 113 ? -3.669  -0.348  -4.833  1.00 15.78 ? 113 TRP A CZ3 1 
ATOM   899  C CH2 . TRP A 1 113 ? -4.424  -0.903  -5.890  1.00 15.72 ? 113 TRP A CH2 1 
ATOM   900  N N   . ILE A 1 114 ? 2.322   0.837   -3.268  1.00 14.66 ? 114 ILE A N   1 
ATOM   901  C CA  . ILE A 1 114 ? 3.073   1.256   -2.068  1.00 15.77 ? 114 ILE A CA  1 
ATOM   902  C C   . ILE A 1 114 ? 2.184   0.928   -0.885  1.00 16.54 ? 114 ILE A C   1 
ATOM   903  O O   . ILE A 1 114 ? 1.026   1.339   -0.838  1.00 14.57 ? 114 ILE A O   1 
ATOM   904  C CB  . ILE A 1 114 ? 3.380   2.770   -2.122  1.00 18.45 ? 114 ILE A CB  1 
ATOM   905  C CG1 . ILE A 1 114 ? 4.425   3.053   -3.242  1.00 20.19 ? 114 ILE A CG1 1 
ATOM   906  C CG2 . ILE A 1 114 ? 3.928   3.274   -0.774  1.00 16.86 ? 114 ILE A CG2 1 
ATOM   907  C CD1 . ILE A 1 114 ? 4.397   4.464   -3.815  1.00 22.53 ? 114 ILE A CD1 1 
ATOM   908  N N   . VAL A 1 115 ? 2.729   0.185   0.073   1.00 13.98 ? 115 VAL A N   1 
ATOM   909  C CA  . VAL A 1 115 ? 1.982   -0.199  1.264   1.00 13.82 ? 115 VAL A CA  1 
ATOM   910  C C   . VAL A 1 115 ? 2.666   0.309   2.528   1.00 14.93 ? 115 VAL A C   1 
ATOM   911  O O   . VAL A 1 115 ? 3.127   -0.476  3.358   1.00 17.68 ? 115 VAL A O   1 
ATOM   912  C CB  . VAL A 1 115 ? 1.811   -1.728  1.355   1.00 14.18 ? 115 VAL A CB  1 
ATOM   913  C CG1 . VAL A 1 115 ? 1.041   -2.248  0.150   1.00 17.56 ? 115 VAL A CG1 1 
ATOM   914  C CG2 . VAL A 1 115 ? 3.167   -2.407  1.464   1.00 15.80 ? 115 VAL A CG2 1 
ATOM   915  N N   . GLY A 1 116 ? 2.730   1.629   2.669   1.00 14.92 ? 116 GLY A N   1 
ATOM   916  C CA  . GLY A 1 116 ? 3.353   2.243   3.827   1.00 16.87 ? 116 GLY A CA  1 
ATOM   917  C C   . GLY A 1 116 ? 4.866   2.325   3.699   1.00 17.45 ? 116 GLY A C   1 
ATOM   918  O O   . GLY A 1 116 ? 5.404   2.061   2.623   1.00 17.00 ? 116 GLY A O   1 
ATOM   919  N N   . GLY A 1 117 ? 5.563   2.688   4.777   1.00 17.06 ? 117 GLY A N   1 
ATOM   920  C CA  . GLY A 1 117 ? 4.954   3.005   6.060   1.00 15.48 ? 117 GLY A CA  1 
ATOM   921  C C   . GLY A 1 117 ? 4.262   4.354   6.055   1.00 15.53 ? 117 GLY A C   1 
ATOM   922  O O   . GLY A 1 117 ? 3.236   4.535   5.400   1.00 14.14 ? 117 GLY A O   1 
ATOM   923  N N   . SER A 1 118 ? 4.828   5.306   6.792   1.00 18.17 ? 118 SER A N   1 
ATOM   924  C CA  . SER A 1 118 ? 4.264   6.648   6.873   1.00 17.37 ? 118 SER A CA  1 
ATOM   925  C C   . SER A 1 118 ? 5.079   7.639   6.050   1.00 19.32 ? 118 SER A C   1 
ATOM   926  O O   . SER A 1 118 ? 4.543   8.619   5.533   1.00 19.27 ? 118 SER A O   1 
ATOM   927  C CB  . SER A 1 118 ? 4.189   7.109   8.330   1.00 23.36 ? 118 SER A CB  1 
ATOM   928  O OG  . SER A 1 118 ? 3.140   6.454   9.020   1.00 32.28 ? 118 SER A OG  1 
ATOM   929  N N   . SER A 1 119 ? 6.377   7.378   5.933   1.00 17.44 ? 119 SER A N   1 
ATOM   930  C CA  . SER A 1 119 ? 7.259   8.238   5.179   1.00 21.37 ? 119 SER A CA  1 
ATOM   931  C C   . SER A 1 119 ? 7.292   7.880   3.693   1.00 20.11 ? 119 SER A C   1 
ATOM   932  O O   . SER A 1 119 ? 7.361   8.781   2.879   1.00 22.45 ? 119 SER A O   1 
ATOM   933  C CB  . SER A 1 119 ? 8.644   8.368   5.831   1.00 24.17 ? 119 SER A CB  1 
ATOM   934  O OG  . SER A 1 119 ? 9.172   7.071   5.745   1.00 33.22 ? 119 SER A OG  1 
ATOM   935  N N   . VAL A 1 120 ? 6.995   6.636   3.347   1.00 18.97 ? 120 VAL A N   1 
ATOM   936  C CA  . VAL A 1 120 ? 7.007   6.165   1.919   1.00 19.70 ? 120 VAL A CA  1 
ATOM   937  C C   . VAL A 1 120 ? 5.690   6.729   1.290   1.00 16.38 ? 120 VAL A C   1 
ATOM   938  O O   . VAL A 1 120 ? 5.620   7.277   0.162   1.00 18.44 ? 120 VAL A O   1 
ATOM   939  C CB  . VAL A 1 120 ? 6.929   4.615   1.866   1.00 20.65 ? 120 VAL A CB  1 
ATOM   940  C CG1 . VAL A 1 120 ? 7.030   4.141   0.426   1.00 23.22 ? 120 VAL A CG1 1 
ATOM   941  C CG2 . VAL A 1 120 ? 8.022   3.954   2.777   1.00 23.83 ? 120 VAL A CG2 1 
ATOM   942  N N   . TYR A 1 121 ? 4.602   6.535   2.032   1.00 15.97 ? 121 TYR A N   1 
ATOM   943  C CA  . TYR A 1 121 ? 3.321   7.221   1.607   1.00 15.59 ? 121 TYR A CA  1 
ATOM   944  C C   . TYR A 1 121 ? 3.553   8.744   1.353   1.00 16.51 ? 121 TYR A C   1 
ATOM   945  O O   . TYR A 1 121 ? 3.124   9.283   0.306   1.00 18.69 ? 121 TYR A O   1 
ATOM   946  C CB  . TYR A 1 121 ? 2.233   7.053   2.640   1.00 13.42 ? 121 TYR A CB  1 
ATOM   947  C CG  . TYR A 1 121 ? 1.675   5.681   2.862   1.00 12.32 ? 121 TYR A CG  1 
ATOM   948  C CD1 . TYR A 1 121 ? 1.280   4.896   1.750   1.00 12.16 ? 121 TYR A CD1 1 
ATOM   949  C CD2 . TYR A 1 121 ? 1.436   5.220   4.178   1.00 12.60 ? 121 TYR A CD2 1 
ATOM   950  C CE1 . TYR A 1 121 ? 0.647   3.669   1.940   1.00 13.63 ? 121 TYR A CE1 1 
ATOM   951  C CE2 . TYR A 1 121 ? 0.864   3.960   4.403   1.00 12.00 ? 121 TYR A CE2 1 
ATOM   952  C CZ  . TYR A 1 121 ? 0.472   3.219   3.267   1.00 12.31 ? 121 TYR A CZ  1 
ATOM   953  O OH  . TYR A 1 121 ? -0.160  1.980   3.502   1.00 13.74 ? 121 TYR A OH  1 
ATOM   954  N N   . LYS A 1 122 ? 4.195   9.440   2.300   1.00 19.39 ? 122 LYS A N   1 
ATOM   955  C CA  . LYS A 1 122 ? 4.263   10.907  2.199   1.00 19.35 ? 122 LYS A CA  1 
ATOM   956  C C   . LYS A 1 122 ? 5.029   11.311  0.908   1.00 20.36 ? 122 LYS A C   1 
ATOM   957  O O   . LYS A 1 122 ? 4.575   12.131  0.144   1.00 22.90 ? 122 LYS A O   1 
ATOM   958  C CB  . LYS A 1 122 ? 4.939   11.481  3.437   1.00 22.50 ? 122 LYS A CB  1 
ATOM   959  C CG  . LYS A 1 122 ? 4.893   13.030  3.417   1.00 28.57 ? 122 LYS A CG  1 
ATOM   960  C CD  . LYS A 1 122 ? 5.378   13.592  4.761   1.00 33.62 ? 122 LYS A CD  1 
ATOM   961  C CE  . LYS A 1 122 ? 6.252   14.811  4.543   1.00 40.09 ? 122 LYS A CE  1 
ATOM   962  N NZ  . LYS A 1 122 ? 6.766   15.289  5.858   1.00 47.18 ? 122 LYS A NZ  1 
ATOM   963  N N   . GLU A 1 123 ? 6.175   10.695  0.685   1.00 21.61 ? 123 GLU A N   1 
ATOM   964  C CA  . GLU A 1 123 ? 6.977   11.034  -0.488  1.00 22.74 ? 123 GLU A CA  1 
ATOM   965  C C   . GLU A 1 123 ? 6.203   10.674  -1.759  1.00 21.20 ? 123 GLU A C   1 
ATOM   966  O O   . GLU A 1 123 ? 6.111   11.491  -2.669  1.00 25.10 ? 123 GLU A O   1 
ATOM   967  C CB  . GLU A 1 123 ? 8.280   10.190  -0.452  1.00 23.17 ? 123 GLU A CB  1 
ATOM   968  C CG  . GLU A 1 123 ? 9.294   10.772  -1.470  1.00 31.07 ? 123 GLU A CG  1 
ATOM   969  C CD  . GLU A 1 123 ? 10.529  9.884   -1.634  1.00 41.22 ? 123 GLU A CD  1 
ATOM   970  O OE1 . GLU A 1 123 ? 10.859  9.188   -0.644  1.00 33.53 ? 123 GLU A OE1 1 
ATOM   971  O OE2 . GLU A 1 123 ? 11.137  9.854   -2.746  1.00 43.77 ? 123 GLU A OE2 1 
ATOM   972  N N   . ALA A 1 124 ? 5.613   9.475   -1.821  1.00 20.01 ? 124 ALA A N   1 
ATOM   973  C CA  . ALA A 1 124 ? 4.782   9.214   -2.983  1.00 20.26 ? 124 ALA A CA  1 
ATOM   974  C C   . ALA A 1 124 ? 3.716   10.276  -3.191  1.00 21.24 ? 124 ALA A C   1 
ATOM   975  O O   . ALA A 1 124 ? 3.520   10.692  -4.303  1.00 20.66 ? 124 ALA A O   1 
ATOM   976  C CB  . ALA A 1 124 ? 4.138   7.871   -2.966  1.00 20.51 ? 124 ALA A CB  1 
ATOM   977  N N   . MET A 1 125 ? 3.048   10.700  -2.150  1.00 19.15 ? 125 MET A N   1 
ATOM   978  C CA  . MET A 1 125 ? 1.833   11.538  -2.317  1.00 18.81 ? 125 MET A CA  1 
ATOM   979  C C   . MET A 1 125 ? 2.110   12.936  -2.773  1.00 21.50 ? 125 MET A C   1 
ATOM   980  O O   . MET A 1 125 ? 1.191   13.636  -3.303  1.00 21.76 ? 125 MET A O   1 
ATOM   981  C CB  . MET A 1 125 ? 1.034   11.566  -0.997  1.00 18.95 ? 125 MET A CB  1 
ATOM   982  C CG  . MET A 1 125 ? 0.334   10.213  -0.815  1.00 19.12 ? 125 MET A CG  1 
ATOM   983  S SD  . MET A 1 125 ? -0.245  9.942   0.901   1.00 20.29 ? 125 MET A SD  1 
ATOM   984  C CE  . MET A 1 125 ? -1.352  11.352  1.218   1.00 23.36 ? 125 MET A CE  1 
ATOM   985  N N   . ASN A 1 126 ? 3.354   13.335  -2.546  1.00 22.38 ? 126 ASN A N   1 
ATOM   986  C CA  . ASN A 1 126 ? 3.810   14.677  -2.761  1.00 26.76 ? 126 ASN A CA  1 
ATOM   987  C C   . ASN A 1 126 ? 4.716   14.763  -3.995  1.00 27.20 ? 126 ASN A C   1 
ATOM   988  O O   . ASN A 1 126 ? 5.264   15.813  -4.281  1.00 27.66 ? 126 ASN A O   1 
ATOM   989  C CB  . ASN A 1 126 ? 4.423   15.225  -1.415  1.00 28.32 ? 126 ASN A CB  1 
ATOM   990  C CG  . ASN A 1 126 ? 3.331   15.397  -0.306  1.00 35.27 ? 126 ASN A CG  1 
ATOM   991  O OD1 . ASN A 1 126 ? 2.610   16.409  -0.296  1.00 36.32 ? 126 ASN A OD1 1 
ATOM   992  N ND2 . ASN A 1 126 ? 3.133   14.383  0.570   1.00 27.02 ? 126 ASN A ND2 1 
ATOM   993  N N   . HIS A 1 127 ? 4.889   13.666  -4.722  1.00 25.21 ? 127 HIS A N   1 
ATOM   994  C CA  . HIS A 1 127 ? 5.716   13.700  -5.923  1.00 28.81 ? 127 HIS A CA  1 
ATOM   995  C C   . HIS A 1 127 ? 4.843   13.848  -7.132  1.00 29.70 ? 127 HIS A C   1 
ATOM   996  O O   . HIS A 1 127 ? 3.792   13.179  -7.223  1.00 28.27 ? 127 HIS A O   1 
ATOM   997  C CB  . HIS A 1 127 ? 6.558   12.435  -6.030  1.00 29.40 ? 127 HIS A CB  1 
ATOM   998  C CG  . HIS A 1 127 ? 7.613   12.494  -7.108  1.00 38.09 ? 127 HIS A CG  1 
ATOM   999  N ND1 . HIS A 1 127 ? 7.309   12.479  -8.419  1.00 48.09 ? 127 HIS A ND1 1 
ATOM   1000 C CD2 . HIS A 1 127 ? 9.002   12.572  -7.027  1.00 39.25 ? 127 HIS A CD2 1 
ATOM   1001 C CE1 . HIS A 1 127 ? 8.443   12.542  -9.142  1.00 44.39 ? 127 HIS A CE1 1 
ATOM   1002 N NE2 . HIS A 1 127 ? 9.479   12.599  -8.288  1.00 38.62 ? 127 HIS A NE2 1 
ATOM   1003 N N   . PRO A 1 128 ? 5.220   14.707  -8.080  1.00 30.45 ? 128 PRO A N   1 
ATOM   1004 C CA  . PRO A 1 128 ? 4.321   14.904  -9.222  1.00 27.63 ? 128 PRO A CA  1 
ATOM   1005 C C   . PRO A 1 128 ? 4.040   13.650  -10.053 1.00 26.42 ? 128 PRO A C   1 
ATOM   1006 O O   . PRO A 1 128 ? 4.901   12.758  -10.191 1.00 26.77 ? 128 PRO A O   1 
ATOM   1007 C CB  . PRO A 1 128 ? 5.042   15.990  -10.071 1.00 29.08 ? 128 PRO A CB  1 
ATOM   1008 C CG  . PRO A 1 128 ? 5.869   16.755  -9.062  1.00 31.39 ? 128 PRO A CG  1 
ATOM   1009 C CD  . PRO A 1 128 ? 6.368   15.633  -8.139  1.00 30.54 ? 128 PRO A CD  1 
ATOM   1010 N N   . GLY A 1 129 ? 2.839   13.570  -10.601 1.00 23.62 ? 129 GLY A N   1 
ATOM   1011 C CA  . GLY A 1 129 ? 2.583   12.439  -11.466 1.00 23.63 ? 129 GLY A CA  1 
ATOM   1012 C C   . GLY A 1 129 ? 1.180   11.888  -11.263 1.00 20.17 ? 129 GLY A C   1 
ATOM   1013 O O   . GLY A 1 129 ? 0.383   12.447  -10.496 1.00 20.20 ? 129 GLY A O   1 
ATOM   1014 N N   . HIS A 1 130 ? 0.866   10.796  -11.960 1.00 19.83 ? 130 HIS A N   1 
ATOM   1015 C CA  . HIS A 1 130 ? -0.463  10.163  -11.872 1.00 18.60 ? 130 HIS A CA  1 
ATOM   1016 C C   . HIS A 1 130 ? -0.337  9.166   -10.738 1.00 17.79 ? 130 HIS A C   1 
ATOM   1017 O O   . HIS A 1 130 ? 0.580   8.296   -10.785 1.00 17.41 ? 130 HIS A O   1 
ATOM   1018 C CB  . HIS A 1 130 ? -0.721  9.527   -13.265 1.00 19.36 ? 130 HIS A CB  1 
ATOM   1019 C CG  . HIS A 1 130 ? -2.081  8.900   -13.439 1.00 21.41 ? 130 HIS A CG  1 
ATOM   1020 N ND1 . HIS A 1 130 ? -3.137  9.113   -12.559 1.00 23.56 ? 130 HIS A ND1 1 
ATOM   1021 C CD2 . HIS A 1 130 ? -2.567  8.090   -14.456 1.00 17.39 ? 130 HIS A CD2 1 
ATOM   1022 C CE1 . HIS A 1 130 ? -4.231  8.411   -13.003 1.00 16.89 ? 130 HIS A CE1 1 
ATOM   1023 N NE2 . HIS A 1 130 ? -3.874  7.794   -14.165 1.00 21.75 ? 130 HIS A NE2 1 
ATOM   1024 N N   . LEU A 1 131 ? -1.228  9.268   -9.733  1.00 14.78 ? 131 LEU A N   1 
ATOM   1025 C CA  . LEU A 1 131 ? -1.109  8.357   -8.526  1.00 14.33 ? 131 LEU A CA  1 
ATOM   1026 C C   . LEU A 1 131 ? -2.518  8.194   -7.981  1.00 16.08 ? 131 LEU A C   1 
ATOM   1027 O O   . LEU A 1 131 ? -3.324  9.175   -7.953  1.00 14.18 ? 131 LEU A O   1 
ATOM   1028 C CB  . LEU A 1 131 ? -0.267  8.998   -7.421  1.00 13.85 ? 131 LEU A CB  1 
ATOM   1029 C CG  . LEU A 1 131 ? -0.131  8.269   -6.074  1.00 15.30 ? 131 LEU A CG  1 
ATOM   1030 C CD1 . LEU A 1 131 ? 0.679   6.956   -6.340  1.00 14.89 ? 131 LEU A CD1 1 
ATOM   1031 C CD2 . LEU A 1 131 ? 0.575   9.185   -5.087  1.00 14.89 ? 131 LEU A CD2 1 
ATOM   1032 N N   . LYS A 1 132 ? -2.878  6.955   -7.649  1.00 13.33 ? 132 LYS A N   1 
ATOM   1033 C CA  . LYS A 1 132 ? -4.204  6.693   -6.967  1.00 13.45 ? 132 LYS A CA  1 
ATOM   1034 C C   . LYS A 1 132 ? -3.896  6.285   -5.560  1.00 13.15 ? 132 LYS A C   1 
ATOM   1035 O O   . LYS A 1 132 ? -2.856  5.675   -5.252  1.00 16.22 ? 132 LYS A O   1 
ATOM   1036 C CB  . LYS A 1 132 ? -4.962  5.554   -7.627  1.00 13.96 ? 132 LYS A CB  1 
ATOM   1037 C CG  . LYS A 1 132 ? -5.491  6.053   -8.968  1.00 17.67 ? 132 LYS A CG  1 
ATOM   1038 C CD  . LYS A 1 132 ? -6.716  5.217   -9.491  1.00 22.52 ? 132 LYS A CD  1 
ATOM   1039 C CE  . LYS A 1 132 ? -6.246  4.011   -10.224 1.00 28.39 ? 132 LYS A CE  1 
ATOM   1040 N NZ  . LYS A 1 132 ? -5.482  4.459   -11.433 1.00 31.32 ? 132 LYS A NZ  1 
ATOM   1041 N N   . LEU A 1 133 ? -4.804  6.616   -4.657  1.00 12.06 ? 133 LEU A N   1 
ATOM   1042 C CA  . LEU A 1 133 ? -4.710  6.143   -3.255  1.00 13.27 ? 133 LEU A CA  1 
ATOM   1043 C C   . LEU A 1 133 ? -5.940  5.300   -3.008  1.00 11.72 ? 133 LEU A C   1 
ATOM   1044 O O   . LEU A 1 133 ? -7.076  5.780   -3.157  1.00 14.32 ? 133 LEU A O   1 
ATOM   1045 C CB  . LEU A 1 133 ? -4.734  7.352   -2.230  1.00 15.16 ? 133 LEU A CB  1 
ATOM   1046 C CG  . LEU A 1 133 ? -3.846  8.522   -2.595  1.00 14.89 ? 133 LEU A CG  1 
ATOM   1047 C CD1 . LEU A 1 133 ? -4.051  9.615   -1.541  1.00 14.31 ? 133 LEU A CD1 1 
ATOM   1048 C CD2 . LEU A 1 133 ? -2.373  8.113   -2.584  1.00 14.03 ? 133 LEU A CD2 1 
ATOM   1049 N N   . PHE A 1 134 ? -5.738  4.062   -2.572  1.00 11.96 ? 134 PHE A N   1 
ATOM   1050 C CA  . PHE A 1 134 ? -6.861  3.204   -2.204  1.00 11.66 ? 134 PHE A CA  1 
ATOM   1051 C C   . PHE A 1 134 ? -6.896  3.273   -0.677  1.00 11.80 ? 134 PHE A C   1 
ATOM   1052 O O   . PHE A 1 134 ? -6.020  2.764   0.021   1.00 11.95 ? 134 PHE A O   1 
ATOM   1053 C CB  . PHE A 1 134 ? -6.636  1.769   -2.733  1.00 11.73 ? 134 PHE A CB  1 
ATOM   1054 C CG  . PHE A 1 134 ? -6.805  1.702   -4.236  1.00 10.60 ? 134 PHE A CG  1 
ATOM   1055 C CD1 . PHE A 1 134 ? -5.797  2.190   -5.139  1.00 10.79 ? 134 PHE A CD1 1 
ATOM   1056 C CD2 . PHE A 1 134 ? -7.976  1.092   -4.730  1.00 13.42 ? 134 PHE A CD2 1 
ATOM   1057 C CE1 . PHE A 1 134 ? -6.008  2.137   -6.548  1.00 12.83 ? 134 PHE A CE1 1 
ATOM   1058 C CE2 . PHE A 1 134 ? -8.166  1.019   -6.132  1.00 14.91 ? 134 PHE A CE2 1 
ATOM   1059 C CZ  . PHE A 1 134 ? -7.201  1.547   -6.996  1.00 13.31 ? 134 PHE A CZ  1 
ATOM   1060 N N   . VAL A 1 135 ? -7.967  3.857   -0.174  1.00 12.27 ? 135 VAL A N   1 
ATOM   1061 C CA  . VAL A 1 135 ? -8.000  4.215   1.273   1.00 13.04 ? 135 VAL A CA  1 
ATOM   1062 C C   . VAL A 1 135 ? -9.188  3.543   1.921   1.00 14.33 ? 135 VAL A C   1 
ATOM   1063 O O   . VAL A 1 135 ? -10.312 3.773   1.539   1.00 15.78 ? 135 VAL A O   1 
ATOM   1064 C CB  . VAL A 1 135 ? -8.163  5.708   1.472   1.00 13.00 ? 135 VAL A CB  1 
ATOM   1065 C CG1 . VAL A 1 135 ? -8.274  5.997   2.996   1.00 13.51 ? 135 VAL A CG1 1 
ATOM   1066 C CG2 . VAL A 1 135 ? -6.930  6.396   0.948   1.00 13.23 ? 135 VAL A CG2 1 
ATOM   1067 N N   . THR A 1 136 ? -8.924  2.697   2.929   1.00 13.02 ? 136 THR A N   1 
ATOM   1068 C CA  . THR A 1 136 ? -10.087 2.134   3.702   1.00 14.07 ? 136 THR A CA  1 
ATOM   1069 C C   . THR A 1 136 ? -10.241 3.022   4.918   1.00 15.16 ? 136 THR A C   1 
ATOM   1070 O O   . THR A 1 136 ? -9.260  3.197   5.683   1.00 13.78 ? 136 THR A O   1 
ATOM   1071 C CB  . THR A 1 136 ? -9.818  0.696   4.158   1.00 12.76 ? 136 THR A CB  1 
ATOM   1072 O OG1 . THR A 1 136 ? -9.520  -0.118  3.020   1.00 13.29 ? 136 THR A OG1 1 
ATOM   1073 C CG2 . THR A 1 136 ? -11.020 0.177   4.985   1.00 14.38 ? 136 THR A CG2 1 
ATOM   1074 N N   . ARG A 1 137 ? -11.453 3.604   5.080   1.00 13.86 ? 137 ARG A N   1 
ATOM   1075 C CA  . ARG A 1 137 ? -11.673 4.494   6.247   1.00 13.15 ? 137 ARG A CA  1 
ATOM   1076 C C   . ARG A 1 137 ? -12.280 3.617   7.325   1.00 15.69 ? 137 ARG A C   1 
ATOM   1077 O O   . ARG A 1 137 ? -13.357 3.128   7.166   1.00 14.87 ? 137 ARG A O   1 
ATOM   1078 C CB  . ARG A 1 137 ? -12.688 5.617   5.816   1.00 15.42 ? 137 ARG A CB  1 
ATOM   1079 C CG  . ARG A 1 137 ? -12.229 6.525   4.690   1.00 14.94 ? 137 ARG A CG  1 
ATOM   1080 C CD  . ARG A 1 137 ? -11.210 7.525   5.224   1.00 15.45 ? 137 ARG A CD  1 
ATOM   1081 N NE  . ARG A 1 137 ? -10.810 8.468   4.218   1.00 16.19 ? 137 ARG A NE  1 
ATOM   1082 C CZ  . ARG A 1 137 ? -9.957  9.490   4.440   1.00 17.97 ? 137 ARG A CZ  1 
ATOM   1083 N NH1 . ARG A 1 137 ? -9.376  9.628   5.620   1.00 18.21 ? 137 ARG A NH1 1 
ATOM   1084 N NH2 . ARG A 1 137 ? -9.641  10.318  3.464   1.00 17.51 ? 137 ARG A NH2 1 
ATOM   1085 N N   . ILE A 1 138 ? -11.514 3.363   8.377   1.00 15.29 ? 138 ILE A N   1 
ATOM   1086 C CA  . ILE A 1 138 ? -12.021 2.676   9.588   1.00 16.20 ? 138 ILE A CA  1 
ATOM   1087 C C   . ILE A 1 138 ? -12.661 3.780   10.404  1.00 17.07 ? 138 ILE A C   1 
ATOM   1088 O O   . ILE A 1 138 ? -11.960 4.719   10.842  1.00 17.16 ? 138 ILE A O   1 
ATOM   1089 C CB  . ILE A 1 138 ? -10.831 2.075   10.367  1.00 17.23 ? 138 ILE A CB  1 
ATOM   1090 C CG1 . ILE A 1 138 ? -9.978  1.164   9.446   1.00 22.71 ? 138 ILE A CG1 1 
ATOM   1091 C CG2 . ILE A 1 138 ? -11.341 1.366   11.667  1.00 19.01 ? 138 ILE A CG2 1 
ATOM   1092 C CD1 . ILE A 1 138 ? -10.568 -0.123  9.086   1.00 22.44 ? 138 ILE A CD1 1 
ATOM   1093 N N   . MET A 1 139 ? -13.984 3.705   10.531  1.00 16.27 ? 139 MET A N   1 
ATOM   1094 C CA  . MET A 1 139 ? -14.804 4.796   11.048  1.00 18.43 ? 139 MET A CA  1 
ATOM   1095 C C   . MET A 1 139 ? -14.918 4.792   12.564  1.00 22.91 ? 139 MET A C   1 
ATOM   1096 O O   . MET A 1 139 ? -16.016 4.754   13.120  1.00 22.19 ? 139 MET A O   1 
ATOM   1097 C CB  . MET A 1 139 ? -16.200 4.754   10.421  1.00 20.92 ? 139 MET A CB  1 
ATOM   1098 C CG  . MET A 1 139 ? -16.267 5.333   9.017   1.00 20.29 ? 139 MET A CG  1 
ATOM   1099 S SD  . MET A 1 139 ? -17.913 5.213   8.293   1.00 32.18 ? 139 MET A SD  1 
ATOM   1100 C CE  . MET A 1 139 ? -17.881 3.540   7.654   1.00 14.84 ? 139 MET A CE  1 
ATOM   1101 N N   . GLN A 1 140 ? -13.770 4.844   13.223  1.00 18.71 ? 140 GLN A N   1 
ATOM   1102 C CA  . GLN A 1 140 ? -13.710 4.956   14.742  1.00 20.59 ? 140 GLN A CA  1 
ATOM   1103 C C   . GLN A 1 140 ? -12.290 5.422   15.019  1.00 21.29 ? 140 GLN A C   1 
ATOM   1104 O O   . GLN A 1 140 ? -11.389 5.265   14.157  1.00 19.37 ? 140 GLN A O   1 
ATOM   1105 C CB  . GLN A 1 140 ? -13.799 3.620   15.393  1.00 23.03 ? 140 GLN A CB  1 
ATOM   1106 C CG  . GLN A 1 140 ? -15.161 3.070   15.504  1.00 26.63 ? 140 GLN A CG  1 
ATOM   1107 C CD  . GLN A 1 140 ? -15.135 1.759   16.225  1.00 31.28 ? 140 GLN A CD  1 
ATOM   1108 O OE1 . GLN A 1 140 ? -14.273 1.544   17.091  1.00 31.67 ? 140 GLN A OE1 1 
ATOM   1109 N NE2 . GLN A 1 140 ? -16.093 0.912   15.929  1.00 28.47 ? 140 GLN A NE2 1 
ATOM   1110 N N   . ASP A 1 141 ? -12.083 6.008   16.192  1.00 21.19 ? 141 ASP A N   1 
ATOM   1111 C CA  . ASP A 1 141 ? -10.722 6.419   16.586  1.00 21.73 ? 141 ASP A CA  1 
ATOM   1112 C C   . ASP A 1 141 ? -10.091 5.178   17.191  1.00 21.88 ? 141 ASP A C   1 
ATOM   1113 O O   . ASP A 1 141 ? -10.739 4.369   17.855  1.00 25.97 ? 141 ASP A O   1 
ATOM   1114 C CB  . ASP A 1 141 ? -10.713 7.516   17.664  1.00 24.03 ? 141 ASP A CB  1 
ATOM   1115 C CG  . ASP A 1 141 ? -11.052 8.907   17.104  1.00 32.96 ? 141 ASP A CG  1 
ATOM   1116 O OD1 . ASP A 1 141 ? -10.873 9.203   15.912  1.00 31.87 ? 141 ASP A OD1 1 
ATOM   1117 O OD2 . ASP A 1 141 ? -11.492 9.738   17.899  1.00 34.96 ? 141 ASP A OD2 1 
ATOM   1118 N N   . PHE A 1 142 ? -8.785  5.031   16.947  1.00 18.39 ? 142 PHE A N   1 
ATOM   1119 C CA  . PHE A 1 142 ? -8.002  3.957   17.616  1.00 21.82 ? 142 PHE A CA  1 
ATOM   1120 C C   . PHE A 1 142 ? -6.640  4.575   18.007  1.00 22.16 ? 142 PHE A C   1 
ATOM   1121 O O   . PHE A 1 142 ? -6.073  5.389   17.249  1.00 21.31 ? 142 PHE A O   1 
ATOM   1122 C CB  . PHE A 1 142 ? -7.744  2.744   16.733  1.00 19.38 ? 142 PHE A CB  1 
ATOM   1123 C CG  . PHE A 1 142 ? -8.921  1.847   16.570  1.00 19.14 ? 142 PHE A CG  1 
ATOM   1124 C CD1 . PHE A 1 142 ? -9.236  0.869   17.524  1.00 19.83 ? 142 PHE A CD1 1 
ATOM   1125 C CD2 . PHE A 1 142 ? -9.768  2.034   15.425  1.00 17.73 ? 142 PHE A CD2 1 
ATOM   1126 C CE1 . PHE A 1 142 ? -10.330 0.001   17.347  1.00 20.48 ? 142 PHE A CE1 1 
ATOM   1127 C CE2 . PHE A 1 142 ? -10.899 1.207   15.290  1.00 18.88 ? 142 PHE A CE2 1 
ATOM   1128 C CZ  . PHE A 1 142 ? -11.174 0.176   16.243  1.00 19.59 ? 142 PHE A CZ  1 
ATOM   1129 N N   . GLU A 1 143 ? -6.187  4.174   19.220  1.00 19.96 ? 143 GLU A N   1 
ATOM   1130 C CA  . GLU A 1 143 ? -4.877  4.613   19.735  1.00 19.26 ? 143 GLU A CA  1 
ATOM   1131 C C   . GLU A 1 143 ? -3.807  4.141   18.739  1.00 15.88 ? 143 GLU A C   1 
ATOM   1132 O O   . GLU A 1 143 ? -3.795  2.979   18.340  1.00 16.06 ? 143 GLU A O   1 
ATOM   1133 C CB  . GLU A 1 143 ? -4.619  3.941   21.102  1.00 18.83 ? 143 GLU A CB  1 
ATOM   1134 C CG  . GLU A 1 143 ? -3.354  4.444   21.802  1.00 20.23 ? 143 GLU A CG  1 
ATOM   1135 C CD  . GLU A 1 143 ? -2.938  3.672   23.084  1.00 24.08 ? 143 GLU A CD  1 
ATOM   1136 O OE1 . GLU A 1 143 ? -2.455  4.370   23.942  1.00 32.59 ? 143 GLU A OE1 1 
ATOM   1137 O OE2 . GLU A 1 143 ? -3.031  2.452   23.214  1.00 26.53 ? 143 GLU A OE2 1 
ATOM   1138 N N   . SER A 1 144 ? -2.985  5.099   18.330  1.00 15.32 ? 144 SER A N   1 
ATOM   1139 C CA  . SER A 1 144 ? -2.008  4.841   17.252  1.00 15.27 ? 144 SER A CA  1 
ATOM   1140 C C   . SER A 1 144 ? -0.687  5.458   17.548  1.00 18.20 ? 144 SER A C   1 
ATOM   1141 O O   . SER A 1 144 ? -0.590  6.489   18.241  1.00 20.94 ? 144 SER A O   1 
ATOM   1142 C CB  . SER A 1 144 ? -2.578  5.466   15.954  1.00 16.50 ? 144 SER A CB  1 
ATOM   1143 O OG  . SER A 1 144 ? -3.728  4.695   15.562  1.00 16.70 ? 144 SER A OG  1 
ATOM   1144 N N   . ASP A 1 145 ? 0.380   4.933   16.939  1.00 15.89 ? 145 ASP A N   1 
ATOM   1145 C CA  . ASP A 1 145 ? 1.626   5.689   17.055  1.00 16.43 ? 145 ASP A CA  1 
ATOM   1146 C C   . ASP A 1 145 ? 2.276   6.015   15.678  1.00 15.34 ? 145 ASP A C   1 
ATOM   1147 O O   . ASP A 1 145 ? 3.359   6.574   15.611  1.00 16.86 ? 145 ASP A O   1 
ATOM   1148 C CB  . ASP A 1 145 ? 2.601   4.942   17.998  1.00 15.17 ? 145 ASP A CB  1 
ATOM   1149 C CG  . ASP A 1 145 ? 3.149   3.672   17.395  1.00 16.63 ? 145 ASP A CG  1 
ATOM   1150 O OD1 . ASP A 1 145 ? 2.792   3.336   16.228  1.00 16.83 ? 145 ASP A OD1 1 
ATOM   1151 O OD2 . ASP A 1 145 ? 3.923   2.979   18.108  1.00 17.00 ? 145 ASP A OD2 1 
ATOM   1152 N N   . THR A 1 146 ? 1.568   5.660   14.610  1.00 15.59 ? 146 THR A N   1 
ATOM   1153 C CA  . THR A 1 146 ? 1.952   6.008   13.247  1.00 15.01 ? 146 THR A CA  1 
ATOM   1154 C C   . THR A 1 146 ? 0.708   6.535   12.539  1.00 13.07 ? 146 THR A C   1 
ATOM   1155 O O   . THR A 1 146 ? -0.402  6.083   12.824  1.00 14.16 ? 146 THR A O   1 
ATOM   1156 C CB  . THR A 1 146 ? 2.501   4.793   12.482  1.00 18.50 ? 146 THR A CB  1 
ATOM   1157 O OG1 . THR A 1 146 ? 2.186   3.591   13.197  1.00 26.29 ? 146 THR A OG1 1 
ATOM   1158 C CG2 . THR A 1 146 ? 4.011   4.901   12.323  1.00 16.60 ? 146 THR A CG2 1 
ATOM   1159 N N   . PHE A 1 147 ? 0.877   7.490   11.631  1.00 14.84 ? 147 PHE A N   1 
ATOM   1160 C CA  . PHE A 1 147 ? -0.269  8.118   11.028  1.00 15.68 ? 147 PHE A CA  1 
ATOM   1161 C C   . PHE A 1 147 ? -0.121  8.237   9.532   1.00 16.94 ? 147 PHE A C   1 
ATOM   1162 O O   . PHE A 1 147 ? 0.985   8.383   9.055   1.00 16.60 ? 147 PHE A O   1 
ATOM   1163 C CB  . PHE A 1 147 ? -0.477  9.501   11.661  1.00 17.35 ? 147 PHE A CB  1 
ATOM   1164 C CG  . PHE A 1 147 ? -0.799  9.387   13.151  1.00 16.35 ? 147 PHE A CG  1 
ATOM   1165 C CD1 . PHE A 1 147 ? 0.222   9.262   14.079  1.00 18.72 ? 147 PHE A CD1 1 
ATOM   1166 C CD2 . PHE A 1 147 ? -2.078  9.351   13.578  1.00 20.08 ? 147 PHE A CD2 1 
ATOM   1167 C CE1 . PHE A 1 147 ? -0.054  9.048   15.422  1.00 21.82 ? 147 PHE A CE1 1 
ATOM   1168 C CE2 . PHE A 1 147 ? -2.384  9.174   14.944  1.00 20.24 ? 147 PHE A CE2 1 
ATOM   1169 C CZ  . PHE A 1 147 ? -1.351  9.035   15.861  1.00 21.18 ? 147 PHE A CZ  1 
ATOM   1170 N N   . PHE A 1 148 ? -1.258  8.208   8.845   1.00 16.06 ? 148 PHE A N   1 
ATOM   1171 C CA  . PHE A 1 148 ? -1.272  8.505   7.413   1.00 16.85 ? 148 PHE A CA  1 
ATOM   1172 C C   . PHE A 1 148 ? -1.077  10.019  7.127   1.00 16.72 ? 148 PHE A C   1 
ATOM   1173 O O   . PHE A 1 148 ? -1.605  10.886  7.848   1.00 16.45 ? 148 PHE A O   1 
ATOM   1174 C CB  . PHE A 1 148 ? -2.566  7.989   6.797   1.00 13.67 ? 148 PHE A CB  1 
ATOM   1175 C CG  . PHE A 1 148 ? -2.508  7.878   5.294   1.00 14.16 ? 148 PHE A CG  1 
ATOM   1176 C CD1 . PHE A 1 148 ? -1.681  6.912   4.739   1.00 13.61 ? 148 PHE A CD1 1 
ATOM   1177 C CD2 . PHE A 1 148 ? -3.285  8.664   4.451   1.00 16.43 ? 148 PHE A CD2 1 
ATOM   1178 C CE1 . PHE A 1 148 ? -1.582  6.742   3.334   1.00 14.00 ? 148 PHE A CE1 1 
ATOM   1179 C CE2 . PHE A 1 148 ? -3.164  8.544   3.048   1.00 16.42 ? 148 PHE A CE2 1 
ATOM   1180 C CZ  . PHE A 1 148 ? -2.304  7.560   2.473   1.00 14.96 ? 148 PHE A CZ  1 
ATOM   1181 N N   . PRO A 1 149 ? -0.253  10.402  6.139   1.00 15.04 ? 149 PRO A N   1 
ATOM   1182 C CA  . PRO A 1 149 ? -0.145  11.822  5.849   1.00 15.79 ? 149 PRO A CA  1 
ATOM   1183 C C   . PRO A 1 149 ? -1.447  12.388  5.315   1.00 15.65 ? 149 PRO A C   1 
ATOM   1184 O O   . PRO A 1 149 ? -2.354  11.673  4.845   1.00 14.94 ? 149 PRO A O   1 
ATOM   1185 C CB  . PRO A 1 149 ? 0.905   11.906  4.729   1.00 16.11 ? 149 PRO A CB  1 
ATOM   1186 C CG  . PRO A 1 149 ? 1.453   10.527  4.540   1.00 17.62 ? 149 PRO A CG  1 
ATOM   1187 C CD  . PRO A 1 149 ? 0.599   9.579   5.282   1.00 15.78 ? 149 PRO A CD  1 
ATOM   1188 N N   . GLU A 1 150 ? -1.511  13.718  5.444   1.00 16.34 ? 150 GLU A N   1 
ATOM   1189 C CA  . GLU A 1 150 ? -2.614  14.518  4.952   1.00 17.98 ? 150 GLU A CA  1 
ATOM   1190 C C   . GLU A 1 150 ? -2.862  14.290  3.475   1.00 16.39 ? 150 GLU A C   1 
ATOM   1191 O O   . GLU A 1 150 ? -1.921  14.285  2.628   1.00 18.55 ? 150 GLU A O   1 
ATOM   1192 C CB  . GLU A 1 150 ? -2.341  16.032  5.243   1.00 18.16 ? 150 GLU A CB  1 
ATOM   1193 C CG  . GLU A 1 150 ? -3.542  16.847  4.739   1.00 22.55 ? 150 GLU A CG  1 
ATOM   1194 C CD  . GLU A 1 150 ? -3.355  18.332  4.908   1.00 27.02 ? 150 GLU A CD  1 
ATOM   1195 O OE1 . GLU A 1 150 ? -4.305  19.087  4.591   1.00 23.19 ? 150 GLU A OE1 1 
ATOM   1196 O OE2 . GLU A 1 150 ? -2.242  18.689  5.332   1.00 28.09 ? 150 GLU A OE2 1 
ATOM   1197 N N   . ILE A 1 151 ? -4.132  14.006  3.174   1.00 15.53 ? 151 ILE A N   1 
ATOM   1198 C CA  . ILE A 1 151 ? -4.586  13.960  1.772   1.00 14.04 ? 151 ILE A CA  1 
ATOM   1199 C C   . ILE A 1 151 ? -5.052  15.380  1.368   1.00 14.28 ? 151 ILE A C   1 
ATOM   1200 O O   . ILE A 1 151 ? -6.046  15.888  1.878   1.00 13.94 ? 151 ILE A O   1 
ATOM   1201 C CB  . ILE A 1 151 ? -5.697  12.870  1.550   1.00 15.84 ? 151 ILE A CB  1 
ATOM   1202 C CG1 . ILE A 1 151 ? -5.188  11.480  1.921   1.00 16.82 ? 151 ILE A CG1 1 
ATOM   1203 C CG2 . ILE A 1 151 ? -6.207  12.897  0.083   1.00 14.64 ? 151 ILE A CG2 1 
ATOM   1204 C CD1 . ILE A 1 151 ? -6.314  10.499  1.945   1.00 19.08 ? 151 ILE A CD1 1 
ATOM   1205 N N   . ASP A 1 152 ? -4.324  15.945  0.434   1.00 13.97 ? 152 ASP A N   1 
ATOM   1206 C CA  . ASP A 1 152 ? -4.702  17.279  -0.146  1.00 13.86 ? 152 ASP A CA  1 
ATOM   1207 C C   . ASP A 1 152 ? -5.775  17.144  -1.202  1.00 14.53 ? 152 ASP A C   1 
ATOM   1208 O O   . ASP A 1 152 ? -5.494  16.677  -2.311  1.00 15.17 ? 152 ASP A O   1 
ATOM   1209 C CB  . ASP A 1 152 ? -3.438  17.912  -0.734  1.00 17.98 ? 152 ASP A CB  1 
ATOM   1210 C CG  . ASP A 1 152 ? -3.728  19.251  -1.398  1.00 19.46 ? 152 ASP A CG  1 
ATOM   1211 O OD1 . ASP A 1 152 ? -4.878  19.747  -1.355  1.00 18.34 ? 152 ASP A OD1 1 
ATOM   1212 O OD2 . ASP A 1 152 ? -2.734  19.770  -1.932  1.00 20.62 ? 152 ASP A OD2 1 
ATOM   1213 N N   . LEU A 1 153 ? -7.034  17.454  -0.842  1.00 15.16 ? 153 LEU A N   1 
ATOM   1214 C CA  . LEU A 1 153 ? -8.215  17.211  -1.705  1.00 14.89 ? 153 LEU A CA  1 
ATOM   1215 C C   . LEU A 1 153 ? -8.256  18.185  -2.853  1.00 16.46 ? 153 LEU A C   1 
ATOM   1216 O O   . LEU A 1 153 ? -9.085  17.999  -3.804  1.00 18.83 ? 153 LEU A O   1 
ATOM   1217 C CB  . LEU A 1 153 ? -9.560  17.234  -0.924  1.00 15.52 ? 153 LEU A CB  1 
ATOM   1218 C CG  . LEU A 1 153 ? -9.541  16.191  0.187   1.00 16.40 ? 153 LEU A CG  1 
ATOM   1219 C CD1 . LEU A 1 153 ? -10.800 16.310  1.097   1.00 16.26 ? 153 LEU A CD1 1 
ATOM   1220 C CD2 . LEU A 1 153 ? -9.387  14.748  -0.322  1.00 16.10 ? 153 LEU A CD2 1 
ATOM   1221 N N   . GLU A 1 154 ? -7.387  19.171  -2.789  1.00 17.66 ? 154 GLU A N   1 
ATOM   1222 C CA  . GLU A 1 154 ? -7.299  20.115  -3.935  1.00 19.90 ? 154 GLU A CA  1 
ATOM   1223 C C   . GLU A 1 154 ? -6.730  19.327  -5.142  1.00 24.15 ? 154 GLU A C   1 
ATOM   1224 O O   . GLU A 1 154 ? -7.167  19.532  -6.291  1.00 23.79 ? 154 GLU A O   1 
ATOM   1225 C CB  . GLU A 1 154 ? -6.432  21.308  -3.677  1.00 22.11 ? 154 GLU A CB  1 
ATOM   1226 C CG  . GLU A 1 154 ? -6.564  22.338  -4.807  1.00 25.63 ? 154 GLU A CG  1 
ATOM   1227 C CD  . GLU A 1 154 ? -7.968  22.970  -4.876  1.00 24.18 ? 154 GLU A CD  1 
ATOM   1228 O OE1 . GLU A 1 154 ? -8.422  23.399  -3.764  1.00 19.80 ? 154 GLU A OE1 1 
ATOM   1229 O OE2 . GLU A 1 154 ? -8.574  22.870  -6.019  1.00 25.89 ? 154 GLU A OE2 1 
ATOM   1230 N N   . LYS A 1 155 ? -5.815  18.399  -4.855  1.00 19.24 ? 155 LYS A N   1 
ATOM   1231 C CA  . LYS A 1 155 ? -5.232  17.604  -5.930  1.00 21.08 ? 155 LYS A CA  1 
ATOM   1232 C C   . LYS A 1 155 ? -5.812  16.154  -6.001  1.00 19.32 ? 155 LYS A C   1 
ATOM   1233 O O   . LYS A 1 155 ? -5.951  15.633  -7.095  1.00 19.91 ? 155 LYS A O   1 
ATOM   1234 C CB  . LYS A 1 155 ? -3.717  17.667  -5.930  1.00 24.57 ? 155 LYS A CB  1 
ATOM   1235 C CG  . LYS A 1 155 ? -3.112  17.088  -4.724  1.00 26.91 ? 155 LYS A CG  1 
ATOM   1236 C CD  . LYS A 1 155 ? -1.567  17.365  -4.732  1.00 30.65 ? 155 LYS A CD  1 
ATOM   1237 C CE  . LYS A 1 155 ? -0.851  16.635  -3.600  1.00 31.72 ? 155 LYS A CE  1 
ATOM   1238 N NZ  . LYS A 1 155 ? 0.607   16.423  -3.827  1.00 27.36 ? 155 LYS A NZ  1 
ATOM   1239 N N   . TYR A 1 156 ? -6.174  15.524  -4.865  1.00 16.87 ? 156 TYR A N   1 
ATOM   1240 C CA  . TYR A 1 156 ? -6.692  14.151  -4.895  1.00 16.50 ? 156 TYR A CA  1 
ATOM   1241 C C   . TYR A 1 156 ? -8.202  14.146  -4.973  1.00 18.61 ? 156 TYR A C   1 
ATOM   1242 O O   . TYR A 1 156 ? -8.907  14.586  -4.046  1.00 20.62 ? 156 TYR A O   1 
ATOM   1243 C CB  . TYR A 1 156 ? -6.307  13.430  -3.590  1.00 16.77 ? 156 TYR A CB  1 
ATOM   1244 C CG  . TYR A 1 156 ? -4.885  13.001  -3.641  1.00 18.09 ? 156 TYR A CG  1 
ATOM   1245 C CD1 . TYR A 1 156 ? -4.502  11.886  -4.427  1.00 17.06 ? 156 TYR A CD1 1 
ATOM   1246 C CD2 . TYR A 1 156 ? -3.928  13.719  -2.970  1.00 17.15 ? 156 TYR A CD2 1 
ATOM   1247 C CE1 . TYR A 1 156 ? -3.154  11.567  -4.535  1.00 17.94 ? 156 TYR A CE1 1 
ATOM   1248 C CE2 . TYR A 1 156 ? -2.578  13.393  -3.029  1.00 18.77 ? 156 TYR A CE2 1 
ATOM   1249 C CZ  . TYR A 1 156 ? -2.194  12.338  -3.813  1.00 19.28 ? 156 TYR A CZ  1 
ATOM   1250 O OH  . TYR A 1 156 ? -0.788  12.049  -3.871  1.00 20.82 ? 156 TYR A OH  1 
ATOM   1251 N N   . LYS A 1 157 ? -8.680  13.684  -6.101  1.00 14.68 ? 157 LYS A N   1 
ATOM   1252 C CA  . LYS A 1 157 ? -10.159 13.593  -6.285  1.00 15.98 ? 157 LYS A CA  1 
ATOM   1253 C C   . LYS A 1 157 ? -10.725 12.298  -5.790  1.00 13.51 ? 157 LYS A C   1 
ATOM   1254 O O   . LYS A 1 157 ? -10.190 11.222  -6.135  1.00 16.19 ? 157 LYS A O   1 
ATOM   1255 C CB  . LYS A 1 157 ? -10.483 13.743  -7.774  1.00 19.11 ? 157 LYS A CB  1 
ATOM   1256 C CG  . LYS A 1 157 ? -9.854  15.044  -8.303  1.00 27.37 ? 157 LYS A CG  1 
ATOM   1257 C CD  . LYS A 1 157 ? -10.417 16.275  -7.571  1.00 37.74 ? 157 LYS A CD  1 
ATOM   1258 C CE  . LYS A 1 157 ? -10.256 17.542  -8.406  1.00 43.09 ? 157 LYS A CE  1 
ATOM   1259 N NZ  . LYS A 1 157 ? -11.629 18.189  -8.441  1.00 47.21 ? 157 LYS A NZ  1 
ATOM   1260 N N   . LEU A 1 158 ? -11.730 12.328  -4.921  1.00 13.26 ? 158 LEU A N   1 
ATOM   1261 C CA  . LEU A 1 158 ? -12.324 11.056  -4.504  1.00 13.73 ? 158 LEU A CA  1 
ATOM   1262 C C   . LEU A 1 158 ? -13.230 10.599  -5.674  1.00 13.92 ? 158 LEU A C   1 
ATOM   1263 O O   . LEU A 1 158 ? -14.155 11.345  -6.130  1.00 14.92 ? 158 LEU A O   1 
ATOM   1264 C CB  . LEU A 1 158 ? -13.150 11.372  -3.271  1.00 13.80 ? 158 LEU A CB  1 
ATOM   1265 C CG  . LEU A 1 158 ? -14.044 10.299  -2.712  1.00 13.41 ? 158 LEU A CG  1 
ATOM   1266 C CD1 . LEU A 1 158 ? -13.242 8.974   -2.475  1.00 13.84 ? 158 LEU A CD1 1 
ATOM   1267 C CD2 . LEU A 1 158 ? -14.770 10.874  -1.429  1.00 14.87 ? 158 LEU A CD2 1 
ATOM   1268 N N   . LEU A 1 159 ? -13.061 9.373   -6.135  1.00 13.87 ? 159 LEU A N   1 
ATOM   1269 C CA  . LEU A 1 159 ? -13.823 8.873   -7.256  1.00 15.57 ? 159 LEU A CA  1 
ATOM   1270 C C   . LEU A 1 159 ? -15.209 8.424   -6.781  1.00 15.96 ? 159 LEU A C   1 
ATOM   1271 O O   . LEU A 1 159 ? -15.367 7.837   -5.686  1.00 14.72 ? 159 LEU A O   1 
ATOM   1272 C CB  . LEU A 1 159 ? -13.039 7.734   -7.922  1.00 13.51 ? 159 LEU A CB  1 
ATOM   1273 C CG  . LEU A 1 159 ? -11.607 8.047   -8.348  1.00 14.34 ? 159 LEU A CG  1 
ATOM   1274 C CD1 . LEU A 1 159 ? -11.100 6.750   -8.971  1.00 13.90 ? 159 LEU A CD1 1 
ATOM   1275 C CD2 . LEU A 1 159 ? -11.566 9.178   -9.351  1.00 15.97 ? 159 LEU A CD2 1 
ATOM   1276 N N   . PRO A 1 160 ? -16.238 8.597   -7.638  1.00 17.26 ? 160 PRO A N   1 
ATOM   1277 C CA  . PRO A 1 160 ? -17.587 8.297   -7.125  1.00 18.52 ? 160 PRO A CA  1 
ATOM   1278 C C   . PRO A 1 160 ? -17.879 6.761   -6.978  1.00 19.62 ? 160 PRO A C   1 
ATOM   1279 O O   . PRO A 1 160 ? -18.754 6.380   -6.233  1.00 21.16 ? 160 PRO A O   1 
ATOM   1280 C CB  . PRO A 1 160 ? -18.527 9.025   -8.139  1.00 22.01 ? 160 PRO A CB  1 
ATOM   1281 C CG  . PRO A 1 160 ? -17.740 9.124   -9.421  1.00 20.47 ? 160 PRO A CG  1 
ATOM   1282 C CD  . PRO A 1 160 ? -16.269 9.256   -8.985  1.00 21.30 ? 160 PRO A CD  1 
ATOM   1283 N N   . GLU A 1 161 ? -17.059 5.915   -7.602  1.00 18.26 ? 161 GLU A N   1 
ATOM   1284 C CA  . GLU A 1 161 ? -17.095 4.484   -7.469  1.00 18.57 ? 161 GLU A CA  1 
ATOM   1285 C C   . GLU A 1 161 ? -15.941 3.943   -8.307  1.00 15.32 ? 161 GLU A C   1 
ATOM   1286 O O   . GLU A 1 161 ? -15.244 4.708   -8.964  1.00 16.42 ? 161 GLU A O   1 
ATOM   1287 C CB  . GLU A 1 161 ? -18.443 3.913   -7.872  1.00 21.95 ? 161 GLU A CB  1 
ATOM   1288 C CG  . GLU A 1 161 ? -18.657 4.017   -9.385  1.00 23.13 ? 161 GLU A CG  1 
ATOM   1289 C CD  . GLU A 1 161 ? -19.998 3.388   -9.859  1.00 28.22 ? 161 GLU A CD  1 
ATOM   1290 O OE1 . GLU A 1 161 ? -20.613 2.458   -9.197  1.00 26.70 ? 161 GLU A OE1 1 
ATOM   1291 O OE2 . GLU A 1 161 ? -20.436 3.839   -10.964 1.00 28.39 ? 161 GLU A OE2 1 
ATOM   1292 N N   . TYR A 1 162 ? -15.599 2.689   -8.117  1.00 14.78 ? 162 TYR A N   1 
ATOM   1293 C CA  . TYR A 1 162 ? -14.443 2.179   -8.873  1.00 15.11 ? 162 TYR A CA  1 
ATOM   1294 C C   . TYR A 1 162 ? -14.739 0.677   -9.041  1.00 16.99 ? 162 TYR A C   1 
ATOM   1295 O O   . TYR A 1 162 ? -15.115 0.047   -8.125  1.00 15.44 ? 162 TYR A O   1 
ATOM   1296 C CB  . TYR A 1 162 ? -13.149 2.379   -8.031  1.00 13.89 ? 162 TYR A CB  1 
ATOM   1297 C CG  . TYR A 1 162 ? -11.899 2.165   -8.892  1.00 15.09 ? 162 TYR A CG  1 
ATOM   1298 C CD1 . TYR A 1 162 ? -11.516 3.144   -9.837  1.00 15.81 ? 162 TYR A CD1 1 
ATOM   1299 C CD2 . TYR A 1 162 ? -11.183 0.986   -8.837  1.00 14.03 ? 162 TYR A CD2 1 
ATOM   1300 C CE1 . TYR A 1 162 ? -10.413 2.893   -10.617 1.00 15.05 ? 162 TYR A CE1 1 
ATOM   1301 C CE2 . TYR A 1 162 ? -10.077 0.754   -9.654  1.00 15.81 ? 162 TYR A CE2 1 
ATOM   1302 C CZ  . TYR A 1 162 ? -9.701  1.761   -10.533 1.00 17.56 ? 162 TYR A CZ  1 
ATOM   1303 O OH  . TYR A 1 162 ? -8.601  1.585   -11.393 1.00 20.40 ? 162 TYR A OH  1 
ATOM   1304 N N   . PRO A 1 163 ? -14.438 0.080   -10.218 1.00 17.70 ? 163 PRO A N   1 
ATOM   1305 C CA  . PRO A 1 163 ? -14.702 -1.327  -10.423 1.00 18.72 ? 163 PRO A CA  1 
ATOM   1306 C C   . PRO A 1 163 ? -13.958 -2.234  -9.462  1.00 19.40 ? 163 PRO A C   1 
ATOM   1307 O O   . PRO A 1 163 ? -12.765 -2.036  -9.249  1.00 20.00 ? 163 PRO A O   1 
ATOM   1308 C CB  . PRO A 1 163 ? -14.111 -1.584  -11.839 1.00 17.66 ? 163 PRO A CB  1 
ATOM   1309 C CG  . PRO A 1 163 ? -14.246 -0.315  -12.538 1.00 17.05 ? 163 PRO A CG  1 
ATOM   1310 C CD  . PRO A 1 163 ? -13.857 0.688   -11.438 1.00 16.15 ? 163 PRO A CD  1 
ATOM   1311 N N   . GLY A 1 164 ? -14.670 -3.186  -8.836  1.00 18.19 ? 164 GLY A N   1 
ATOM   1312 C CA  . GLY A 1 164 ? -13.944 -4.138  -7.910  1.00 21.08 ? 164 GLY A CA  1 
ATOM   1313 C C   . GLY A 1 164 ? -13.890 -3.580  -6.499  1.00 22.72 ? 164 GLY A C   1 
ATOM   1314 O O   . GLY A 1 164 ? -13.421 -4.225  -5.537  1.00 26.24 ? 164 GLY A O   1 
ATOM   1315 N N   . VAL A 1 165 ? -14.387 -2.370  -6.340  1.00 19.43 ? 165 VAL A N   1 
ATOM   1316 C CA  . VAL A 1 165 ? -14.393 -1.833  -4.968  1.00 16.80 ? 165 VAL A CA  1 
ATOM   1317 C C   . VAL A 1 165 ? -15.793 -1.604  -4.510  1.00 16.75 ? 165 VAL A C   1 
ATOM   1318 O O   . VAL A 1 165 ? -16.537 -0.827  -5.088  1.00 18.97 ? 165 VAL A O   1 
ATOM   1319 C CB  . VAL A 1 165 ? -13.594 -0.462  -4.915  1.00 16.74 ? 165 VAL A CB  1 
ATOM   1320 C CG1 . VAL A 1 165 ? -13.580 0.150   -3.481  1.00 17.23 ? 165 VAL A CG1 1 
ATOM   1321 C CG2 . VAL A 1 165 ? -12.171 -0.653  -5.398  1.00 15.12 ? 165 VAL A CG2 1 
ATOM   1322 N N   . LEU A 1 166 ? -16.170 -2.187  -3.364  1.00 17.19 ? 166 LEU A N   1 
ATOM   1323 C CA  . LEU A 1 166 ? -17.522 -1.932  -2.885  1.00 16.59 ? 166 LEU A CA  1 
ATOM   1324 C C   . LEU A 1 166 ? -17.716 -0.518  -2.397  1.00 17.47 ? 166 LEU A C   1 
ATOM   1325 O O   . LEU A 1 166 ? -16.803 0.022   -1.733  1.00 17.35 ? 166 LEU A O   1 
ATOM   1326 C CB  . LEU A 1 166 ? -17.793 -2.922  -1.695  1.00 20.55 ? 166 LEU A CB  1 
ATOM   1327 C CG  . LEU A 1 166 ? -17.634 -4.360  -2.114  1.00 18.75 ? 166 LEU A CG  1 
ATOM   1328 C CD1 . LEU A 1 166 ? -17.697 -5.169  -0.810  1.00 21.05 ? 166 LEU A CD1 1 
ATOM   1329 C CD2 . LEU A 1 166 ? -18.815 -4.717  -2.993  1.00 23.56 ? 166 LEU A CD2 1 
ATOM   1330 N N   . SER A 1 167 ? -18.890 0.073   -2.659  1.00 16.00 ? 167 SER A N   1 
ATOM   1331 C CA  . SER A 1 167 ? -19.133 1.467   -2.297  1.00 16.82 ? 167 SER A CA  1 
ATOM   1332 C C   . SER A 1 167 ? -19.821 1.681   -0.954  1.00 18.77 ? 167 SER A C   1 
ATOM   1333 O O   . SER A 1 167 ? -19.893 2.811   -0.480  1.00 19.74 ? 167 SER A O   1 
ATOM   1334 C CB  . SER A 1 167 ? -20.011 2.147   -3.377  1.00 19.16 ? 167 SER A CB  1 
ATOM   1335 O OG  . SER A 1 167 ? -19.255 2.264   -4.554  1.00 16.44 ? 167 SER A OG  1 
ATOM   1336 N N   . ASP A 1 168 ? -20.414 0.624   -0.431  1.00 23.73 ? 168 ASP A N   1 
ATOM   1337 C CA  . ASP A 1 168 ? -21.225 0.826   0.787   1.00 22.24 ? 168 ASP A CA  1 
ATOM   1338 C C   . ASP A 1 168 ? -20.450 0.495   2.077   1.00 20.41 ? 168 ASP A C   1 
ATOM   1339 O O   . ASP A 1 168 ? -19.255 0.148   2.039   1.00 21.29 ? 168 ASP A O   1 
ATOM   1340 C CB  . ASP A 1 168 ? -22.542 0.105   0.659   1.00 27.15 ? 168 ASP A CB  1 
ATOM   1341 C CG  . ASP A 1 168 ? -22.386 -1.398  0.502   1.00 33.26 ? 168 ASP A CG  1 
ATOM   1342 O OD1 . ASP A 1 168 ? -21.330 -1.930  0.116   1.00 25.29 ? 168 ASP A OD1 1 
ATOM   1343 O OD2 . ASP A 1 168 ? -23.372 -2.067  0.813   1.00 39.56 ? 168 ASP A OD2 1 
ATOM   1344 N N   . VAL A 1 169 ? -21.091 0.732   3.223   1.00 17.91 ? 169 VAL A N   1 
ATOM   1345 C CA  . VAL A 1 169 ? -20.448 0.544   4.512   1.00 18.15 ? 169 VAL A CA  1 
ATOM   1346 C C   . VAL A 1 169 ? -20.310 -0.952  4.838   1.00 19.13 ? 169 VAL A C   1 
ATOM   1347 O O   . VAL A 1 169 ? -21.320 -1.687  4.759   1.00 20.92 ? 169 VAL A O   1 
ATOM   1348 C CB  . VAL A 1 169 ? -21.190 1.337   5.586   1.00 17.78 ? 169 VAL A CB  1 
ATOM   1349 C CG1 . VAL A 1 169 ? -20.569 1.105   6.959   1.00 20.61 ? 169 VAL A CG1 1 
ATOM   1350 C CG2 . VAL A 1 169 ? -21.185 2.820   5.271   1.00 20.25 ? 169 VAL A CG2 1 
ATOM   1351 N N   . GLN A 1 170 ? -19.077 -1.351  5.207   1.00 19.27 ? 170 GLN A N   1 
ATOM   1352 C CA  . GLN A 1 170 ? -18.723 -2.711  5.679   1.00 17.17 ? 170 GLN A CA  1 
ATOM   1353 C C   . GLN A 1 170 ? -18.689 -2.702  7.196   1.00 17.08 ? 170 GLN A C   1 
ATOM   1354 O O   . GLN A 1 170 ? -18.537 -1.678  7.847   1.00 16.67 ? 170 GLN A O   1 
ATOM   1355 C CB  . GLN A 1 170 ? -17.315 -3.070  5.165   1.00 18.26 ? 170 GLN A CB  1 
ATOM   1356 C CG  . GLN A 1 170 ? -17.138 -2.787  3.704   1.00 18.64 ? 170 GLN A CG  1 
ATOM   1357 C CD  . GLN A 1 170 ? -18.038 -3.634  2.851   1.00 20.03 ? 170 GLN A CD  1 
ATOM   1358 O OE1 . GLN A 1 170 ? -17.940 -4.871  2.830   1.00 23.52 ? 170 GLN A OE1 1 
ATOM   1359 N NE2 . GLN A 1 170 ? -18.901 -2.958  2.057   1.00 22.80 ? 170 GLN A NE2 1 
ATOM   1360 N N   . GLU A 1 171 ? -18.824 -3.890  7.787   1.00 20.89 ? 171 GLU A N   1 
ATOM   1361 C CA  . GLU A 1 171 ? -18.695 -3.925  9.221   1.00 21.31 ? 171 GLU A CA  1 
ATOM   1362 C C   . GLU A 1 171 ? -18.116 -5.320  9.591   1.00 20.01 ? 171 GLU A C   1 
ATOM   1363 O O   . GLU A 1 171 ? -18.630 -6.349  9.134   1.00 21.61 ? 171 GLU A O   1 
ATOM   1364 C CB  . GLU A 1 171 ? -20.033 -3.718  9.910   1.00 24.21 ? 171 GLU A CB  1 
ATOM   1365 C CG  . GLU A 1 171 ? -19.799 -3.665  11.453  1.00 26.69 ? 171 GLU A CG  1 
ATOM   1366 C CD  . GLU A 1 171 ? -21.070 -3.333  12.238  1.00 32.10 ? 171 GLU A CD  1 
ATOM   1367 O OE1 . GLU A 1 171 ? -21.049 -3.366  13.471  1.00 37.45 ? 171 GLU A OE1 1 
ATOM   1368 O OE2 . GLU A 1 171 ? -22.067 -2.990  11.631  1.00 33.04 ? 171 GLU A OE2 1 
ATOM   1369 N N   . GLU A 1 172 ? -17.069 -5.318  10.392  1.00 21.75 ? 172 GLU A N   1 
ATOM   1370 C CA  . GLU A 1 172 ? -16.523 -6.569  10.994  1.00 23.84 ? 172 GLU A CA  1 
ATOM   1371 C C   . GLU A 1 172 ? -16.110 -6.291  12.428  1.00 24.90 ? 172 GLU A C   1 
ATOM   1372 O O   . GLU A 1 172 ? -15.580 -5.214  12.748  1.00 25.17 ? 172 GLU A O   1 
ATOM   1373 C CB  . GLU A 1 172 ? -15.341 -7.192  10.235  1.00 25.09 ? 172 GLU A CB  1 
ATOM   1374 C CG  . GLU A 1 172 ? -15.540 -7.428  8.762   1.00 26.11 ? 172 GLU A CG  1 
ATOM   1375 C CD  . GLU A 1 172 ? -14.217 -7.880  8.125   1.00 29.74 ? 172 GLU A CD  1 
ATOM   1376 O OE1 . GLU A 1 172 ? -13.417 -7.026  7.617   1.00 25.02 ? 172 GLU A OE1 1 
ATOM   1377 O OE2 . GLU A 1 172 ? -13.899 -9.074  8.241   1.00 25.93 ? 172 GLU A OE2 1 
ATOM   1378 N N   . LYS A 1 173 ? -16.362 -7.296  13.301  1.00 27.03 ? 173 LYS A N   1 
ATOM   1379 C CA  . LYS A 1 173 ? -16.093 -7.171  14.723  1.00 28.19 ? 173 LYS A CA  1 
ATOM   1380 C C   . LYS A 1 173 ? -16.650 -5.882  15.308  1.00 25.44 ? 173 LYS A C   1 
ATOM   1381 O O   . LYS A 1 173 ? -16.016 -5.218  16.171  1.00 25.01 ? 173 LYS A O   1 
ATOM   1382 C CB  . LYS A 1 173 ? -14.594 -7.314  14.988  1.00 27.44 ? 173 LYS A CB  1 
ATOM   1383 C CG  . LYS A 1 173 ? -13.990 -8.612  14.494  1.00 32.15 ? 173 LYS A CG  1 
ATOM   1384 C CD  . LYS A 1 173 ? -12.613 -8.779  15.178  1.00 38.88 ? 173 LYS A CD  1 
ATOM   1385 C CE  . LYS A 1 173 ? -11.872 -10.039 14.721  1.00 38.80 ? 173 LYS A CE  1 
ATOM   1386 N NZ  . LYS A 1 173 ? -10.411 -9.939  15.045  1.00 36.15 ? 173 LYS A NZ  1 
ATOM   1387 N N   . GLY A 1 174 ? -17.840 -5.524  14.838  1.00 25.41 ? 174 GLY A N   1 
ATOM   1388 C CA  . GLY A 1 174 ? -18.516 -4.313  15.265  1.00 25.95 ? 174 GLY A CA  1 
ATOM   1389 C C   . GLY A 1 174 ? -17.902 -2.974  14.824  1.00 25.44 ? 174 GLY A C   1 
ATOM   1390 O O   . GLY A 1 174 ? -18.233 -1.902  15.400  1.00 27.54 ? 174 GLY A O   1 
ATOM   1391 N N   . ILE A 1 175 ? -16.940 -3.020  13.872  1.00 20.33 ? 175 ILE A N   1 
ATOM   1392 C CA  . ILE A 1 175 ? -16.226 -1.806  13.471  1.00 21.56 ? 175 ILE A CA  1 
ATOM   1393 C C   . ILE A 1 175 ? -16.669 -1.501  12.011  1.00 19.09 ? 175 ILE A C   1 
ATOM   1394 O O   . ILE A 1 175 ? -16.424 -2.349  11.135  1.00 20.60 ? 175 ILE A O   1 
ATOM   1395 C CB  . ILE A 1 175 ? -14.705 -2.084  13.432  1.00 20.00 ? 175 ILE A CB  1 
ATOM   1396 C CG1 . ILE A 1 175 ? -14.216 -2.340  14.883  1.00 22.98 ? 175 ILE A CG1 1 
ATOM   1397 C CG2 . ILE A 1 175 ? -13.960 -0.895  12.821  1.00 18.65 ? 175 ILE A CG2 1 
ATOM   1398 C CD1 . ILE A 1 175 ? -12.773 -2.805  14.974  1.00 28.66 ? 175 ILE A CD1 1 
ATOM   1399 N N   . LYS A 1 176 ? -17.303 -0.331  11.797  1.00 18.66 ? 176 LYS A N   1 
ATOM   1400 C CA  . LYS A 1 176 ? -17.779 0.080   10.458  1.00 19.77 ? 176 LYS A CA  1 
ATOM   1401 C C   . LYS A 1 176 ? -16.599 0.658   9.677   1.00 19.75 ? 176 LYS A C   1 
ATOM   1402 O O   . LYS A 1 176 ? -15.735 1.411   10.232  1.00 19.58 ? 176 LYS A O   1 
ATOM   1403 C CB  . LYS A 1 176 ? -18.919 1.111   10.522  1.00 20.54 ? 176 LYS A CB  1 
ATOM   1404 C CG  . LYS A 1 176 ? -20.266 0.532   10.962  1.00 25.11 ? 176 LYS A CG  1 
ATOM   1405 C CD  . LYS A 1 176 ? -21.229 1.712   11.191  1.00 30.59 ? 176 LYS A CD  1 
ATOM   1406 C CE  . LYS A 1 176 ? -22.754 1.491   11.365  1.00 39.71 ? 176 LYS A CE  1 
ATOM   1407 N NZ  . LYS A 1 176 ? -23.077 0.046   11.418  1.00 45.18 ? 176 LYS A NZ  1 
ATOM   1408 N N   . TYR A 1 177 ? -16.484 0.257   8.421   1.00 16.40 ? 177 TYR A N   1 
ATOM   1409 C CA  . TYR A 1 177 ? -15.448 0.866   7.554   1.00 14.68 ? 177 TYR A CA  1 
ATOM   1410 C C   . TYR A 1 177 ? -15.972 0.996   6.107   1.00 14.83 ? 177 TYR A C   1 
ATOM   1411 O O   . TYR A 1 177 ? -16.993 0.408   5.751   1.00 15.32 ? 177 TYR A O   1 
ATOM   1412 C CB  . TYR A 1 177 ? -14.161 0.065   7.629   1.00 15.45 ? 177 TYR A CB  1 
ATOM   1413 C CG  . TYR A 1 177 ? -14.214 -1.340  7.167   1.00 15.49 ? 177 TYR A CG  1 
ATOM   1414 C CD1 . TYR A 1 177 ? -14.425 -2.406  8.031   1.00 17.29 ? 177 TYR A CD1 1 
ATOM   1415 C CD2 . TYR A 1 177 ? -13.871 -1.633  5.822   1.00 16.51 ? 177 TYR A CD2 1 
ATOM   1416 C CE1 . TYR A 1 177 ? -14.433 -3.734  7.558   1.00 18.24 ? 177 TYR A CE1 1 
ATOM   1417 C CE2 . TYR A 1 177 ? -13.855 -2.963  5.346   1.00 18.34 ? 177 TYR A CE2 1 
ATOM   1418 C CZ  . TYR A 1 177 ? -14.120 -3.997  6.233   1.00 20.26 ? 177 TYR A CZ  1 
ATOM   1419 O OH  . TYR A 1 177 ? -14.062 -5.296  5.816   1.00 24.00 ? 177 TYR A OH  1 
ATOM   1420 N N   . LYS A 1 178 ? -15.253 1.756   5.269   1.00 14.14 ? 178 LYS A N   1 
ATOM   1421 C CA  . LYS A 1 178 ? -15.703 1.894   3.855   1.00 14.31 ? 178 LYS A CA  1 
ATOM   1422 C C   . LYS A 1 178 ? -14.455 2.036   3.027   1.00 14.95 ? 178 LYS A C   1 
ATOM   1423 O O   . LYS A 1 178 ? -13.413 2.508   3.533   1.00 13.68 ? 178 LYS A O   1 
ATOM   1424 C CB  . LYS A 1 178 ? -16.686 3.136   3.722   1.00 14.78 ? 178 LYS A CB  1 
ATOM   1425 C CG  . LYS A 1 178 ? -16.071 4.463   4.201   1.00 16.30 ? 178 LYS A CG  1 
ATOM   1426 C CD  . LYS A 1 178 ? -17.162 5.588   4.237   1.00 20.08 ? 178 LYS A CD  1 
ATOM   1427 C CE  . LYS A 1 178 ? -16.594 6.923   4.763   1.00 22.36 ? 178 LYS A CE  1 
ATOM   1428 N NZ  . LYS A 1 178 ? -17.695 7.958   4.601   1.00 23.47 ? 178 LYS A NZ  1 
ATOM   1429 N N   . PHE A 1 179 ? -14.572 1.640   1.735   1.00 14.61 ? 179 PHE A N   1 
ATOM   1430 C CA  . PHE A 1 179 ? -13.478 1.767   0.834   1.00 15.87 ? 179 PHE A CA  1 
ATOM   1431 C C   . PHE A 1 179 ? -13.666 3.008   -0.071  1.00 16.21 ? 179 PHE A C   1 
ATOM   1432 O O   . PHE A 1 179 ? -14.798 3.346   -0.513  1.00 16.61 ? 179 PHE A O   1 
ATOM   1433 C CB  . PHE A 1 179 ? -13.496 0.534   -0.091  1.00 14.11 ? 179 PHE A CB  1 
ATOM   1434 C CG  . PHE A 1 179 ? -13.402 -0.760  0.594   1.00 15.06 ? 179 PHE A CG  1 
ATOM   1435 C CD1 . PHE A 1 179 ? -12.270 -1.100  1.324   1.00 15.75 ? 179 PHE A CD1 1 
ATOM   1436 C CD2 . PHE A 1 179 ? -14.492 -1.671  0.524   1.00 17.60 ? 179 PHE A CD2 1 
ATOM   1437 C CE1 . PHE A 1 179 ? -12.187 -2.359  1.954   1.00 16.35 ? 179 PHE A CE1 1 
ATOM   1438 C CE2 . PHE A 1 179 ? -14.406 -2.976  1.128   1.00 16.84 ? 179 PHE A CE2 1 
ATOM   1439 C CZ  . PHE A 1 179 ? -13.236 -3.309  1.831   1.00 17.23 ? 179 PHE A CZ  1 
ATOM   1440 N N   . GLU A 1 180 ? -12.542 3.648   -0.406  1.00 14.97 ? 180 GLU A N   1 
ATOM   1441 C CA  . GLU A 1 180 ? -12.498 4.876   -1.223  1.00 14.68 ? 180 GLU A CA  1 
ATOM   1442 C C   . GLU A 1 180 ? -11.320 4.763   -2.156  1.00 14.81 ? 180 GLU A C   1 
ATOM   1443 O O   . GLU A 1 180 ? -10.293 4.148   -1.786  1.00 14.27 ? 180 GLU A O   1 
ATOM   1444 C CB  . GLU A 1 180 ? -12.231 6.121   -0.343  1.00 12.84 ? 180 GLU A CB  1 
ATOM   1445 C CG  . GLU A 1 180 ? -13.462 6.345   0.581   1.00 13.65 ? 180 GLU A CG  1 
ATOM   1446 C CD  . GLU A 1 180 ? -13.226 7.508   1.524   1.00 16.28 ? 180 GLU A CD  1 
ATOM   1447 O OE1 . GLU A 1 180 ? -14.239 7.990   2.061   1.00 18.23 ? 180 GLU A OE1 1 
ATOM   1448 O OE2 . GLU A 1 180 ? -12.105 8.031   1.699   1.00 15.60 ? 180 GLU A OE2 1 
ATOM   1449 N N   . VAL A 1 181 ? -11.403 5.483   -3.276  1.00 13.00 ? 181 VAL A N   1 
ATOM   1450 C CA  . VAL A 1 181 ? -10.288 5.536   -4.194  1.00 12.73 ? 181 VAL A CA  1 
ATOM   1451 C C   . VAL A 1 181 ? -10.165 7.017   -4.570  1.00 14.04 ? 181 VAL A C   1 
ATOM   1452 O O   . VAL A 1 181 ? -11.180 7.640   -4.967  1.00 13.55 ? 181 VAL A O   1 
ATOM   1453 C CB  . VAL A 1 181 ? -10.579 4.694   -5.457  1.00 13.59 ? 181 VAL A CB  1 
ATOM   1454 C CG1 . VAL A 1 181 ? -9.327  4.792   -6.375  1.00 13.77 ? 181 VAL A CG1 1 
ATOM   1455 C CG2 . VAL A 1 181 ? -10.867 3.236   -5.053  1.00 14.18 ? 181 VAL A CG2 1 
ATOM   1456 N N   . TYR A 1 182 ? -8.941  7.512   -4.379  1.00 12.60 ? 182 TYR A N   1 
ATOM   1457 C CA  . TYR A 1 182 ? -8.569  8.875   -4.769  1.00 12.96 ? 182 TYR A CA  1 
ATOM   1458 C C   . TYR A 1 182 ? -7.611  8.825   -5.944  1.00 14.66 ? 182 TYR A C   1 
ATOM   1459 O O   . TYR A 1 182 ? -6.778  7.915   -6.097  1.00 13.36 ? 182 TYR A O   1 
ATOM   1460 C CB  . TYR A 1 182 ? -7.817  9.620   -3.631  1.00 12.90 ? 182 TYR A CB  1 
ATOM   1461 C CG  . TYR A 1 182 ? -8.694  9.846   -2.400  1.00 13.93 ? 182 TYR A CG  1 
ATOM   1462 C CD1 . TYR A 1 182 ? -8.982  8.773   -1.527  1.00 13.03 ? 182 TYR A CD1 1 
ATOM   1463 C CD2 . TYR A 1 182 ? -9.319  11.096  -2.202  1.00 14.45 ? 182 TYR A CD2 1 
ATOM   1464 C CE1 . TYR A 1 182 ? -9.823  8.987   -0.418  1.00 13.97 ? 182 TYR A CE1 1 
ATOM   1465 C CE2 . TYR A 1 182 ? -10.155 11.307  -1.102  1.00 15.06 ? 182 TYR A CE2 1 
ATOM   1466 C CZ  . TYR A 1 182 ? -10.397 10.232  -0.257  1.00 14.51 ? 182 TYR A CZ  1 
ATOM   1467 O OH  . TYR A 1 182 ? -11.223 10.315  0.878   1.00 15.93 ? 182 TYR A OH  1 
ATOM   1468 N N   . GLU A 1 183 ? -7.740  9.870   -6.761  1.00 12.64 ? 183 GLU A N   1 
ATOM   1469 C CA  . GLU A 1 183 ? -6.822  9.994   -7.926  1.00 13.87 ? 183 GLU A CA  1 
ATOM   1470 C C   . GLU A 1 183 ? -6.240  11.408  -8.071  1.00 16.16 ? 183 GLU A C   1 
ATOM   1471 O O   . GLU A 1 183 ? -7.012  12.401  -8.114  1.00 14.48 ? 183 GLU A O   1 
ATOM   1472 C CB  . GLU A 1 183 ? -7.590  9.624   -9.168  1.00 12.85 ? 183 GLU A CB  1 
ATOM   1473 C CG  . GLU A 1 183 ? -6.666  9.543   -10.391 1.00 15.73 ? 183 GLU A CG  1 
ATOM   1474 C CD  . GLU A 1 183 ? -7.384  8.814   -11.585 1.00 16.40 ? 183 GLU A CD  1 
ATOM   1475 O OE1 . GLU A 1 183 ? -6.747  8.291   -12.493 1.00 21.45 ? 183 GLU A OE1 1 
ATOM   1476 O OE2 . GLU A 1 183 ? -8.584  8.835   -11.615 1.00 20.01 ? 183 GLU A OE2 1 
ATOM   1477 N N   . LYS A 1 184 ? -4.923  11.513  -8.222  1.00 15.24 ? 184 LYS A N   1 
ATOM   1478 C CA  . LYS A 1 184 ? -4.370  12.808  -8.689  1.00 16.22 ? 184 LYS A CA  1 
ATOM   1479 C C   . LYS A 1 184 ? -3.636  12.656  -10.026 1.00 20.76 ? 184 LYS A C   1 
ATOM   1480 O O   . LYS A 1 184 ? -3.205  11.532  -10.381 1.00 19.11 ? 184 LYS A O   1 
ATOM   1481 C CB  . LYS A 1 184 ? -3.416  13.391  -7.665  1.00 18.97 ? 184 LYS A CB  1 
ATOM   1482 C CG  . LYS A 1 184 ? -2.016  12.853  -7.628  1.00 19.24 ? 184 LYS A CG  1 
ATOM   1483 C CD  . LYS A 1 184 ? -1.221  13.711  -6.653  1.00 18.67 ? 184 LYS A CD  1 
ATOM   1484 C CE  . LYS A 1 184 ? 0.220   13.275  -6.557  1.00 21.31 ? 184 LYS A CE  1 
ATOM   1485 N NZ  . LYS A 1 184 ? 0.939   13.231  -7.875  1.00 23.55 ? 184 LYS A NZ  1 
ATOM   1486 N N   . ASN A 1 185 ? -3.396  13.782  -10.702 1.00 19.99 ? 185 ASN A N   1 
ATOM   1487 C CA  . ASN A 1 185 ? -2.480  13.721  -11.872 1.00 19.12 ? 185 ASN A CA  1 
ATOM   1488 C C   . ASN A 1 185 ? -1.890  15.097  -11.985 1.00 22.04 ? 185 ASN A C   1 
ATOM   1489 O O   . ASN A 1 185 ? -2.546  16.022  -12.425 1.00 26.42 ? 185 ASN A O   1 
ATOM   1490 C CB  . ASN A 1 185 ? -3.303  13.349  -13.096 1.00 19.30 ? 185 ASN A CB  1 
ATOM   1491 C CG  . ASN A 1 185 ? -2.458  12.922  -14.290 1.00 25.07 ? 185 ASN A CG  1 
ATOM   1492 O OD1 . ASN A 1 185 ? -2.926  12.989  -15.412 1.00 31.99 ? 185 ASN A OD1 1 
ATOM   1493 N ND2 . ASN A 1 185 ? -1.220  12.515  -14.071 1.00 21.60 ? 185 ASN A ND2 1 
ATOM   1494 N N   . ASP A 1 186 ? -0.649  15.265  -11.639 1.00 26.26 ? 186 ASP A N   1 
ATOM   1495 C CA  . ASP A 1 186 ? -0.152  16.657  -11.629 1.00 30.97 ? 186 ASP A CA  1 
ATOM   1496 C C   . ASP A 1 186 ? 1.326   16.564  -11.982 1.00 30.77 ? 186 ASP A C   1 
ATOM   1497 O O   . ASP A 1 186 ? 2.177   17.409  -11.671 1.00 31.83 ? 186 ASP A O   1 
ATOM   1498 C CB  . ASP A 1 186 ? -0.387  17.320  -10.270 1.00 26.65 ? 186 ASP A CB  1 
ATOM   1499 C CG  . ASP A 1 186 ? 0.413   16.639  -9.156  1.00 29.17 ? 186 ASP A CG  1 
ATOM   1500 O OD1 . ASP A 1 186 ? 0.993   15.562  -9.411  1.00 29.05 ? 186 ASP A OD1 1 
ATOM   1501 O OD2 . ASP A 1 186 ? 0.460   17.170  -8.006  1.00 30.21 ? 186 ASP A OD2 1 
ATOM   1502 O OXT . ASP A 1 186 ? 1.710   15.570  -12.588 1.00 28.02 ? 186 ASP A OXT 1 
HETATM 1503 P PA  . NDP B 2 .   ? 7.822   2.058   7.690   1.00 18.79 ? 201 NDP A PA  1 
HETATM 1504 O O1A . NDP B 2 .   ? 7.685   3.433   7.162   1.00 22.26 ? 201 NDP A O1A 1 
HETATM 1505 O O2A . NDP B 2 .   ? 7.206   0.930   6.959   1.00 17.22 ? 201 NDP A O2A 1 
HETATM 1506 O O5B . NDP B 2 .   ? 9.392   1.745   7.866   1.00 17.93 ? 201 NDP A O5B 1 
HETATM 1507 C C5B . NDP B 2 .   ? 10.364  2.696   7.427   1.00 23.42 ? 201 NDP A C5B 1 
HETATM 1508 C C4B . NDP B 2 .   ? 11.769  2.119   7.626   1.00 24.70 ? 201 NDP A C4B 1 
HETATM 1509 O O4B . NDP B 2 .   ? 12.192  1.434   6.416   1.00 25.68 ? 201 NDP A O4B 1 
HETATM 1510 C C3B . NDP B 2 .   ? 12.758  3.256   7.862   1.00 27.65 ? 201 NDP A C3B 1 
HETATM 1511 O O3B . NDP B 2 .   ? 13.201  3.229   9.226   1.00 29.61 ? 201 NDP A O3B 1 
HETATM 1512 C C2B . NDP B 2 .   ? 13.912  2.921   6.951   1.00 26.11 ? 201 NDP A C2B 1 
HETATM 1513 O O2B . NDP B 2 .   ? 14.784  1.989   7.606   1.00 24.49 ? 201 NDP A O2B 1 
HETATM 1514 C C1B . NDP B 2 .   ? 13.218  2.237   5.796   1.00 24.21 ? 201 NDP A C1B 1 
HETATM 1515 N N9A . NDP B 2 .   ? 12.610  3.229   4.878   1.00 28.26 ? 201 NDP A N9A 1 
HETATM 1516 C C8A . NDP B 2 .   ? 11.402  3.772   4.994   1.00 23.58 ? 201 NDP A C8A 1 
HETATM 1517 N N7A . NDP B 2 .   ? 11.231  4.609   3.975   1.00 28.58 ? 201 NDP A N7A 1 
HETATM 1518 C C5A . NDP B 2 .   ? 12.331  4.585   3.228   1.00 25.74 ? 201 NDP A C5A 1 
HETATM 1519 C C6A . NDP B 2 .   ? 12.652  5.237   2.113   1.00 32.31 ? 201 NDP A C6A 1 
HETATM 1520 N N6A . NDP B 2 .   ? 11.733  6.069   1.631   1.00 33.50 ? 201 NDP A N6A 1 
HETATM 1521 N N1A . NDP B 2 .   ? 13.835  5.067   1.508   1.00 29.97 ? 201 NDP A N1A 1 
HETATM 1522 C C2A . NDP B 2 .   ? 14.753  4.178   2.069   1.00 29.90 ? 201 NDP A C2A 1 
HETATM 1523 N N3A . NDP B 2 .   ? 14.390  3.507   3.239   1.00 25.72 ? 201 NDP A N3A 1 
HETATM 1524 C C4A . NDP B 2 .   ? 13.187  3.729   3.788   1.00 28.38 ? 201 NDP A C4A 1 
HETATM 1525 O O3  . NDP B 2 .   ? 7.310   2.033   9.213   1.00 19.93 ? 201 NDP A O3  1 
HETATM 1526 P PN  . NDP B 2 .   ? 6.409   3.241   9.780   1.00 28.58 ? 201 NDP A PN  1 
HETATM 1527 O O1N . NDP B 2 .   ? 5.644   3.814   8.651   1.00 27.66 ? 201 NDP A O1N 1 
HETATM 1528 O O2N . NDP B 2 .   ? 7.277   4.119   10.594  1.00 36.93 ? 201 NDP A O2N 1 
HETATM 1529 O O5D . NDP B 2 .   ? 5.395   2.465   10.754  1.00 29.32 ? 201 NDP A O5D 1 
HETATM 1530 C C5D . NDP B 2 .   ? 5.203   1.055   10.610  1.00 31.85 ? 201 NDP A C5D 1 
HETATM 1531 C C4D . NDP B 2 .   ? 3.734   0.711   10.868  1.00 30.11 ? 201 NDP A C4D 1 
HETATM 1532 O O4D . NDP B 2 .   ? 2.972   0.943   9.674   1.00 26.10 ? 201 NDP A O4D 1 
HETATM 1533 C C3D . NDP B 2 .   ? 3.598   -0.784  11.106  1.00 29.77 ? 201 NDP A C3D 1 
HETATM 1534 O O3D . NDP B 2 .   ? 3.498   -1.037  12.516  1.00 26.81 ? 201 NDP A O3D 1 
HETATM 1535 C C2D . NDP B 2 .   ? 2.286   -1.150  10.431  1.00 29.41 ? 201 NDP A C2D 1 
HETATM 1536 O O2D . NDP B 2 .   ? 1.361   -1.638  11.414  1.00 35.21 ? 201 NDP A O2D 1 
HETATM 1537 C C1D . NDP B 2 .   ? 1.780   0.169   9.869   1.00 25.93 ? 201 NDP A C1D 1 
HETATM 1538 N N1N . NDP B 2 .   ? 1.104   -0.033  8.568   1.00 22.08 ? 201 NDP A N1N 1 
HETATM 1539 C C2N . NDP B 2 .   ? -0.273  0.183   8.453   1.00 20.84 ? 201 NDP A C2N 1 
HETATM 1540 C C3N . NDP B 2 .   ? -0.904  -0.009  7.229   1.00 21.76 ? 201 NDP A C3N 1 
HETATM 1541 C C7N . NDP B 2 .   ? -2.273  0.206   7.111   1.00 21.26 ? 201 NDP A C7N 1 
HETATM 1542 O O7N . NDP B 2 .   ? -2.741  0.788   6.134   1.00 18.42 ? 201 NDP A O7N 1 
HETATM 1543 N N7N . NDP B 2 .   ? -3.003  -0.262  8.119   1.00 20.80 ? 201 NDP A N7N 1 
HETATM 1544 C C4N . NDP B 2 .   ? -0.167  -0.414  6.121   1.00 18.42 ? 201 NDP A C4N 1 
HETATM 1545 C C5N . NDP B 2 .   ? 1.202   -0.630  6.232   1.00 22.23 ? 201 NDP A C5N 1 
HETATM 1546 C C6N . NDP B 2 .   ? 1.842   -0.441  7.451   1.00 21.55 ? 201 NDP A C6N 1 
HETATM 1547 P P2B . NDP B 2 .   ? 16.386  2.215   7.568   1.00 19.86 ? 201 NDP A P2B 1 
HETATM 1548 O O1X . NDP B 2 .   ? 16.758  2.892   8.989   1.00 22.01 ? 201 NDP A O1X 1 
HETATM 1549 O O2X . NDP B 2 .   ? 17.030  0.733   7.614   1.00 20.03 ? 201 NDP A O2X 1 
HETATM 1550 O O3X . NDP B 2 .   ? 16.835  3.013   6.406   1.00 22.26 ? 201 NDP A O3X 1 
HETATM 1551 C C3  . IXE C 3 .   ? -1.438  -3.205  5.249   1.00 22.37 ? 202 IXE A C3  1 
HETATM 1552 C C4  . IXE C 3 .   ? -2.655  -2.762  4.688   1.00 19.36 ? 202 IXE A C4  1 
HETATM 1553 C C8  . IXE C 3 .   ? -2.677  -1.786  3.653   1.00 16.03 ? 202 IXE A C8  1 
HETATM 1554 N N6  . IXE C 3 .   ? -1.546  -1.271  3.155   1.00 16.73 ? 202 IXE A N6  1 
HETATM 1555 N N5  . IXE C 3 .   ? -3.901  -1.411  3.209   1.00 14.06 ? 202 IXE A N5  1 
HETATM 1556 C C7  . IXE C 3 .   ? -5.043  -1.948  3.597   1.00 14.20 ? 202 IXE A C7  1 
HETATM 1557 N N4  . IXE C 3 .   ? -6.215  -1.538  3.134   1.00 14.56 ? 202 IXE A N4  1 
HETATM 1558 N N3  . IXE C 3 .   ? -5.070  -2.858  4.597   1.00 18.59 ? 202 IXE A N3  1 
HETATM 1559 C C5  . IXE C 3 .   ? -3.878  -3.273  5.132   1.00 21.69 ? 202 IXE A C5  1 
HETATM 1560 N N2  . IXE C 3 .   ? -3.938  -4.215  6.120   1.00 25.93 ? 202 IXE A N2  1 
HETATM 1561 C C6  . IXE C 3 .   ? -2.727  -4.688  6.676   1.00 25.64 ? 202 IXE A C6  1 
HETATM 1562 C C2  . IXE C 3 .   ? -1.479  -4.225  6.267   1.00 28.97 ? 202 IXE A C2  1 
HETATM 1563 N N1  . IXE C 3 .   ? -0.273  -4.659  6.881   1.00 36.38 ? 202 IXE A N1  1 
HETATM 1564 C C1  . IXE C 3 .   ? 0.951   -3.903  6.580   1.00 34.75 ? 202 IXE A C1  1 
HETATM 1565 C C9  . IXE C 3 .   ? -0.269  -5.501  7.968   1.00 34.69 ? 202 IXE A C9  1 
HETATM 1566 C C10 . IXE C 3 .   ? 0.242   -4.994  9.194   1.00 35.99 ? 202 IXE A C10 1 
HETATM 1567 C C11 . IXE C 3 .   ? 0.196   -5.810  10.347  1.00 38.78 ? 202 IXE A C11 1 
HETATM 1568 F F1  . IXE C 3 .   ? 0.629   -5.463  11.406  1.00 38.97 ? 202 IXE A F1  1 
HETATM 1569 C C12 . IXE C 3 .   ? -0.304  -7.110  10.320  1.00 44.76 ? 202 IXE A C12 1 
HETATM 1570 F F2  . IXE C 3 .   ? -0.267  -7.972  11.702  1.00 49.95 ? 202 IXE A F2  1 
HETATM 1571 C C13 . IXE C 3 .   ? -0.820  -7.621  9.112   1.00 43.96 ? 202 IXE A C13 1 
HETATM 1572 F F3  . IXE C 3 .   ? -1.359  -8.986  9.157   1.00 43.31 ? 202 IXE A F3  1 
HETATM 1573 C C14 . IXE C 3 .   ? -0.777  -6.826  7.914   1.00 38.13 ? 202 IXE A C14 1 
HETATM 1574 O O   . HOH D 4 .   ? -7.826  0.541   0.955   1.00 12.99 ? 301 HOH A O   1 
HETATM 1575 O O   . HOH D 4 .   ? -9.869  1.387   -0.939  1.00 17.40 ? 302 HOH A O   1 
HETATM 1576 O O   . HOH D 4 .   ? 18.744  1.794   -4.130  1.00 21.09 ? 303 HOH A O   1 
HETATM 1577 O O   . HOH D 4 .   ? -8.292  15.075  3.466   1.00 17.78 ? 304 HOH A O   1 
HETATM 1578 O O   . HOH D 4 .   ? 3.986   1.211   14.670  1.00 22.59 ? 305 HOH A O   1 
HETATM 1579 O O   . HOH D 4 .   ? -7.235  23.376  0.656   1.00 19.95 ? 306 HOH A O   1 
HETATM 1580 O O   . HOH D 4 .   ? 6.460   -2.023  22.270  1.00 16.40 ? 307 HOH A O   1 
HETATM 1581 O O   . HOH D 4 .   ? -9.798  8.529   8.226   1.00 18.68 ? 308 HOH A O   1 
HETATM 1582 O O   . HOH D 4 .   ? -16.606 1.806   -5.384  1.00 18.72 ? 309 HOH A O   1 
HETATM 1583 O O   . HOH D 4 .   ? 16.290  -5.362  10.289  1.00 16.67 ? 310 HOH A O   1 
HETATM 1584 O O   . HOH D 4 .   ? -7.646  2.945   -13.366 1.00 21.99 ? 311 HOH A O   1 
HETATM 1585 O O   . HOH D 4 .   ? 12.259  -11.466 6.837   1.00 17.52 ? 312 HOH A O   1 
HETATM 1586 O O   . HOH D 4 .   ? -6.563  17.861  3.860   1.00 18.63 ? 313 HOH A O   1 
HETATM 1587 O O   . HOH D 4 .   ? -1.760  14.825  -0.118  1.00 17.70 ? 314 HOH A O   1 
HETATM 1588 O O   . HOH D 4 .   ? 10.866  -1.324  14.384  1.00 19.57 ? 315 HOH A O   1 
HETATM 1589 O O   . HOH D 4 .   ? -17.158 1.309   0.740   1.00 16.81 ? 316 HOH A O   1 
HETATM 1590 O O   . HOH D 4 .   ? 18.063  -0.164  13.305  1.00 17.87 ? 317 HOH A O   1 
HETATM 1591 O O   . HOH D 4 .   ? 0.539   -9.633  -8.841  1.00 20.19 ? 318 HOH A O   1 
HETATM 1592 O O   . HOH D 4 .   ? 4.969   0.286   23.622  1.00 19.93 ? 319 HOH A O   1 
HETATM 1593 O O   . HOH D 4 .   ? -18.556 3.998   13.080  1.00 25.15 ? 320 HOH A O   1 
HETATM 1594 O O   . HOH D 4 .   ? -1.137  8.144   -16.831 1.00 24.79 ? 321 HOH A O   1 
HETATM 1595 O O   . HOH D 4 .   ? 17.891  -7.396  9.415   1.00 20.87 ? 322 HOH A O   1 
HETATM 1596 O O   . HOH D 4 .   ? 7.748   5.571   7.684   1.00 22.46 ? 323 HOH A O   1 
HETATM 1597 O O   . HOH D 4 .   ? 3.535   8.700   11.610  1.00 24.15 ? 324 HOH A O   1 
HETATM 1598 O O   . HOH D 4 .   ? -23.955 1.487   3.359   1.00 26.59 ? 325 HOH A O   1 
HETATM 1599 O O   . HOH D 4 .   ? 18.902  -8.130  5.187   1.00 17.28 ? 326 HOH A O   1 
HETATM 1600 O O   . HOH D 4 .   ? -18.789 3.089   -13.050 1.00 20.76 ? 327 HOH A O   1 
HETATM 1601 O O   . HOH D 4 .   ? -14.226 -3.697  -2.061  1.00 21.93 ? 328 HOH A O   1 
HETATM 1602 O O   . HOH D 4 .   ? 4.441   2.950   20.854  1.00 16.53 ? 329 HOH A O   1 
HETATM 1603 O O   . HOH D 4 .   ? -11.753 6.794   8.871   1.00 18.44 ? 330 HOH A O   1 
HETATM 1604 O O   . HOH D 4 .   ? -4.713  16.145  -9.558  1.00 23.54 ? 331 HOH A O   1 
HETATM 1605 O O   . HOH D 4 .   ? 7.366   -3.875  12.469  1.00 24.74 ? 332 HOH A O   1 
HETATM 1606 O O   . HOH D 4 .   ? -6.634  -0.101  -10.766 1.00 22.33 ? 333 HOH A O   1 
HETATM 1607 O O   . HOH D 4 .   ? 6.806   9.160   -7.353  1.00 39.46 ? 334 HOH A O   1 
HETATM 1608 O O   . HOH D 4 .   ? -5.052  0.698   19.375  1.00 22.76 ? 335 HOH A O   1 
HETATM 1609 O O   . HOH D 4 .   ? -4.502  1.673   -10.503 1.00 24.81 ? 336 HOH A O   1 
HETATM 1610 O O   . HOH D 4 .   ? -16.798 8.334   1.495   1.00 21.38 ? 337 HOH A O   1 
HETATM 1611 O O   . HOH D 4 .   ? 13.797  -14.729 -0.844  1.00 22.24 ? 338 HOH A O   1 
HETATM 1612 O O   . HOH D 4 .   ? 10.288  -13.731 6.058   1.00 28.29 ? 339 HOH A O   1 
HETATM 1613 O O   . HOH D 4 .   ? -15.545 -5.894  3.611   1.00 23.11 ? 340 HOH A O   1 
HETATM 1614 O O   . HOH D 4 .   ? 19.101  -11.327 0.636   1.00 25.00 ? 341 HOH A O   1 
HETATM 1615 O O   . HOH D 4 .   ? -6.852  -4.113  8.187   1.00 26.96 ? 342 HOH A O   1 
HETATM 1616 O O   . HOH D 4 .   ? 17.716  -5.932  -4.424  1.00 20.69 ? 343 HOH A O   1 
HETATM 1617 O O   . HOH D 4 .   ? -14.190 -6.473  -1.397  1.00 23.44 ? 344 HOH A O   1 
HETATM 1618 O O   . HOH D 4 .   ? 20.485  -6.227  9.134   1.00 28.33 ? 345 HOH A O   1 
HETATM 1619 O O   . HOH D 4 .   ? 16.093  -12.773 0.542   1.00 21.74 ? 346 HOH A O   1 
HETATM 1620 O O   . HOH D 4 .   ? -15.006 5.809   -11.506 1.00 23.81 ? 347 HOH A O   1 
HETATM 1621 O O   . HOH D 4 .   ? -16.597 11.872  -5.662  1.00 22.72 ? 348 HOH A O   1 
HETATM 1622 O O   . HOH D 4 .   ? 9.771   -3.750  13.830  1.00 17.88 ? 349 HOH A O   1 
HETATM 1623 O O   . HOH D 4 .   ? 23.194  -3.853  7.826   1.00 31.53 ? 350 HOH A O   1 
HETATM 1624 O O   . HOH D 4 .   ? 6.242   -5.613  13.860  1.00 25.73 ? 351 HOH A O   1 
HETATM 1625 O O   . HOH D 4 .   ? 0.800   14.685  2.814   1.00 23.50 ? 352 HOH A O   1 
HETATM 1626 O O   . HOH D 4 .   ? -14.423 6.283   17.985  1.00 26.77 ? 353 HOH A O   1 
HETATM 1627 O O   . HOH D 4 .   ? -12.407 2.422   18.786  1.00 27.74 ? 354 HOH A O   1 
HETATM 1628 O O   . HOH D 4 .   ? -3.663  7.716   19.041  1.00 24.34 ? 355 HOH A O   1 
HETATM 1629 O O   . HOH D 4 .   ? -17.592 6.947   -12.529 1.00 24.23 ? 356 HOH A O   1 
HETATM 1630 O O   . HOH D 4 .   ? 17.550  -8.510  -5.211  1.00 21.39 ? 357 HOH A O   1 
HETATM 1631 O O   . HOH D 4 .   ? 11.160  -15.179 -1.473  1.00 23.39 ? 358 HOH A O   1 
HETATM 1632 O O   . HOH D 4 .   ? 1.822   16.283  -5.831  1.00 29.95 ? 359 HOH A O   1 
HETATM 1633 O O   . HOH D 4 .   ? -20.988 -1.235  -3.942  1.00 30.07 ? 360 HOH A O   1 
HETATM 1634 O O   . HOH D 4 .   ? -7.922  13.053  -10.764 1.00 29.06 ? 361 HOH A O   1 
HETATM 1635 O O   . HOH D 4 .   ? 12.638  -17.763 2.856   1.00 26.13 ? 362 HOH A O   1 
HETATM 1636 O O   . HOH D 4 .   ? 20.336  -0.322  1.553   1.00 28.86 ? 363 HOH A O   1 
HETATM 1637 O O   . HOH D 4 .   ? -0.737  5.625   -11.662 1.00 25.57 ? 364 HOH A O   1 
HETATM 1638 O O   . HOH D 4 .   ? -18.058 -0.936  -7.570  1.00 25.94 ? 365 HOH A O   1 
HETATM 1639 O O   . HOH D 4 .   ? -2.754  5.141   -10.571 1.00 26.92 ? 366 HOH A O   1 
HETATM 1640 O O   . HOH D 4 .   ? 21.006  -6.663  5.886   1.00 25.27 ? 367 HOH A O   1 
HETATM 1641 O O   . HOH D 4 .   ? -7.301  7.274   19.809  1.00 38.92 ? 368 HOH A O   1 
HETATM 1642 O O   . HOH D 4 .   ? 0.110   -13.224 -9.228  1.00 29.14 ? 369 HOH A O   1 
HETATM 1643 O O   . HOH D 4 .   ? -14.254 10.243  3.619   1.00 26.65 ? 370 HOH A O   1 
HETATM 1644 O O   . HOH D 4 .   ? -16.526 2.290   -11.554 1.00 29.85 ? 371 HOH A O   1 
HETATM 1645 O O   . HOH D 4 .   ? 0.821   14.130  -14.440 1.00 34.54 ? 372 HOH A O   1 
HETATM 1646 O O   . HOH D 4 .   ? 4.129   -16.482 -4.710  1.00 22.00 ? 373 HOH A O   1 
HETATM 1647 O O   . HOH D 4 .   ? 5.829   -13.554 -3.584  1.00 21.30 ? 374 HOH A O   1 
HETATM 1648 O O   . HOH D 4 .   ? -17.989 1.487   13.970  1.00 26.06 ? 375 HOH A O   1 
HETATM 1649 O O   . HOH D 4 .   ? 17.487  0.055   -5.956  1.00 23.04 ? 376 HOH A O   1 
HETATM 1650 O O   . HOH D 4 .   ? -19.824 -6.588  13.119  1.00 28.65 ? 377 HOH A O   1 
HETATM 1651 O O   . HOH D 4 .   ? -11.260 15.049  -3.238  1.00 28.67 ? 378 HOH A O   1 
HETATM 1652 O O   . HOH D 4 .   ? -17.416 -3.503  -8.874  1.00 26.24 ? 379 HOH A O   1 
HETATM 1653 O O   . HOH D 4 .   ? -12.006 -10.079 11.231  1.00 34.67 ? 380 HOH A O   1 
HETATM 1654 O O   . HOH D 4 .   ? 11.941  -14.817 7.866   1.00 33.90 ? 381 HOH A O   1 
HETATM 1655 O O   . HOH D 4 .   ? -24.717 1.546   5.914   1.00 31.58 ? 382 HOH A O   1 
HETATM 1656 O O   . HOH D 4 .   ? 21.800  -8.639  -2.686  1.00 29.51 ? 383 HOH A O   1 
HETATM 1657 O O   . HOH D 4 .   ? -10.578 13.527  3.443   1.00 25.24 ? 384 HOH A O   1 
HETATM 1658 O O   . HOH D 4 .   ? -19.428 -5.981  6.126   1.00 31.12 ? 385 HOH A O   1 
HETATM 1659 O O   . HOH D 4 .   ? -5.810  -4.677  -8.746  1.00 27.67 ? 386 HOH A O   1 
HETATM 1660 O O   . HOH D 4 .   ? -10.066 -7.950  -7.783  1.00 33.84 ? 387 HOH A O   1 
HETATM 1661 O O   . HOH D 4 .   ? -12.554 -8.702  1.223   1.00 28.36 ? 388 HOH A O   1 
HETATM 1662 O O   . HOH D 4 .   ? -8.006  2.684   20.990  1.00 31.53 ? 389 HOH A O   1 
HETATM 1663 O O   . HOH D 4 .   ? -0.831  -10.963 -14.591 1.00 30.78 ? 390 HOH A O   1 
HETATM 1664 O O   . HOH D 4 .   ? -7.288  24.488  -1.904  1.00 21.69 ? 391 HOH A O   1 
HETATM 1665 O O   . HOH D 4 .   ? -17.484 -10.066 12.477  1.00 33.35 ? 392 HOH A O   1 
HETATM 1666 O O   . HOH D 4 .   ? 4.664   -16.081 1.708   1.00 30.54 ? 393 HOH A O   1 
HETATM 1667 O O   . HOH D 4 .   ? 0.825   15.179  6.551   1.00 32.53 ? 394 HOH A O   1 
HETATM 1668 O O   . HOH D 4 .   ? 20.060  -2.246  -2.925  1.00 30.66 ? 395 HOH A O   1 
HETATM 1669 O O   . HOH D 4 .   ? 7.738   13.933  -2.771  1.00 27.71 ? 396 HOH A O   1 
HETATM 1670 O O   . HOH D 4 .   ? -11.828 -9.209  -1.510  1.00 27.82 ? 397 HOH A O   1 
HETATM 1671 O O   . HOH D 4 .   ? 14.891  -11.023 -6.735  1.00 26.18 ? 398 HOH A O   1 
HETATM 1672 O O   . HOH D 4 .   ? -20.963 1.988   -6.477  1.00 29.37 ? 399 HOH A O   1 
HETATM 1673 O O   . HOH D 4 .   ? -15.010 -7.243  1.196   1.00 25.07 ? 400 HOH A O   1 
HETATM 1674 O O   . HOH D 4 .   ? -0.052  -2.911  18.932  1.00 27.61 ? 401 HOH A O   1 
HETATM 1675 O O   . HOH D 4 .   ? -4.837  10.441  17.516  1.00 35.13 ? 402 HOH A O   1 
HETATM 1676 O O   . HOH D 4 .   ? 3.988   9.542   -6.554  1.00 29.03 ? 403 HOH A O   1 
HETATM 1677 O O   . HOH D 4 .   ? -14.012 8.054   8.694   1.00 31.25 ? 404 HOH A O   1 
HETATM 1678 O O   . HOH D 4 .   ? 0.174   13.216  -18.494 1.00 30.54 ? 405 HOH A O   1 
# 
loop_
_pdbx_poly_seq_scheme.asym_id 
_pdbx_poly_seq_scheme.entity_id 
_pdbx_poly_seq_scheme.seq_id 
_pdbx_poly_seq_scheme.mon_id 
_pdbx_poly_seq_scheme.ndb_seq_num 
_pdbx_poly_seq_scheme.pdb_seq_num 
_pdbx_poly_seq_scheme.auth_seq_num 
_pdbx_poly_seq_scheme.pdb_mon_id 
_pdbx_poly_seq_scheme.auth_mon_id 
_pdbx_poly_seq_scheme.pdb_strand_id 
_pdbx_poly_seq_scheme.pdb_ins_code 
_pdbx_poly_seq_scheme.hetero 
A 1 1   VAL 1   1   1   VAL VAL A . n 
A 1 2   GLY 2   2   2   GLY GLY A . n 
A 1 3   SER 3   3   3   SER SER A . n 
A 1 4   LEU 4   4   4   LEU LEU A . n 
A 1 5   ASN 5   5   5   ASN ASN A . n 
A 1 6   CYS 6   6   6   CYS CYS A . n 
A 1 7   ILE 7   7   7   ILE ILE A . n 
A 1 8   VAL 8   8   8   VAL VAL A . n 
A 1 9   ALA 9   9   9   ALA ALA A . n 
A 1 10  VAL 10  10  10  VAL VAL A . n 
A 1 11  SER 11  11  11  SER SER A . n 
A 1 12  GLN 12  12  12  GLN GLN A . n 
A 1 13  ASN 13  13  13  ASN ASN A . n 
A 1 14  MET 14  14  14  MET MET A . n 
A 1 15  GLY 15  15  15  GLY GLY A . n 
A 1 16  ILE 16  16  16  ILE ILE A . n 
A 1 17  GLY 17  17  17  GLY GLY A . n 
A 1 18  LYS 18  18  18  LYS LYS A . n 
A 1 19  ASN 19  19  19  ASN ASN A . n 
A 1 20  GLY 20  20  20  GLY GLY A . n 
A 1 21  ASP 21  21  21  ASP ASP A . n 
A 1 22  LEU 22  22  22  LEU LEU A . n 
A 1 23  PRO 23  23  23  PRO PRO A . n 
A 1 24  TRP 24  24  24  TRP TRP A . n 
A 1 25  PRO 25  25  25  PRO PRO A . n 
A 1 26  PRO 26  26  26  PRO PRO A . n 
A 1 27  LEU 27  27  27  LEU LEU A . n 
A 1 28  ARG 28  28  28  ARG ARG A . n 
A 1 29  ASN 29  29  29  ASN ASN A . n 
A 1 30  GLU 30  30  30  GLU GLU A . n 
A 1 31  PHE 31  31  31  PHE PHE A . n 
A 1 32  ARG 32  32  32  ARG ARG A . n 
A 1 33  TYR 33  33  33  TYR TYR A . n 
A 1 34  PHE 34  34  34  PHE PHE A . n 
A 1 35  GLN 35  35  35  GLN GLN A . n 
A 1 36  ARG 36  36  36  ARG ARG A . n 
A 1 37  MET 37  37  37  MET MET A . n 
A 1 38  THR 38  38  38  THR THR A . n 
A 1 39  THR 39  39  39  THR THR A . n 
A 1 40  THR 40  40  40  THR THR A . n 
A 1 41  SER 41  41  41  SER SER A . n 
A 1 42  SER 42  42  42  SER SER A . n 
A 1 43  VAL 43  43  43  VAL VAL A . n 
A 1 44  GLU 44  44  44  GLU GLU A . n 
A 1 45  GLY 45  45  45  GLY GLY A . n 
A 1 46  LYS 46  46  46  LYS LYS A . n 
A 1 47  GLN 47  47  47  GLN GLN A . n 
A 1 48  ASN 48  48  48  ASN ASN A . n 
A 1 49  LEU 49  49  49  LEU LEU A . n 
A 1 50  VAL 50  50  50  VAL VAL A . n 
A 1 51  ILE 51  51  51  ILE ILE A . n 
A 1 52  MET 52  52  52  MET MET A . n 
A 1 53  GLY 53  53  53  GLY GLY A . n 
A 1 54  LYS 54  54  54  LYS LYS A . n 
A 1 55  LYS 55  55  55  LYS LYS A . n 
A 1 56  THR 56  56  56  THR THR A . n 
A 1 57  TRP 57  57  57  TRP TRP A . n 
A 1 58  PHE 58  58  58  PHE PHE A . n 
A 1 59  SER 59  59  59  SER SER A . n 
A 1 60  ILE 60  60  60  ILE ILE A . n 
A 1 61  PRO 61  61  61  PRO PRO A . n 
A 1 62  GLU 62  62  62  GLU GLU A . n 
A 1 63  LYS 63  63  63  LYS LYS A . n 
A 1 64  ASN 64  64  64  ASN ASN A . n 
A 1 65  ARG 65  65  65  ARG ARG A . n 
A 1 66  PRO 66  66  66  PRO PRO A . n 
A 1 67  LEU 67  67  67  LEU LEU A . n 
A 1 68  LYS 68  68  68  LYS LYS A . n 
A 1 69  GLY 69  69  69  GLY GLY A . n 
A 1 70  ARG 70  70  70  ARG ARG A . n 
A 1 71  ILE 71  71  71  ILE ILE A . n 
A 1 72  ASN 72  72  72  ASN ASN A . n 
A 1 73  LEU 73  73  73  LEU LEU A . n 
A 1 74  VAL 74  74  74  VAL VAL A . n 
A 1 75  LEU 75  75  75  LEU LEU A . n 
A 1 76  SER 76  76  76  SER SER A . n 
A 1 77  ARG 77  77  77  ARG ARG A . n 
A 1 78  GLU 78  78  78  GLU GLU A . n 
A 1 79  LEU 79  79  79  LEU LEU A . n 
A 1 80  LYS 80  80  80  LYS LYS A . n 
A 1 81  GLU 81  81  81  GLU GLU A . n 
A 1 82  PRO 82  82  82  PRO PRO A . n 
A 1 83  PRO 83  83  83  PRO PRO A . n 
A 1 84  GLN 84  84  84  GLN GLN A . n 
A 1 85  GLY 85  85  85  GLY GLY A . n 
A 1 86  ALA 86  86  86  ALA ALA A . n 
A 1 87  HIS 87  87  87  HIS HIS A . n 
A 1 88  PHE 88  88  88  PHE PHE A . n 
A 1 89  LEU 89  89  89  LEU LEU A . n 
A 1 90  SER 90  90  90  SER SER A . n 
A 1 91  ARG 91  91  91  ARG ARG A . n 
A 1 92  SER 92  92  92  SER SER A . n 
A 1 93  LEU 93  93  93  LEU LEU A . n 
A 1 94  ASP 94  94  94  ASP ASP A . n 
A 1 95  ASP 95  95  95  ASP ASP A . n 
A 1 96  ALA 96  96  96  ALA ALA A . n 
A 1 97  LEU 97  97  97  LEU LEU A . n 
A 1 98  LYS 98  98  98  LYS LYS A . n 
A 1 99  LEU 99  99  99  LEU LEU A . n 
A 1 100 THR 100 100 100 THR THR A . n 
A 1 101 GLU 101 101 101 GLU GLU A . n 
A 1 102 GLN 102 102 102 GLN GLN A . n 
A 1 103 PRO 103 103 103 PRO PRO A . n 
A 1 104 GLU 104 104 104 GLU GLU A . n 
A 1 105 LEU 105 105 105 LEU LEU A . n 
A 1 106 ALA 106 106 106 ALA ALA A . n 
A 1 107 ASN 107 107 107 ASN ASN A . n 
A 1 108 LYS 108 108 108 LYS LYS A . n 
A 1 109 VAL 109 109 109 VAL VAL A . n 
A 1 110 ASP 110 110 110 ASP ASP A . n 
A 1 111 MET 111 111 111 MET MET A . n 
A 1 112 VAL 112 112 112 VAL VAL A . n 
A 1 113 TRP 113 113 113 TRP TRP A . n 
A 1 114 ILE 114 114 114 ILE ILE A . n 
A 1 115 VAL 115 115 115 VAL VAL A . n 
A 1 116 GLY 116 116 116 GLY GLY A . n 
A 1 117 GLY 117 117 117 GLY GLY A . n 
A 1 118 SER 118 118 118 SER SER A . n 
A 1 119 SER 119 119 119 SER SER A . n 
A 1 120 VAL 120 120 120 VAL VAL A . n 
A 1 121 TYR 121 121 121 TYR TYR A . n 
A 1 122 LYS 122 122 122 LYS LYS A . n 
A 1 123 GLU 123 123 123 GLU GLU A . n 
A 1 124 ALA 124 124 124 ALA ALA A . n 
A 1 125 MET 125 125 125 MET MET A . n 
A 1 126 ASN 126 126 126 ASN ASN A . n 
A 1 127 HIS 127 127 127 HIS HIS A . n 
A 1 128 PRO 128 128 128 PRO PRO A . n 
A 1 129 GLY 129 129 129 GLY GLY A . n 
A 1 130 HIS 130 130 130 HIS HIS A . n 
A 1 131 LEU 131 131 131 LEU LEU A . n 
A 1 132 LYS 132 132 132 LYS LYS A . n 
A 1 133 LEU 133 133 133 LEU LEU A . n 
A 1 134 PHE 134 134 134 PHE PHE A . n 
A 1 135 VAL 135 135 135 VAL VAL A . n 
A 1 136 THR 136 136 136 THR THR A . n 
A 1 137 ARG 137 137 137 ARG ARG A . n 
A 1 138 ILE 138 138 138 ILE ILE A . n 
A 1 139 MET 139 139 139 MET MET A . n 
A 1 140 GLN 140 140 140 GLN GLN A . n 
A 1 141 ASP 141 141 141 ASP ASP A . n 
A 1 142 PHE 142 142 142 PHE PHE A . n 
A 1 143 GLU 143 143 143 GLU GLU A . n 
A 1 144 SER 144 144 144 SER SER A . n 
A 1 145 ASP 145 145 145 ASP ASP A . n 
A 1 146 THR 146 146 146 THR THR A . n 
A 1 147 PHE 147 147 147 PHE PHE A . n 
A 1 148 PHE 148 148 148 PHE PHE A . n 
A 1 149 PRO 149 149 149 PRO PRO A . n 
A 1 150 GLU 150 150 150 GLU GLU A . n 
A 1 151 ILE 151 151 151 ILE ILE A . n 
A 1 152 ASP 152 152 152 ASP ASP A . n 
A 1 153 LEU 153 153 153 LEU LEU A . n 
A 1 154 GLU 154 154 154 GLU GLU A . n 
A 1 155 LYS 155 155 155 LYS LYS A . n 
A 1 156 TYR 156 156 156 TYR TYR A . n 
A 1 157 LYS 157 157 157 LYS LYS A . n 
A 1 158 LEU 158 158 158 LEU LEU A . n 
A 1 159 LEU 159 159 159 LEU LEU A . n 
A 1 160 PRO 160 160 160 PRO PRO A . n 
A 1 161 GLU 161 161 161 GLU GLU A . n 
A 1 162 TYR 162 162 162 TYR TYR A . n 
A 1 163 PRO 163 163 163 PRO PRO A . n 
A 1 164 GLY 164 164 164 GLY GLY A . n 
A 1 165 VAL 165 165 165 VAL VAL A . n 
A 1 166 LEU 166 166 166 LEU LEU A . n 
A 1 167 SER 167 167 167 SER SER A . n 
A 1 168 ASP 168 168 168 ASP ASP A . n 
A 1 169 VAL 169 169 169 VAL VAL A . n 
A 1 170 GLN 170 170 170 GLN GLN A . n 
A 1 171 GLU 171 171 171 GLU GLU A . n 
A 1 172 GLU 172 172 172 GLU GLU A . n 
A 1 173 LYS 173 173 173 LYS LYS A . n 
A 1 174 GLY 174 174 174 GLY GLY A . n 
A 1 175 ILE 175 175 175 ILE ILE A . n 
A 1 176 LYS 176 176 176 LYS LYS A . n 
A 1 177 TYR 177 177 177 TYR TYR A . n 
A 1 178 LYS 178 178 178 LYS LYS A . n 
A 1 179 PHE 179 179 179 PHE PHE A . n 
A 1 180 GLU 180 180 180 GLU GLU A . n 
A 1 181 VAL 181 181 181 VAL VAL A . n 
A 1 182 TYR 182 182 182 TYR TYR A . n 
A 1 183 GLU 183 183 183 GLU GLU A . n 
A 1 184 LYS 184 184 184 LYS LYS A . n 
A 1 185 ASN 185 185 185 ASN ASN A . n 
A 1 186 ASP 186 186 186 ASP ASP A . n 
# 
loop_
_pdbx_nonpoly_scheme.asym_id 
_pdbx_nonpoly_scheme.entity_id 
_pdbx_nonpoly_scheme.mon_id 
_pdbx_nonpoly_scheme.ndb_seq_num 
_pdbx_nonpoly_scheme.pdb_seq_num 
_pdbx_nonpoly_scheme.auth_seq_num 
_pdbx_nonpoly_scheme.pdb_mon_id 
_pdbx_nonpoly_scheme.auth_mon_id 
_pdbx_nonpoly_scheme.pdb_strand_id 
_pdbx_nonpoly_scheme.pdb_ins_code 
B 2 NDP 1   201 1   NDP NDP A . 
C 3 IXE 1   202 1   IXE VIV A . 
D 4 HOH 1   301 1   HOH HOH A . 
D 4 HOH 2   302 2   HOH HOH A . 
D 4 HOH 3   303 3   HOH HOH A . 
D 4 HOH 4   304 4   HOH HOH A . 
D 4 HOH 5   305 5   HOH HOH A . 
D 4 HOH 6   306 6   HOH HOH A . 
D 4 HOH 7   307 7   HOH HOH A . 
D 4 HOH 8   308 8   HOH HOH A . 
D 4 HOH 9   309 9   HOH HOH A . 
D 4 HOH 10  310 10  HOH HOH A . 
D 4 HOH 11  311 11  HOH HOH A . 
D 4 HOH 12  312 12  HOH HOH A . 
D 4 HOH 13  313 13  HOH HOH A . 
D 4 HOH 14  314 14  HOH HOH A . 
D 4 HOH 15  315 15  HOH HOH A . 
D 4 HOH 16  316 16  HOH HOH A . 
D 4 HOH 17  317 17  HOH HOH A . 
D 4 HOH 18  318 18  HOH HOH A . 
D 4 HOH 19  319 19  HOH HOH A . 
D 4 HOH 20  320 20  HOH HOH A . 
D 4 HOH 21  321 21  HOH HOH A . 
D 4 HOH 22  322 22  HOH HOH A . 
D 4 HOH 23  323 24  HOH HOH A . 
D 4 HOH 24  324 25  HOH HOH A . 
D 4 HOH 25  325 26  HOH HOH A . 
D 4 HOH 26  326 27  HOH HOH A . 
D 4 HOH 27  327 28  HOH HOH A . 
D 4 HOH 28  328 29  HOH HOH A . 
D 4 HOH 29  329 30  HOH HOH A . 
D 4 HOH 30  330 31  HOH HOH A . 
D 4 HOH 31  331 32  HOH HOH A . 
D 4 HOH 32  332 33  HOH HOH A . 
D 4 HOH 33  333 35  HOH HOH A . 
D 4 HOH 34  334 36  HOH HOH A . 
D 4 HOH 35  335 37  HOH HOH A . 
D 4 HOH 36  336 38  HOH HOH A . 
D 4 HOH 37  337 39  HOH HOH A . 
D 4 HOH 38  338 40  HOH HOH A . 
D 4 HOH 39  339 41  HOH HOH A . 
D 4 HOH 40  340 42  HOH HOH A . 
D 4 HOH 41  341 43  HOH HOH A . 
D 4 HOH 42  342 44  HOH HOH A . 
D 4 HOH 43  343 45  HOH HOH A . 
D 4 HOH 44  344 46  HOH HOH A . 
D 4 HOH 45  345 47  HOH HOH A . 
D 4 HOH 46  346 48  HOH HOH A . 
D 4 HOH 47  347 49  HOH HOH A . 
D 4 HOH 48  348 50  HOH HOH A . 
D 4 HOH 49  349 51  HOH HOH A . 
D 4 HOH 50  350 52  HOH HOH A . 
D 4 HOH 51  351 53  HOH HOH A . 
D 4 HOH 52  352 54  HOH HOH A . 
D 4 HOH 53  353 55  HOH HOH A . 
D 4 HOH 54  354 56  HOH HOH A . 
D 4 HOH 55  355 57  HOH HOH A . 
D 4 HOH 56  356 58  HOH HOH A . 
D 4 HOH 57  357 59  HOH HOH A . 
D 4 HOH 58  358 60  HOH HOH A . 
D 4 HOH 59  359 61  HOH HOH A . 
D 4 HOH 60  360 62  HOH HOH A . 
D 4 HOH 61  361 63  HOH HOH A . 
D 4 HOH 62  362 64  HOH HOH A . 
D 4 HOH 63  363 65  HOH HOH A . 
D 4 HOH 64  364 66  HOH HOH A . 
D 4 HOH 65  365 67  HOH HOH A . 
D 4 HOH 66  366 68  HOH HOH A . 
D 4 HOH 67  367 69  HOH HOH A . 
D 4 HOH 68  368 70  HOH HOH A . 
D 4 HOH 69  369 71  HOH HOH A . 
D 4 HOH 70  370 72  HOH HOH A . 
D 4 HOH 71  371 73  HOH HOH A . 
D 4 HOH 72  372 74  HOH HOH A . 
D 4 HOH 73  373 75  HOH HOH A . 
D 4 HOH 74  374 76  HOH HOH A . 
D 4 HOH 75  375 77  HOH HOH A . 
D 4 HOH 76  376 78  HOH HOH A . 
D 4 HOH 77  377 79  HOH HOH A . 
D 4 HOH 78  378 80  HOH HOH A . 
D 4 HOH 79  379 81  HOH HOH A . 
D 4 HOH 80  380 82  HOH HOH A . 
D 4 HOH 81  381 83  HOH HOH A . 
D 4 HOH 82  382 84  HOH HOH A . 
D 4 HOH 83  383 85  HOH HOH A . 
D 4 HOH 84  384 86  HOH HOH A . 
D 4 HOH 85  385 87  HOH HOH A . 
D 4 HOH 86  386 88  HOH HOH A . 
D 4 HOH 87  387 89  HOH HOH A . 
D 4 HOH 88  388 90  HOH HOH A . 
D 4 HOH 89  389 91  HOH HOH A . 
D 4 HOH 90  390 92  HOH HOH A . 
D 4 HOH 91  391 93  HOH HOH A . 
D 4 HOH 92  392 94  HOH HOH A . 
D 4 HOH 93  393 95  HOH HOH A . 
D 4 HOH 94  394 96  HOH HOH A . 
D 4 HOH 95  395 97  HOH HOH A . 
D 4 HOH 96  396 98  HOH HOH A . 
D 4 HOH 97  397 99  HOH HOH A . 
D 4 HOH 98  398 100 HOH HOH A . 
D 4 HOH 99  399 101 HOH HOH A . 
D 4 HOH 100 400 102 HOH HOH A . 
D 4 HOH 101 401 103 HOH HOH A . 
D 4 HOH 102 402 104 HOH HOH A . 
D 4 HOH 103 403 105 HOH HOH A . 
D 4 HOH 104 404 106 HOH HOH A . 
D 4 HOH 105 405 107 HOH HOH A . 
# 
_pdbx_struct_assembly.id                   1 
_pdbx_struct_assembly.details              author_and_software_defined_assembly 
_pdbx_struct_assembly.method_details       PISA 
_pdbx_struct_assembly.oligomeric_details   monomeric 
_pdbx_struct_assembly.oligomeric_count     1 
# 
_pdbx_struct_assembly_gen.assembly_id       1 
_pdbx_struct_assembly_gen.oper_expression   1 
_pdbx_struct_assembly_gen.asym_id_list      A,B,C,D 
# 
_pdbx_struct_oper_list.id                   1 
_pdbx_struct_oper_list.type                 'identity operation' 
_pdbx_struct_oper_list.name                 1_555 
_pdbx_struct_oper_list.symmetry_operation   x,y,z 
_pdbx_struct_oper_list.matrix[1][1]         1.0000000000 
_pdbx_struct_oper_list.matrix[1][2]         0.0000000000 
_pdbx_struct_oper_list.matrix[1][3]         0.0000000000 
_pdbx_struct_oper_list.vector[1]            0.0000000000 
_pdbx_struct_oper_list.matrix[2][1]         0.0000000000 
_pdbx_struct_oper_list.matrix[2][2]         1.0000000000 
_pdbx_struct_oper_list.matrix[2][3]         0.0000000000 
_pdbx_struct_oper_list.vector[2]            0.0000000000 
_pdbx_struct_oper_list.matrix[3][1]         0.0000000000 
_pdbx_struct_oper_list.matrix[3][2]         0.0000000000 
_pdbx_struct_oper_list.matrix[3][3]         1.0000000000 
_pdbx_struct_oper_list.vector[3]            0.0000000000 
# 
loop_
_pdbx_audit_revision_history.ordinal 
_pdbx_audit_revision_history.data_content_type 
_pdbx_audit_revision_history.major_revision 
_pdbx_audit_revision_history.minor_revision 
_pdbx_audit_revision_history.revision_date 
1 'Structure model' 1 0 2015-06-10 
2 'Structure model' 1 1 2015-07-01 
3 'Structure model' 1 2 2017-11-22 
4 'Structure model' 1 3 2023-09-20 
# 
_pdbx_audit_revision_details.ordinal             1 
_pdbx_audit_revision_details.revision_ordinal    1 
_pdbx_audit_revision_details.data_content_type   'Structure model' 
_pdbx_audit_revision_details.provider            repository 
_pdbx_audit_revision_details.type                'Initial release' 
_pdbx_audit_revision_details.description         ? 
_pdbx_audit_revision_details.details             ? 
# 
loop_
_pdbx_audit_revision_group.ordinal 
_pdbx_audit_revision_group.revision_ordinal 
_pdbx_audit_revision_group.data_content_type 
_pdbx_audit_revision_group.group 
1 2 'Structure model' 'Database references'    
2 3 'Structure model' 'Refinement description' 
3 4 'Structure model' 'Data collection'        
4 4 'Structure model' 'Database references'    
5 4 'Structure model' 'Derived calculations'   
6 4 'Structure model' 'Refinement description' 
# 
loop_
_pdbx_audit_revision_category.ordinal 
_pdbx_audit_revision_category.revision_ordinal 
_pdbx_audit_revision_category.data_content_type 
_pdbx_audit_revision_category.category 
1 3 'Structure model' software                      
2 4 'Structure model' chem_comp_atom                
3 4 'Structure model' chem_comp_bond                
4 4 'Structure model' database_2                    
5 4 'Structure model' pdbx_initial_refinement_model 
6 4 'Structure model' struct_site                   
# 
loop_
_pdbx_audit_revision_item.ordinal 
_pdbx_audit_revision_item.revision_ordinal 
_pdbx_audit_revision_item.data_content_type 
_pdbx_audit_revision_item.item 
1 4 'Structure model' '_database_2.pdbx_DOI'                
2 4 'Structure model' '_database_2.pdbx_database_accession' 
3 4 'Structure model' '_struct_site.pdbx_auth_asym_id'      
4 4 'Structure model' '_struct_site.pdbx_auth_comp_id'      
5 4 'Structure model' '_struct_site.pdbx_auth_seq_id'       
# 
loop_
_software.name 
_software.classification 
_software.version 
_software.citation_id 
_software.pdbx_ordinal 
XDS       'data scaling'   .        ? 1 
MOLREP    phasing          .        ? 2 
REFMAC    refinement       5.6.0117 ? 3 
XDS       'data reduction' .        ? 4 
SCALEPACK 'data scaling'   .        ? 5 
# 
_pdbx_validate_torsion.id              1 
_pdbx_validate_torsion.PDB_model_num   1 
_pdbx_validate_torsion.auth_comp_id    ASP 
_pdbx_validate_torsion.auth_asym_id    A 
_pdbx_validate_torsion.auth_seq_id     110 
_pdbx_validate_torsion.PDB_ins_code    ? 
_pdbx_validate_torsion.label_alt_id    ? 
_pdbx_validate_torsion.phi             -90.66 
_pdbx_validate_torsion.psi             -94.44 
# 
loop_
_chem_comp_atom.comp_id 
_chem_comp_atom.atom_id 
_chem_comp_atom.type_symbol 
_chem_comp_atom.pdbx_aromatic_flag 
_chem_comp_atom.pdbx_stereo_config 
_chem_comp_atom.pdbx_ordinal 
ALA N    N N N 1   
ALA CA   C N S 2   
ALA C    C N N 3   
ALA O    O N N 4   
ALA CB   C N N 5   
ALA OXT  O N N 6   
ALA H    H N N 7   
ALA H2   H N N 8   
ALA HA   H N N 9   
ALA HB1  H N N 10  
ALA HB2  H N N 11  
ALA HB3  H N N 12  
ALA HXT  H N N 13  
ARG N    N N N 14  
ARG CA   C N S 15  
ARG C    C N N 16  
ARG O    O N N 17  
ARG CB   C N N 18  
ARG CG   C N N 19  
ARG CD   C N N 20  
ARG NE   N N N 21  
ARG CZ   C N N 22  
ARG NH1  N N N 23  
ARG NH2  N N N 24  
ARG OXT  O N N 25  
ARG H    H N N 26  
ARG H2   H N N 27  
ARG HA   H N N 28  
ARG HB2  H N N 29  
ARG HB3  H N N 30  
ARG HG2  H N N 31  
ARG HG3  H N N 32  
ARG HD2  H N N 33  
ARG HD3  H N N 34  
ARG HE   H N N 35  
ARG HH11 H N N 36  
ARG HH12 H N N 37  
ARG HH21 H N N 38  
ARG HH22 H N N 39  
ARG HXT  H N N 40  
ASN N    N N N 41  
ASN CA   C N S 42  
ASN C    C N N 43  
ASN O    O N N 44  
ASN CB   C N N 45  
ASN CG   C N N 46  
ASN OD1  O N N 47  
ASN ND2  N N N 48  
ASN OXT  O N N 49  
ASN H    H N N 50  
ASN H2   H N N 51  
ASN HA   H N N 52  
ASN HB2  H N N 53  
ASN HB3  H N N 54  
ASN HD21 H N N 55  
ASN HD22 H N N 56  
ASN HXT  H N N 57  
ASP N    N N N 58  
ASP CA   C N S 59  
ASP C    C N N 60  
ASP O    O N N 61  
ASP CB   C N N 62  
ASP CG   C N N 63  
ASP OD1  O N N 64  
ASP OD2  O N N 65  
ASP OXT  O N N 66  
ASP H    H N N 67  
ASP H2   H N N 68  
ASP HA   H N N 69  
ASP HB2  H N N 70  
ASP HB3  H N N 71  
ASP HD2  H N N 72  
ASP HXT  H N N 73  
CYS N    N N N 74  
CYS CA   C N R 75  
CYS C    C N N 76  
CYS O    O N N 77  
CYS CB   C N N 78  
CYS SG   S N N 79  
CYS OXT  O N N 80  
CYS H    H N N 81  
CYS H2   H N N 82  
CYS HA   H N N 83  
CYS HB2  H N N 84  
CYS HB3  H N N 85  
CYS HG   H N N 86  
CYS HXT  H N N 87  
GLN N    N N N 88  
GLN CA   C N S 89  
GLN C    C N N 90  
GLN O    O N N 91  
GLN CB   C N N 92  
GLN CG   C N N 93  
GLN CD   C N N 94  
GLN OE1  O N N 95  
GLN NE2  N N N 96  
GLN OXT  O N N 97  
GLN H    H N N 98  
GLN H2   H N N 99  
GLN HA   H N N 100 
GLN HB2  H N N 101 
GLN HB3  H N N 102 
GLN HG2  H N N 103 
GLN HG3  H N N 104 
GLN HE21 H N N 105 
GLN HE22 H N N 106 
GLN HXT  H N N 107 
GLU N    N N N 108 
GLU CA   C N S 109 
GLU C    C N N 110 
GLU O    O N N 111 
GLU CB   C N N 112 
GLU CG   C N N 113 
GLU CD   C N N 114 
GLU OE1  O N N 115 
GLU OE2  O N N 116 
GLU OXT  O N N 117 
GLU H    H N N 118 
GLU H2   H N N 119 
GLU HA   H N N 120 
GLU HB2  H N N 121 
GLU HB3  H N N 122 
GLU HG2  H N N 123 
GLU HG3  H N N 124 
GLU HE2  H N N 125 
GLU HXT  H N N 126 
GLY N    N N N 127 
GLY CA   C N N 128 
GLY C    C N N 129 
GLY O    O N N 130 
GLY OXT  O N N 131 
GLY H    H N N 132 
GLY H2   H N N 133 
GLY HA2  H N N 134 
GLY HA3  H N N 135 
GLY HXT  H N N 136 
HIS N    N N N 137 
HIS CA   C N S 138 
HIS C    C N N 139 
HIS O    O N N 140 
HIS CB   C N N 141 
HIS CG   C Y N 142 
HIS ND1  N Y N 143 
HIS CD2  C Y N 144 
HIS CE1  C Y N 145 
HIS NE2  N Y N 146 
HIS OXT  O N N 147 
HIS H    H N N 148 
HIS H2   H N N 149 
HIS HA   H N N 150 
HIS HB2  H N N 151 
HIS HB3  H N N 152 
HIS HD1  H N N 153 
HIS HD2  H N N 154 
HIS HE1  H N N 155 
HIS HE2  H N N 156 
HIS HXT  H N N 157 
HOH O    O N N 158 
HOH H1   H N N 159 
HOH H2   H N N 160 
ILE N    N N N 161 
ILE CA   C N S 162 
ILE C    C N N 163 
ILE O    O N N 164 
ILE CB   C N S 165 
ILE CG1  C N N 166 
ILE CG2  C N N 167 
ILE CD1  C N N 168 
ILE OXT  O N N 169 
ILE H    H N N 170 
ILE H2   H N N 171 
ILE HA   H N N 172 
ILE HB   H N N 173 
ILE HG12 H N N 174 
ILE HG13 H N N 175 
ILE HG21 H N N 176 
ILE HG22 H N N 177 
ILE HG23 H N N 178 
ILE HD11 H N N 179 
ILE HD12 H N N 180 
ILE HD13 H N N 181 
ILE HXT  H N N 182 
IXE C3   C Y N 183 
IXE C4   C Y N 184 
IXE C8   C Y N 185 
IXE N6   N N N 186 
IXE N5   N Y N 187 
IXE C7   C Y N 188 
IXE N4   N N N 189 
IXE N3   N Y N 190 
IXE C5   C Y N 191 
IXE N2   N Y N 192 
IXE C6   C Y N 193 
IXE C2   C Y N 194 
IXE N1   N N N 195 
IXE C1   C N N 196 
IXE C9   C Y N 197 
IXE C10  C Y N 198 
IXE C11  C Y N 199 
IXE F1   F N N 200 
IXE C12  C Y N 201 
IXE F2   F N N 202 
IXE C13  C Y N 203 
IXE F3   F N N 204 
IXE C14  C Y N 205 
IXE H1   H N N 206 
IXE H2   H N N 207 
IXE H3   H N N 208 
IXE H4   H N N 209 
IXE H5   H N N 210 
IXE H6   H N N 211 
IXE H7   H N N 212 
IXE H8   H N N 213 
IXE H9   H N N 214 
IXE H10  H N N 215 
IXE H11  H N N 216 
LEU N    N N N 217 
LEU CA   C N S 218 
LEU C    C N N 219 
LEU O    O N N 220 
LEU CB   C N N 221 
LEU CG   C N N 222 
LEU CD1  C N N 223 
LEU CD2  C N N 224 
LEU OXT  O N N 225 
LEU H    H N N 226 
LEU H2   H N N 227 
LEU HA   H N N 228 
LEU HB2  H N N 229 
LEU HB3  H N N 230 
LEU HG   H N N 231 
LEU HD11 H N N 232 
LEU HD12 H N N 233 
LEU HD13 H N N 234 
LEU HD21 H N N 235 
LEU HD22 H N N 236 
LEU HD23 H N N 237 
LEU HXT  H N N 238 
LYS N    N N N 239 
LYS CA   C N S 240 
LYS C    C N N 241 
LYS O    O N N 242 
LYS CB   C N N 243 
LYS CG   C N N 244 
LYS CD   C N N 245 
LYS CE   C N N 246 
LYS NZ   N N N 247 
LYS OXT  O N N 248 
LYS H    H N N 249 
LYS H2   H N N 250 
LYS HA   H N N 251 
LYS HB2  H N N 252 
LYS HB3  H N N 253 
LYS HG2  H N N 254 
LYS HG3  H N N 255 
LYS HD2  H N N 256 
LYS HD3  H N N 257 
LYS HE2  H N N 258 
LYS HE3  H N N 259 
LYS HZ1  H N N 260 
LYS HZ2  H N N 261 
LYS HZ3  H N N 262 
LYS HXT  H N N 263 
MET N    N N N 264 
MET CA   C N S 265 
MET C    C N N 266 
MET O    O N N 267 
MET CB   C N N 268 
MET CG   C N N 269 
MET SD   S N N 270 
MET CE   C N N 271 
MET OXT  O N N 272 
MET H    H N N 273 
MET H2   H N N 274 
MET HA   H N N 275 
MET HB2  H N N 276 
MET HB3  H N N 277 
MET HG2  H N N 278 
MET HG3  H N N 279 
MET HE1  H N N 280 
MET HE2  H N N 281 
MET HE3  H N N 282 
MET HXT  H N N 283 
NDP PA   P N S 284 
NDP O1A  O N N 285 
NDP O2A  O N N 286 
NDP O5B  O N N 287 
NDP C5B  C N N 288 
NDP C4B  C N R 289 
NDP O4B  O N N 290 
NDP C3B  C N R 291 
NDP O3B  O N N 292 
NDP C2B  C N R 293 
NDP O2B  O N N 294 
NDP C1B  C N R 295 
NDP N9A  N Y N 296 
NDP C8A  C Y N 297 
NDP N7A  N Y N 298 
NDP C5A  C Y N 299 
NDP C6A  C Y N 300 
NDP N6A  N N N 301 
NDP N1A  N Y N 302 
NDP C2A  C Y N 303 
NDP N3A  N Y N 304 
NDP C4A  C Y N 305 
NDP O3   O N N 306 
NDP PN   P N S 307 
NDP O1N  O N N 308 
NDP O2N  O N N 309 
NDP O5D  O N N 310 
NDP C5D  C N N 311 
NDP C4D  C N R 312 
NDP O4D  O N N 313 
NDP C3D  C N S 314 
NDP O3D  O N N 315 
NDP C2D  C N R 316 
NDP O2D  O N N 317 
NDP C1D  C N R 318 
NDP N1N  N N N 319 
NDP C2N  C N N 320 
NDP C3N  C N N 321 
NDP C7N  C N N 322 
NDP O7N  O N N 323 
NDP N7N  N N N 324 
NDP C4N  C N N 325 
NDP C5N  C N N 326 
NDP C6N  C N N 327 
NDP P2B  P N N 328 
NDP O1X  O N N 329 
NDP O2X  O N N 330 
NDP O3X  O N N 331 
NDP HOA2 H N N 332 
NDP H51A H N N 333 
NDP H52A H N N 334 
NDP H4B  H N N 335 
NDP H3B  H N N 336 
NDP HO3A H N N 337 
NDP H2B  H N N 338 
NDP H1B  H N N 339 
NDP H8A  H N N 340 
NDP H61A H N N 341 
NDP H62A H N N 342 
NDP H2A  H N N 343 
NDP H21N H N N 344 
NDP H51N H N N 345 
NDP H52N H N N 346 
NDP H4D  H N N 347 
NDP H3D  H N N 348 
NDP HO3N H N N 349 
NDP H2D  H N N 350 
NDP HO2N H N N 351 
NDP H1D  H N N 352 
NDP H2N  H N N 353 
NDP H71N H N N 354 
NDP H72N H N N 355 
NDP H41N H N N 356 
NDP H42N H N N 357 
NDP H5N  H N N 358 
NDP H6N  H N N 359 
NDP HOP2 H N N 360 
NDP HOP3 H N N 361 
PHE N    N N N 362 
PHE CA   C N S 363 
PHE C    C N N 364 
PHE O    O N N 365 
PHE CB   C N N 366 
PHE CG   C Y N 367 
PHE CD1  C Y N 368 
PHE CD2  C Y N 369 
PHE CE1  C Y N 370 
PHE CE2  C Y N 371 
PHE CZ   C Y N 372 
PHE OXT  O N N 373 
PHE H    H N N 374 
PHE H2   H N N 375 
PHE HA   H N N 376 
PHE HB2  H N N 377 
PHE HB3  H N N 378 
PHE HD1  H N N 379 
PHE HD2  H N N 380 
PHE HE1  H N N 381 
PHE HE2  H N N 382 
PHE HZ   H N N 383 
PHE HXT  H N N 384 
PRO N    N N N 385 
PRO CA   C N S 386 
PRO C    C N N 387 
PRO O    O N N 388 
PRO CB   C N N 389 
PRO CG   C N N 390 
PRO CD   C N N 391 
PRO OXT  O N N 392 
PRO H    H N N 393 
PRO HA   H N N 394 
PRO HB2  H N N 395 
PRO HB3  H N N 396 
PRO HG2  H N N 397 
PRO HG3  H N N 398 
PRO HD2  H N N 399 
PRO HD3  H N N 400 
PRO HXT  H N N 401 
SER N    N N N 402 
SER CA   C N S 403 
SER C    C N N 404 
SER O    O N N 405 
SER CB   C N N 406 
SER OG   O N N 407 
SER OXT  O N N 408 
SER H    H N N 409 
SER H2   H N N 410 
SER HA   H N N 411 
SER HB2  H N N 412 
SER HB3  H N N 413 
SER HG   H N N 414 
SER HXT  H N N 415 
THR N    N N N 416 
THR CA   C N S 417 
THR C    C N N 418 
THR O    O N N 419 
THR CB   C N R 420 
THR OG1  O N N 421 
THR CG2  C N N 422 
THR OXT  O N N 423 
THR H    H N N 424 
THR H2   H N N 425 
THR HA   H N N 426 
THR HB   H N N 427 
THR HG1  H N N 428 
THR HG21 H N N 429 
THR HG22 H N N 430 
THR HG23 H N N 431 
THR HXT  H N N 432 
TRP N    N N N 433 
TRP CA   C N S 434 
TRP C    C N N 435 
TRP O    O N N 436 
TRP CB   C N N 437 
TRP CG   C Y N 438 
TRP CD1  C Y N 439 
TRP CD2  C Y N 440 
TRP NE1  N Y N 441 
TRP CE2  C Y N 442 
TRP CE3  C Y N 443 
TRP CZ2  C Y N 444 
TRP CZ3  C Y N 445 
TRP CH2  C Y N 446 
TRP OXT  O N N 447 
TRP H    H N N 448 
TRP H2   H N N 449 
TRP HA   H N N 450 
TRP HB2  H N N 451 
TRP HB3  H N N 452 
TRP HD1  H N N 453 
TRP HE1  H N N 454 
TRP HE3  H N N 455 
TRP HZ2  H N N 456 
TRP HZ3  H N N 457 
TRP HH2  H N N 458 
TRP HXT  H N N 459 
TYR N    N N N 460 
TYR CA   C N S 461 
TYR C    C N N 462 
TYR O    O N N 463 
TYR CB   C N N 464 
TYR CG   C Y N 465 
TYR CD1  C Y N 466 
TYR CD2  C Y N 467 
TYR CE1  C Y N 468 
TYR CE2  C Y N 469 
TYR CZ   C Y N 470 
TYR OH   O N N 471 
TYR OXT  O N N 472 
TYR H    H N N 473 
TYR H2   H N N 474 
TYR HA   H N N 475 
TYR HB2  H N N 476 
TYR HB3  H N N 477 
TYR HD1  H N N 478 
TYR HD2  H N N 479 
TYR HE1  H N N 480 
TYR HE2  H N N 481 
TYR HH   H N N 482 
TYR HXT  H N N 483 
VAL N    N N N 484 
VAL CA   C N S 485 
VAL C    C N N 486 
VAL O    O N N 487 
VAL CB   C N N 488 
VAL CG1  C N N 489 
VAL CG2  C N N 490 
VAL OXT  O N N 491 
VAL H    H N N 492 
VAL H2   H N N 493 
VAL HA   H N N 494 
VAL HB   H N N 495 
VAL HG11 H N N 496 
VAL HG12 H N N 497 
VAL HG13 H N N 498 
VAL HG21 H N N 499 
VAL HG22 H N N 500 
VAL HG23 H N N 501 
VAL HXT  H N N 502 
# 
loop_
_chem_comp_bond.comp_id 
_chem_comp_bond.atom_id_1 
_chem_comp_bond.atom_id_2 
_chem_comp_bond.value_order 
_chem_comp_bond.pdbx_aromatic_flag 
_chem_comp_bond.pdbx_stereo_config 
_chem_comp_bond.pdbx_ordinal 
ALA N   CA   sing N N 1   
ALA N   H    sing N N 2   
ALA N   H2   sing N N 3   
ALA CA  C    sing N N 4   
ALA CA  CB   sing N N 5   
ALA CA  HA   sing N N 6   
ALA C   O    doub N N 7   
ALA C   OXT  sing N N 8   
ALA CB  HB1  sing N N 9   
ALA CB  HB2  sing N N 10  
ALA CB  HB3  sing N N 11  
ALA OXT HXT  sing N N 12  
ARG N   CA   sing N N 13  
ARG N   H    sing N N 14  
ARG N   H2   sing N N 15  
ARG CA  C    sing N N 16  
ARG CA  CB   sing N N 17  
ARG CA  HA   sing N N 18  
ARG C   O    doub N N 19  
ARG C   OXT  sing N N 20  
ARG CB  CG   sing N N 21  
ARG CB  HB2  sing N N 22  
ARG CB  HB3  sing N N 23  
ARG CG  CD   sing N N 24  
ARG CG  HG2  sing N N 25  
ARG CG  HG3  sing N N 26  
ARG CD  NE   sing N N 27  
ARG CD  HD2  sing N N 28  
ARG CD  HD3  sing N N 29  
ARG NE  CZ   sing N N 30  
ARG NE  HE   sing N N 31  
ARG CZ  NH1  sing N N 32  
ARG CZ  NH2  doub N N 33  
ARG NH1 HH11 sing N N 34  
ARG NH1 HH12 sing N N 35  
ARG NH2 HH21 sing N N 36  
ARG NH2 HH22 sing N N 37  
ARG OXT HXT  sing N N 38  
ASN N   CA   sing N N 39  
ASN N   H    sing N N 40  
ASN N   H2   sing N N 41  
ASN CA  C    sing N N 42  
ASN CA  CB   sing N N 43  
ASN CA  HA   sing N N 44  
ASN C   O    doub N N 45  
ASN C   OXT  sing N N 46  
ASN CB  CG   sing N N 47  
ASN CB  HB2  sing N N 48  
ASN CB  HB3  sing N N 49  
ASN CG  OD1  doub N N 50  
ASN CG  ND2  sing N N 51  
ASN ND2 HD21 sing N N 52  
ASN ND2 HD22 sing N N 53  
ASN OXT HXT  sing N N 54  
ASP N   CA   sing N N 55  
ASP N   H    sing N N 56  
ASP N   H2   sing N N 57  
ASP CA  C    sing N N 58  
ASP CA  CB   sing N N 59  
ASP CA  HA   sing N N 60  
ASP C   O    doub N N 61  
ASP C   OXT  sing N N 62  
ASP CB  CG   sing N N 63  
ASP CB  HB2  sing N N 64  
ASP CB  HB3  sing N N 65  
ASP CG  OD1  doub N N 66  
ASP CG  OD2  sing N N 67  
ASP OD2 HD2  sing N N 68  
ASP OXT HXT  sing N N 69  
CYS N   CA   sing N N 70  
CYS N   H    sing N N 71  
CYS N   H2   sing N N 72  
CYS CA  C    sing N N 73  
CYS CA  CB   sing N N 74  
CYS CA  HA   sing N N 75  
CYS C   O    doub N N 76  
CYS C   OXT  sing N N 77  
CYS CB  SG   sing N N 78  
CYS CB  HB2  sing N N 79  
CYS CB  HB3  sing N N 80  
CYS SG  HG   sing N N 81  
CYS OXT HXT  sing N N 82  
GLN N   CA   sing N N 83  
GLN N   H    sing N N 84  
GLN N   H2   sing N N 85  
GLN CA  C    sing N N 86  
GLN CA  CB   sing N N 87  
GLN CA  HA   sing N N 88  
GLN C   O    doub N N 89  
GLN C   OXT  sing N N 90  
GLN CB  CG   sing N N 91  
GLN CB  HB2  sing N N 92  
GLN CB  HB3  sing N N 93  
GLN CG  CD   sing N N 94  
GLN CG  HG2  sing N N 95  
GLN CG  HG3  sing N N 96  
GLN CD  OE1  doub N N 97  
GLN CD  NE2  sing N N 98  
GLN NE2 HE21 sing N N 99  
GLN NE2 HE22 sing N N 100 
GLN OXT HXT  sing N N 101 
GLU N   CA   sing N N 102 
GLU N   H    sing N N 103 
GLU N   H2   sing N N 104 
GLU CA  C    sing N N 105 
GLU CA  CB   sing N N 106 
GLU CA  HA   sing N N 107 
GLU C   O    doub N N 108 
GLU C   OXT  sing N N 109 
GLU CB  CG   sing N N 110 
GLU CB  HB2  sing N N 111 
GLU CB  HB3  sing N N 112 
GLU CG  CD   sing N N 113 
GLU CG  HG2  sing N N 114 
GLU CG  HG3  sing N N 115 
GLU CD  OE1  doub N N 116 
GLU CD  OE2  sing N N 117 
GLU OE2 HE2  sing N N 118 
GLU OXT HXT  sing N N 119 
GLY N   CA   sing N N 120 
GLY N   H    sing N N 121 
GLY N   H2   sing N N 122 
GLY CA  C    sing N N 123 
GLY CA  HA2  sing N N 124 
GLY CA  HA3  sing N N 125 
GLY C   O    doub N N 126 
GLY C   OXT  sing N N 127 
GLY OXT HXT  sing N N 128 
HIS N   CA   sing N N 129 
HIS N   H    sing N N 130 
HIS N   H2   sing N N 131 
HIS CA  C    sing N N 132 
HIS CA  CB   sing N N 133 
HIS CA  HA   sing N N 134 
HIS C   O    doub N N 135 
HIS C   OXT  sing N N 136 
HIS CB  CG   sing N N 137 
HIS CB  HB2  sing N N 138 
HIS CB  HB3  sing N N 139 
HIS CG  ND1  sing Y N 140 
HIS CG  CD2  doub Y N 141 
HIS ND1 CE1  doub Y N 142 
HIS ND1 HD1  sing N N 143 
HIS CD2 NE2  sing Y N 144 
HIS CD2 HD2  sing N N 145 
HIS CE1 NE2  sing Y N 146 
HIS CE1 HE1  sing N N 147 
HIS NE2 HE2  sing N N 148 
HIS OXT HXT  sing N N 149 
HOH O   H1   sing N N 150 
HOH O   H2   sing N N 151 
ILE N   CA   sing N N 152 
ILE N   H    sing N N 153 
ILE N   H2   sing N N 154 
ILE CA  C    sing N N 155 
ILE CA  CB   sing N N 156 
ILE CA  HA   sing N N 157 
ILE C   O    doub N N 158 
ILE C   OXT  sing N N 159 
ILE CB  CG1  sing N N 160 
ILE CB  CG2  sing N N 161 
ILE CB  HB   sing N N 162 
ILE CG1 CD1  sing N N 163 
ILE CG1 HG12 sing N N 164 
ILE CG1 HG13 sing N N 165 
ILE CG2 HG21 sing N N 166 
ILE CG2 HG22 sing N N 167 
ILE CG2 HG23 sing N N 168 
ILE CD1 HD11 sing N N 169 
ILE CD1 HD12 sing N N 170 
ILE CD1 HD13 sing N N 171 
ILE OXT HXT  sing N N 172 
IXE F2  C12  sing N N 173 
IXE F3  C13  sing N N 174 
IXE C13 C12  doub Y N 175 
IXE C13 C14  sing Y N 176 
IXE C12 C11  sing Y N 177 
IXE F1  C11  sing N N 178 
IXE C11 C10  doub Y N 179 
IXE C14 C9   doub Y N 180 
IXE N2  C6   doub Y N 181 
IXE N2  C5   sing Y N 182 
IXE C6  C2   sing Y N 183 
IXE C9  C10  sing Y N 184 
IXE C9  N1   sing N N 185 
IXE N3  C5   doub Y N 186 
IXE N3  C7   sing Y N 187 
IXE C5  C4   sing Y N 188 
IXE N4  C7   sing N N 189 
IXE C2  N1   sing N N 190 
IXE C2  C3   doub Y N 191 
IXE N1  C1   sing N N 192 
IXE C7  N5   doub Y N 193 
IXE C4  C3   sing Y N 194 
IXE C4  C8   doub Y N 195 
IXE N5  C8   sing Y N 196 
IXE C8  N6   sing N N 197 
IXE C3  H1   sing N N 198 
IXE N6  H2   sing N N 199 
IXE N6  H3   sing N N 200 
IXE N4  H4   sing N N 201 
IXE N4  H5   sing N N 202 
IXE C6  H6   sing N N 203 
IXE C1  H7   sing N N 204 
IXE C1  H8   sing N N 205 
IXE C1  H9   sing N N 206 
IXE C10 H10  sing N N 207 
IXE C14 H11  sing N N 208 
LEU N   CA   sing N N 209 
LEU N   H    sing N N 210 
LEU N   H2   sing N N 211 
LEU CA  C    sing N N 212 
LEU CA  CB   sing N N 213 
LEU CA  HA   sing N N 214 
LEU C   O    doub N N 215 
LEU C   OXT  sing N N 216 
LEU CB  CG   sing N N 217 
LEU CB  HB2  sing N N 218 
LEU CB  HB3  sing N N 219 
LEU CG  CD1  sing N N 220 
LEU CG  CD2  sing N N 221 
LEU CG  HG   sing N N 222 
LEU CD1 HD11 sing N N 223 
LEU CD1 HD12 sing N N 224 
LEU CD1 HD13 sing N N 225 
LEU CD2 HD21 sing N N 226 
LEU CD2 HD22 sing N N 227 
LEU CD2 HD23 sing N N 228 
LEU OXT HXT  sing N N 229 
LYS N   CA   sing N N 230 
LYS N   H    sing N N 231 
LYS N   H2   sing N N 232 
LYS CA  C    sing N N 233 
LYS CA  CB   sing N N 234 
LYS CA  HA   sing N N 235 
LYS C   O    doub N N 236 
LYS C   OXT  sing N N 237 
LYS CB  CG   sing N N 238 
LYS CB  HB2  sing N N 239 
LYS CB  HB3  sing N N 240 
LYS CG  CD   sing N N 241 
LYS CG  HG2  sing N N 242 
LYS CG  HG3  sing N N 243 
LYS CD  CE   sing N N 244 
LYS CD  HD2  sing N N 245 
LYS CD  HD3  sing N N 246 
LYS CE  NZ   sing N N 247 
LYS CE  HE2  sing N N 248 
LYS CE  HE3  sing N N 249 
LYS NZ  HZ1  sing N N 250 
LYS NZ  HZ2  sing N N 251 
LYS NZ  HZ3  sing N N 252 
LYS OXT HXT  sing N N 253 
MET N   CA   sing N N 254 
MET N   H    sing N N 255 
MET N   H2   sing N N 256 
MET CA  C    sing N N 257 
MET CA  CB   sing N N 258 
MET CA  HA   sing N N 259 
MET C   O    doub N N 260 
MET C   OXT  sing N N 261 
MET CB  CG   sing N N 262 
MET CB  HB2  sing N N 263 
MET CB  HB3  sing N N 264 
MET CG  SD   sing N N 265 
MET CG  HG2  sing N N 266 
MET CG  HG3  sing N N 267 
MET SD  CE   sing N N 268 
MET CE  HE1  sing N N 269 
MET CE  HE2  sing N N 270 
MET CE  HE3  sing N N 271 
MET OXT HXT  sing N N 272 
NDP PA  O1A  doub N N 273 
NDP PA  O2A  sing N N 274 
NDP PA  O5B  sing N N 275 
NDP PA  O3   sing N N 276 
NDP O2A HOA2 sing N N 277 
NDP O5B C5B  sing N N 278 
NDP C5B C4B  sing N N 279 
NDP C5B H51A sing N N 280 
NDP C5B H52A sing N N 281 
NDP C4B O4B  sing N N 282 
NDP C4B C3B  sing N N 283 
NDP C4B H4B  sing N N 284 
NDP O4B C1B  sing N N 285 
NDP C3B O3B  sing N N 286 
NDP C3B C2B  sing N N 287 
NDP C3B H3B  sing N N 288 
NDP O3B HO3A sing N N 289 
NDP C2B O2B  sing N N 290 
NDP C2B C1B  sing N N 291 
NDP C2B H2B  sing N N 292 
NDP O2B P2B  sing N N 293 
NDP C1B N9A  sing N N 294 
NDP C1B H1B  sing N N 295 
NDP N9A C8A  sing Y N 296 
NDP N9A C4A  sing Y N 297 
NDP C8A N7A  doub Y N 298 
NDP C8A H8A  sing N N 299 
NDP N7A C5A  sing Y N 300 
NDP C5A C6A  sing Y N 301 
NDP C5A C4A  doub Y N 302 
NDP C6A N6A  sing N N 303 
NDP C6A N1A  doub Y N 304 
NDP N6A H61A sing N N 305 
NDP N6A H62A sing N N 306 
NDP N1A C2A  sing Y N 307 
NDP C2A N3A  doub Y N 308 
NDP C2A H2A  sing N N 309 
NDP N3A C4A  sing Y N 310 
NDP O3  PN   sing N N 311 
NDP PN  O1N  doub N N 312 
NDP PN  O2N  sing N N 313 
NDP PN  O5D  sing N N 314 
NDP O2N H21N sing N N 315 
NDP O5D C5D  sing N N 316 
NDP C5D C4D  sing N N 317 
NDP C5D H51N sing N N 318 
NDP C5D H52N sing N N 319 
NDP C4D O4D  sing N N 320 
NDP C4D C3D  sing N N 321 
NDP C4D H4D  sing N N 322 
NDP O4D C1D  sing N N 323 
NDP C3D O3D  sing N N 324 
NDP C3D C2D  sing N N 325 
NDP C3D H3D  sing N N 326 
NDP O3D HO3N sing N N 327 
NDP C2D O2D  sing N N 328 
NDP C2D C1D  sing N N 329 
NDP C2D H2D  sing N N 330 
NDP O2D HO2N sing N N 331 
NDP C1D N1N  sing N N 332 
NDP C1D H1D  sing N N 333 
NDP N1N C2N  sing N N 334 
NDP N1N C6N  sing N N 335 
NDP C2N C3N  doub N N 336 
NDP C2N H2N  sing N N 337 
NDP C3N C7N  sing N N 338 
NDP C3N C4N  sing N N 339 
NDP C7N O7N  doub N N 340 
NDP C7N N7N  sing N N 341 
NDP N7N H71N sing N N 342 
NDP N7N H72N sing N N 343 
NDP C4N C5N  sing N N 344 
NDP C4N H41N sing N N 345 
NDP C4N H42N sing N N 346 
NDP C5N C6N  doub N N 347 
NDP C5N H5N  sing N N 348 
NDP C6N H6N  sing N N 349 
NDP P2B O1X  doub N N 350 
NDP P2B O2X  sing N N 351 
NDP P2B O3X  sing N N 352 
NDP O2X HOP2 sing N N 353 
NDP O3X HOP3 sing N N 354 
PHE N   CA   sing N N 355 
PHE N   H    sing N N 356 
PHE N   H2   sing N N 357 
PHE CA  C    sing N N 358 
PHE CA  CB   sing N N 359 
PHE CA  HA   sing N N 360 
PHE C   O    doub N N 361 
PHE C   OXT  sing N N 362 
PHE CB  CG   sing N N 363 
PHE CB  HB2  sing N N 364 
PHE CB  HB3  sing N N 365 
PHE CG  CD1  doub Y N 366 
PHE CG  CD2  sing Y N 367 
PHE CD1 CE1  sing Y N 368 
PHE CD1 HD1  sing N N 369 
PHE CD2 CE2  doub Y N 370 
PHE CD2 HD2  sing N N 371 
PHE CE1 CZ   doub Y N 372 
PHE CE1 HE1  sing N N 373 
PHE CE2 CZ   sing Y N 374 
PHE CE2 HE2  sing N N 375 
PHE CZ  HZ   sing N N 376 
PHE OXT HXT  sing N N 377 
PRO N   CA   sing N N 378 
PRO N   CD   sing N N 379 
PRO N   H    sing N N 380 
PRO CA  C    sing N N 381 
PRO CA  CB   sing N N 382 
PRO CA  HA   sing N N 383 
PRO C   O    doub N N 384 
PRO C   OXT  sing N N 385 
PRO CB  CG   sing N N 386 
PRO CB  HB2  sing N N 387 
PRO CB  HB3  sing N N 388 
PRO CG  CD   sing N N 389 
PRO CG  HG2  sing N N 390 
PRO CG  HG3  sing N N 391 
PRO CD  HD2  sing N N 392 
PRO CD  HD3  sing N N 393 
PRO OXT HXT  sing N N 394 
SER N   CA   sing N N 395 
SER N   H    sing N N 396 
SER N   H2   sing N N 397 
SER CA  C    sing N N 398 
SER CA  CB   sing N N 399 
SER CA  HA   sing N N 400 
SER C   O    doub N N 401 
SER C   OXT  sing N N 402 
SER CB  OG   sing N N 403 
SER CB  HB2  sing N N 404 
SER CB  HB3  sing N N 405 
SER OG  HG   sing N N 406 
SER OXT HXT  sing N N 407 
THR N   CA   sing N N 408 
THR N   H    sing N N 409 
THR N   H2   sing N N 410 
THR CA  C    sing N N 411 
THR CA  CB   sing N N 412 
THR CA  HA   sing N N 413 
THR C   O    doub N N 414 
THR C   OXT  sing N N 415 
THR CB  OG1  sing N N 416 
THR CB  CG2  sing N N 417 
THR CB  HB   sing N N 418 
THR OG1 HG1  sing N N 419 
THR CG2 HG21 sing N N 420 
THR CG2 HG22 sing N N 421 
THR CG2 HG23 sing N N 422 
THR OXT HXT  sing N N 423 
TRP N   CA   sing N N 424 
TRP N   H    sing N N 425 
TRP N   H2   sing N N 426 
TRP CA  C    sing N N 427 
TRP CA  CB   sing N N 428 
TRP CA  HA   sing N N 429 
TRP C   O    doub N N 430 
TRP C   OXT  sing N N 431 
TRP CB  CG   sing N N 432 
TRP CB  HB2  sing N N 433 
TRP CB  HB3  sing N N 434 
TRP CG  CD1  doub Y N 435 
TRP CG  CD2  sing Y N 436 
TRP CD1 NE1  sing Y N 437 
TRP CD1 HD1  sing N N 438 
TRP CD2 CE2  doub Y N 439 
TRP CD2 CE3  sing Y N 440 
TRP NE1 CE2  sing Y N 441 
TRP NE1 HE1  sing N N 442 
TRP CE2 CZ2  sing Y N 443 
TRP CE3 CZ3  doub Y N 444 
TRP CE3 HE3  sing N N 445 
TRP CZ2 CH2  doub Y N 446 
TRP CZ2 HZ2  sing N N 447 
TRP CZ3 CH2  sing Y N 448 
TRP CZ3 HZ3  sing N N 449 
TRP CH2 HH2  sing N N 450 
TRP OXT HXT  sing N N 451 
TYR N   CA   sing N N 452 
TYR N   H    sing N N 453 
TYR N   H2   sing N N 454 
TYR CA  C    sing N N 455 
TYR CA  CB   sing N N 456 
TYR CA  HA   sing N N 457 
TYR C   O    doub N N 458 
TYR C   OXT  sing N N 459 
TYR CB  CG   sing N N 460 
TYR CB  HB2  sing N N 461 
TYR CB  HB3  sing N N 462 
TYR CG  CD1  doub Y N 463 
TYR CG  CD2  sing Y N 464 
TYR CD1 CE1  sing Y N 465 
TYR CD1 HD1  sing N N 466 
TYR CD2 CE2  doub Y N 467 
TYR CD2 HD2  sing N N 468 
TYR CE1 CZ   doub Y N 469 
TYR CE1 HE1  sing N N 470 
TYR CE2 CZ   sing Y N 471 
TYR CE2 HE2  sing N N 472 
TYR CZ  OH   sing N N 473 
TYR OH  HH   sing N N 474 
TYR OXT HXT  sing N N 475 
VAL N   CA   sing N N 476 
VAL N   H    sing N N 477 
VAL N   H2   sing N N 478 
VAL CA  C    sing N N 479 
VAL CA  CB   sing N N 480 
VAL CA  HA   sing N N 481 
VAL C   O    doub N N 482 
VAL C   OXT  sing N N 483 
VAL CB  CG1  sing N N 484 
VAL CB  CG2  sing N N 485 
VAL CB  HB   sing N N 486 
VAL CG1 HG11 sing N N 487 
VAL CG1 HG12 sing N N 488 
VAL CG1 HG13 sing N N 489 
VAL CG2 HG21 sing N N 490 
VAL CG2 HG22 sing N N 491 
VAL CG2 HG23 sing N N 492 
VAL OXT HXT  sing N N 493 
# 
loop_
_pdbx_entity_nonpoly.entity_id 
_pdbx_entity_nonpoly.name 
_pdbx_entity_nonpoly.comp_id 
2 'NADPH DIHYDRO-NICOTINAMIDE-ADENINE-DINUCLEOTIDE PHOSPHATE'                      NDP 
3 'N~6~-methyl-N~6~-(3,4,5-trifluorophenyl)pyrido[2,3-d]pyrimidine-2,4,6-triamine' IXE 
4 water                                                                            HOH 
# 
_pdbx_initial_refinement_model.id               1 
_pdbx_initial_refinement_model.entity_id_list   ? 
_pdbx_initial_refinement_model.type             'experimental model' 
_pdbx_initial_refinement_model.source_name      PDB 
_pdbx_initial_refinement_model.accession_code   1U72 
_pdbx_initial_refinement_model.details          ? 
# 
